data_8QC8
#
_entry.id   8QC8
#
_cell.length_a   107.775
_cell.length_b   161.490
_cell.length_c   175.740
_cell.angle_alpha   90.00
_cell.angle_beta   90.00
_cell.angle_gamma   90.00
#
_symmetry.space_group_name_H-M   'C 2 2 21'
#
loop_
_entity.id
_entity.type
_entity.pdbx_description
1 polymer 'Gfo/Idh/MocA family oxidoreductase'
2 non-polymer 'PHOSPHATE ION'
3 non-polymer NICOTINAMIDE-ADENINE-DINUCLEOTIDE
4 water water
#
_entity_poly.entity_id   1
_entity_poly.type   'polypeptide(L)'
_entity_poly.pdbx_seq_one_letter_code
;MGSSHHHHHHSSGMSLPSGETAQTIRYGLIGAGHMAREHVRNLALIPGSLITAVADPTPSSLEETAREIGYDVQTFSAHK
DLLASGLVDALVIASPNDTHLEILKDIFASGTNLPVLVEKPVCTSAEQADELEELAATYTAPVWVAMEYRYMPPVQEIIQ
AAHSGKLGNIHMLSIVEHRFPFLHKVDAWNRFAERTGGTLVEKCCHFFDLMRLILQDEPTRIYASGGHDVNHMDEVYDGL
ISDMVDNAYVIVDFKGGRRAMLELSMFAEGSKFQERISIVGDAAKIETLIPVAANHWIEGDETEATVEFSPRSPLGPEKH
EVPVDEAVLAAGAHHGSTYYEHLGYRKAILGEGPVDVTVADGLQSVRMGLAAEQSIIEGRAVELHAPSVAVQK
;
_entity_poly.pdbx_strand_id   B,C,D,A
#
loop_
_chem_comp.id
_chem_comp.type
_chem_comp.name
_chem_comp.formula
NAD non-polymer NICOTINAMIDE-ADENINE-DINUCLEOTIDE 'C21 H27 N7 O14 P2'
PO4 non-polymer 'PHOSPHATE ION' 'O4 P -3'
#
# COMPACT_ATOMS: atom_id res chain seq x y z
N GLU A 20 -28.05 8.75 26.72
CA GLU A 20 -27.18 8.59 25.52
C GLU A 20 -26.25 7.38 25.69
N THR A 21 -26.74 6.32 26.37
CA THR A 21 -26.03 5.05 26.43
C THR A 21 -26.09 4.41 25.04
N ALA A 22 -24.98 4.56 24.32
CA ALA A 22 -24.86 3.96 23.00
C ALA A 22 -24.96 2.44 23.14
N GLN A 23 -25.94 1.82 22.49
CA GLN A 23 -25.89 0.37 22.31
C GLN A 23 -24.65 0.09 21.46
N THR A 24 -24.02 -1.06 21.70
CA THR A 24 -22.74 -1.36 21.08
C THR A 24 -22.95 -2.52 20.11
N ILE A 25 -22.37 -2.36 18.91
CA ILE A 25 -22.31 -3.46 17.96
C ILE A 25 -20.85 -3.83 17.74
N ARG A 26 -20.61 -5.14 17.84
CA ARG A 26 -19.31 -5.75 17.62
C ARG A 26 -19.28 -6.27 16.19
N TYR A 27 -18.38 -5.71 15.38
CA TYR A 27 -18.32 -6.01 13.96
C TYR A 27 -17.16 -6.96 13.68
N GLY A 28 -17.47 -8.02 12.92
CA GLY A 28 -16.44 -8.87 12.34
C GLY A 28 -16.21 -8.53 10.87
N LEU A 29 -14.96 -8.28 10.49
CA LEU A 29 -14.58 -8.05 9.10
C LEU A 29 -14.04 -9.35 8.51
N ILE A 30 -14.66 -9.85 7.45
CA ILE A 30 -14.14 -10.97 6.69
C ILE A 30 -13.63 -10.44 5.35
N GLY A 31 -12.31 -10.50 5.14
CA GLY A 31 -11.64 -9.70 4.11
C GLY A 31 -11.26 -8.34 4.69
N ALA A 32 -9.98 -7.97 4.56
CA ALA A 32 -9.41 -6.85 5.28
C ALA A 32 -8.44 -6.11 4.37
N GLY A 33 -8.94 -5.70 3.21
CA GLY A 33 -8.16 -4.94 2.27
C GLY A 33 -8.68 -3.52 2.15
N HIS A 34 -8.65 -3.01 0.91
CA HIS A 34 -8.88 -1.62 0.62
C HIS A 34 -10.26 -1.17 1.11
N MET A 35 -11.27 -1.94 0.76
CA MET A 35 -12.63 -1.55 1.07
C MET A 35 -12.91 -1.79 2.55
N ALA A 36 -12.41 -2.90 3.09
CA ALA A 36 -12.53 -3.14 4.53
C ALA A 36 -12.07 -1.91 5.32
N ARG A 37 -10.95 -1.29 4.92
CA ARG A 37 -10.44 -0.14 5.64
C ARG A 37 -11.32 1.11 5.47
N GLU A 38 -12.01 1.22 4.34
CA GLU A 38 -13.02 2.26 4.20
C GLU A 38 -14.16 2.00 5.20
N HIS A 39 -14.61 0.75 5.36
CA HIS A 39 -15.64 0.48 6.35
C HIS A 39 -15.16 0.92 7.74
N VAL A 40 -13.87 0.69 8.07
CA VAL A 40 -13.44 0.94 9.43
C VAL A 40 -13.41 2.45 9.69
N ARG A 41 -12.93 3.24 8.71
CA ARG A 41 -12.87 4.68 8.89
C ARG A 41 -14.29 5.25 9.09
N ASN A 42 -15.29 4.57 8.52
CA ASN A 42 -16.66 5.06 8.56
C ASN A 42 -17.33 4.64 9.87
N LEU A 43 -17.11 3.39 10.29
CA LEU A 43 -17.58 2.90 11.59
C LEU A 43 -16.96 3.71 12.74
N ALA A 44 -15.79 4.30 12.52
CA ALA A 44 -15.14 5.15 13.51
C ALA A 44 -15.95 6.43 13.77
N LEU A 45 -16.83 6.80 12.83
CA LEU A 45 -17.63 8.01 12.98
C LEU A 45 -18.98 7.68 13.60
N ILE A 46 -19.28 6.39 13.86
CA ILE A 46 -20.59 5.98 14.34
C ILE A 46 -20.50 5.45 15.77
N PRO A 47 -20.86 6.23 16.82
CA PRO A 47 -20.91 5.73 18.20
C PRO A 47 -21.66 4.42 18.36
N GLY A 48 -21.12 3.53 19.19
CA GLY A 48 -21.64 2.18 19.35
C GLY A 48 -20.91 1.15 18.50
N SER A 49 -19.93 1.60 17.72
CA SER A 49 -19.30 0.77 16.70
C SER A 49 -17.93 0.29 17.17
N LEU A 50 -17.77 -1.04 17.30
CA LEU A 50 -16.53 -1.61 17.76
C LEU A 50 -16.15 -2.80 16.88
N ILE A 51 -14.93 -2.74 16.33
CA ILE A 51 -14.38 -3.87 15.56
C ILE A 51 -13.75 -4.82 16.58
N THR A 52 -14.03 -6.11 16.47
CA THR A 52 -13.50 -7.09 17.41
C THR A 52 -12.71 -8.17 16.68
N ALA A 53 -13.25 -8.70 15.58
CA ALA A 53 -12.61 -9.76 14.83
C ALA A 53 -12.26 -9.29 13.41
N VAL A 54 -11.18 -9.80 12.83
CA VAL A 54 -10.82 -9.48 11.45
C VAL A 54 -10.17 -10.72 10.81
N ALA A 55 -10.82 -11.31 9.80
CA ALA A 55 -10.32 -12.54 9.18
C ALA A 55 -9.84 -12.23 7.77
N ASP A 56 -8.65 -12.70 7.41
CA ASP A 56 -8.09 -12.51 6.08
C ASP A 56 -6.88 -13.43 5.93
N PRO A 57 -6.77 -14.23 4.86
CA PRO A 57 -5.63 -15.15 4.70
C PRO A 57 -4.34 -14.49 4.22
N THR A 58 -4.28 -13.17 4.16
CA THR A 58 -3.07 -12.50 3.74
C THR A 58 -2.57 -11.64 4.90
N PRO A 59 -1.44 -12.02 5.52
CA PRO A 59 -0.95 -11.33 6.71
C PRO A 59 -0.80 -9.82 6.53
N SER A 60 -0.22 -9.38 5.40
CA SER A 60 0.02 -7.95 5.18
C SER A 60 -1.30 -7.18 5.27
N SER A 61 -2.39 -7.83 4.84
CA SER A 61 -3.69 -7.20 4.87
C SER A 61 -4.16 -7.03 6.31
N LEU A 62 -4.00 -8.07 7.14
CA LEU A 62 -4.36 -7.98 8.55
C LEU A 62 -3.55 -6.87 9.21
N GLU A 63 -2.27 -6.73 8.82
CA GLU A 63 -1.41 -5.75 9.46
C GLU A 63 -1.91 -4.33 9.16
N GLU A 64 -2.13 -4.03 7.88
CA GLU A 64 -2.49 -2.67 7.49
C GLU A 64 -3.86 -2.31 8.07
N THR A 65 -4.79 -3.27 8.02
CA THR A 65 -6.15 -3.05 8.51
C THR A 65 -6.13 -2.86 10.01
N ALA A 66 -5.25 -3.56 10.72
CA ALA A 66 -5.12 -3.38 12.15
C ALA A 66 -4.56 -2.00 12.50
N ARG A 67 -3.60 -1.51 11.69
CA ARG A 67 -3.03 -0.17 11.86
C ARG A 67 -4.16 0.85 11.75
N GLU A 68 -5.04 0.65 10.75
CA GLU A 68 -6.10 1.59 10.46
C GLU A 68 -7.10 1.64 11.61
N ILE A 69 -7.47 0.46 12.13
CA ILE A 69 -8.46 0.38 13.18
C ILE A 69 -7.99 1.17 14.40
N GLY A 70 -6.71 1.03 14.76
CA GLY A 70 -6.06 1.88 15.74
C GLY A 70 -6.21 1.42 17.19
N TYR A 71 -6.89 0.28 17.42
CA TYR A 71 -7.02 -0.32 18.74
C TYR A 71 -6.99 -1.83 18.58
N ASP A 72 -6.77 -2.58 19.66
CA ASP A 72 -6.47 -3.99 19.56
C ASP A 72 -7.69 -4.75 19.08
N VAL A 73 -7.45 -5.72 18.18
CA VAL A 73 -8.48 -6.61 17.70
C VAL A 73 -7.85 -7.98 17.55
N GLN A 74 -8.70 -8.99 17.66
CA GLN A 74 -8.35 -10.37 17.38
C GLN A 74 -8.32 -10.57 15.87
N THR A 75 -7.26 -11.21 15.37
CA THR A 75 -7.17 -11.47 13.93
C THR A 75 -7.19 -12.97 13.71
N PHE A 76 -7.72 -13.40 12.56
CA PHE A 76 -7.70 -14.80 12.17
C PHE A 76 -7.29 -14.87 10.70
N SER A 77 -6.87 -16.04 10.24
CA SER A 77 -6.54 -16.17 8.84
C SER A 77 -7.64 -16.94 8.11
N ALA A 78 -8.70 -17.30 8.84
CA ALA A 78 -9.79 -18.05 8.25
C ALA A 78 -11.08 -17.67 8.95
N HIS A 79 -12.16 -17.62 8.16
CA HIS A 79 -13.38 -16.95 8.59
C HIS A 79 -14.14 -17.84 9.58
N LYS A 80 -14.09 -19.16 9.39
CA LYS A 80 -14.80 -20.09 10.25
C LYS A 80 -14.34 -19.94 11.71
N ASP A 81 -13.04 -19.69 11.90
CA ASP A 81 -12.50 -19.40 13.22
C ASP A 81 -13.17 -18.15 13.77
N LEU A 82 -13.23 -17.07 12.97
CA LEU A 82 -13.85 -15.84 13.40
C LEU A 82 -15.29 -16.14 13.81
N LEU A 83 -15.96 -17.05 13.09
CA LEU A 83 -17.38 -17.32 13.28
C LEU A 83 -17.62 -18.09 14.58
N ALA A 84 -16.61 -18.87 15.01
CA ALA A 84 -16.67 -19.64 16.23
C ALA A 84 -16.19 -18.82 17.43
N SER A 85 -15.69 -17.61 17.21
CA SER A 85 -15.02 -16.86 18.26
C SER A 85 -16.01 -16.39 19.30
N GLY A 86 -17.27 -16.16 18.92
CA GLY A 86 -18.22 -15.53 19.80
C GLY A 86 -17.88 -14.06 20.06
N LEU A 87 -17.07 -13.46 19.17
CA LEU A 87 -16.59 -12.09 19.38
C LEU A 87 -17.47 -11.02 18.72
N VAL A 88 -18.49 -11.44 17.94
CA VAL A 88 -19.10 -10.53 16.97
C VAL A 88 -20.63 -10.56 17.04
N ASP A 89 -21.24 -9.38 16.81
CA ASP A 89 -22.68 -9.21 16.67
C ASP A 89 -23.10 -9.11 15.21
N ALA A 90 -22.20 -8.63 14.33
CA ALA A 90 -22.51 -8.39 12.92
C ALA A 90 -21.27 -8.55 12.04
N LEU A 91 -21.49 -9.05 10.82
CA LEU A 91 -20.44 -9.33 9.86
C LEU A 91 -20.41 -8.29 8.73
N VAL A 92 -19.22 -8.09 8.16
CA VAL A 92 -19.00 -7.31 6.95
C VAL A 92 -18.06 -8.13 6.09
N ILE A 93 -18.54 -8.55 4.91
CA ILE A 93 -17.70 -9.27 3.96
C ILE A 93 -17.15 -8.28 2.95
N ALA A 94 -15.82 -8.20 2.83
CA ALA A 94 -15.16 -7.38 1.81
C ALA A 94 -14.00 -8.17 1.21
N SER A 95 -14.26 -9.45 0.92
CA SER A 95 -13.34 -10.32 0.24
C SER A 95 -13.52 -10.17 -1.28
N PRO A 96 -12.73 -10.85 -2.15
CA PRO A 96 -12.95 -10.79 -3.59
C PRO A 96 -14.30 -11.41 -3.97
N ASN A 97 -14.82 -10.95 -5.12
CA ASN A 97 -16.23 -11.07 -5.48
C ASN A 97 -16.67 -12.53 -5.51
N ASP A 98 -15.85 -13.38 -6.15
CA ASP A 98 -16.15 -14.79 -6.37
C ASP A 98 -16.11 -15.63 -5.09
N THR A 99 -15.65 -15.04 -3.97
CA THR A 99 -15.61 -15.75 -2.71
C THR A 99 -16.86 -15.47 -1.85
N HIS A 100 -17.75 -14.59 -2.33
CA HIS A 100 -18.79 -14.04 -1.47
C HIS A 100 -19.78 -15.14 -1.08
N LEU A 101 -20.07 -16.02 -2.03
CA LEU A 101 -21.03 -17.09 -1.84
C LEU A 101 -20.54 -18.10 -0.78
N GLU A 102 -19.35 -18.68 -0.98
CA GLU A 102 -18.82 -19.66 -0.05
C GLU A 102 -18.98 -19.13 1.39
N ILE A 103 -18.58 -17.88 1.62
CA ILE A 103 -18.56 -17.30 2.95
C ILE A 103 -19.99 -17.17 3.49
N LEU A 104 -20.95 -16.90 2.59
CA LEU A 104 -22.35 -16.76 2.97
C LEU A 104 -22.94 -18.14 3.27
N LYS A 105 -22.67 -19.14 2.42
CA LYS A 105 -23.08 -20.51 2.72
C LYS A 105 -22.62 -20.87 4.13
N ASP A 106 -21.36 -20.55 4.43
CA ASP A 106 -20.73 -20.89 5.69
C ASP A 106 -21.44 -20.11 6.82
N ILE A 107 -21.77 -18.84 6.61
CA ILE A 107 -22.43 -18.07 7.66
C ILE A 107 -23.83 -18.64 7.90
N PHE A 108 -24.45 -19.15 6.84
CA PHE A 108 -25.82 -19.63 6.90
C PHE A 108 -25.86 -20.94 7.69
N ALA A 109 -24.87 -21.80 7.45
CA ALA A 109 -24.78 -23.10 8.09
C ALA A 109 -24.14 -23.03 9.48
N SER A 110 -23.77 -21.83 9.93
CA SER A 110 -23.00 -21.68 11.17
C SER A 110 -23.89 -21.83 12.40
N GLY A 111 -25.19 -21.55 12.25
CA GLY A 111 -26.06 -21.43 13.40
C GLY A 111 -25.74 -20.21 14.24
N THR A 112 -24.95 -19.27 13.69
CA THR A 112 -24.64 -18.05 14.44
C THR A 112 -25.73 -17.01 14.21
N ASN A 113 -26.46 -17.12 13.09
CA ASN A 113 -27.55 -16.22 12.75
C ASN A 113 -27.11 -14.75 12.88
N LEU A 114 -26.02 -14.41 12.19
CA LEU A 114 -25.44 -13.08 12.29
C LEU A 114 -25.93 -12.22 11.13
N PRO A 115 -26.22 -10.92 11.38
CA PRO A 115 -26.39 -9.93 10.32
C PRO A 115 -25.13 -9.83 9.45
N VAL A 116 -25.32 -9.66 8.14
CA VAL A 116 -24.25 -9.62 7.17
C VAL A 116 -24.44 -8.37 6.31
N LEU A 117 -23.36 -7.60 6.14
CA LEU A 117 -23.23 -6.62 5.09
C LEU A 117 -22.23 -7.17 4.08
N VAL A 118 -22.72 -7.69 2.94
CA VAL A 118 -21.83 -8.33 1.97
C VAL A 118 -21.59 -7.38 0.81
N GLU A 119 -20.31 -7.14 0.49
CA GLU A 119 -19.96 -6.18 -0.55
C GLU A 119 -20.53 -6.62 -1.88
N LYS A 120 -20.77 -5.62 -2.73
CA LYS A 120 -21.14 -5.90 -4.11
C LYS A 120 -19.92 -6.44 -4.86
N PRO A 121 -20.12 -7.15 -5.98
CA PRO A 121 -21.40 -7.75 -6.33
C PRO A 121 -21.66 -8.94 -5.41
N VAL A 122 -22.94 -9.20 -5.12
CA VAL A 122 -23.26 -10.27 -4.21
C VAL A 122 -22.78 -11.61 -4.76
N CYS A 123 -22.74 -11.80 -6.08
CA CYS A 123 -22.06 -12.97 -6.61
C CYS A 123 -21.58 -12.72 -8.04
N THR A 124 -21.12 -13.76 -8.75
CA THR A 124 -20.35 -13.50 -9.96
C THR A 124 -20.71 -14.42 -11.13
N SER A 125 -21.71 -15.28 -10.95
CA SER A 125 -22.13 -16.16 -12.01
C SER A 125 -23.61 -16.48 -11.85
N ALA A 126 -24.16 -17.11 -12.88
CA ALA A 126 -25.56 -17.48 -12.93
C ALA A 126 -25.83 -18.64 -11.97
N GLU A 127 -24.98 -19.68 -12.07
CA GLU A 127 -24.98 -20.79 -11.14
C GLU A 127 -24.99 -20.24 -9.71
N GLN A 128 -24.05 -19.33 -9.41
CA GLN A 128 -23.90 -18.78 -8.07
C GLN A 128 -25.20 -18.10 -7.61
N ALA A 129 -25.80 -17.30 -8.50
CA ALA A 129 -26.96 -16.50 -8.16
C ALA A 129 -28.17 -17.40 -7.89
N ASP A 130 -28.33 -18.45 -8.71
CA ASP A 130 -29.38 -19.45 -8.52
C ASP A 130 -29.28 -20.05 -7.12
N GLU A 131 -28.07 -20.53 -6.79
CA GLU A 131 -27.80 -21.15 -5.51
C GLU A 131 -28.10 -20.17 -4.39
N LEU A 132 -27.51 -18.96 -4.46
CA LEU A 132 -27.70 -17.97 -3.40
C LEU A 132 -29.17 -17.61 -3.21
N GLU A 133 -29.96 -17.66 -4.29
CA GLU A 133 -31.38 -17.30 -4.25
C GLU A 133 -32.14 -18.27 -3.34
N GLU A 134 -31.95 -19.59 -3.56
CA GLU A 134 -32.58 -20.63 -2.76
C GLU A 134 -32.15 -20.52 -1.30
N LEU A 135 -30.83 -20.42 -1.09
CA LEU A 135 -30.27 -20.45 0.25
C LEU A 135 -30.70 -19.21 1.05
N ALA A 136 -30.69 -18.05 0.40
CA ALA A 136 -30.92 -16.81 1.12
C ALA A 136 -32.36 -16.72 1.63
N ALA A 137 -33.24 -17.58 1.09
CA ALA A 137 -34.66 -17.56 1.45
C ALA A 137 -34.85 -18.01 2.90
N THR A 138 -34.10 -19.04 3.31
CA THR A 138 -34.28 -19.68 4.61
C THR A 138 -33.54 -18.93 5.72
N TYR A 139 -32.45 -18.23 5.39
CA TYR A 139 -31.72 -17.47 6.39
C TYR A 139 -32.61 -16.31 6.85
N THR A 140 -32.55 -15.96 8.14
CA THR A 140 -33.55 -15.05 8.69
C THR A 140 -32.92 -13.74 9.15
N ALA A 141 -31.60 -13.71 9.35
CA ALA A 141 -30.98 -12.49 9.85
C ALA A 141 -30.80 -11.46 8.72
N PRO A 142 -30.70 -10.16 9.07
CA PRO A 142 -30.45 -9.11 8.07
C PRO A 142 -29.29 -9.42 7.13
N VAL A 143 -29.57 -9.46 5.82
CA VAL A 143 -28.54 -9.57 4.78
C VAL A 143 -28.72 -8.40 3.82
N TRP A 144 -27.73 -7.51 3.83
CA TRP A 144 -27.72 -6.26 3.08
C TRP A 144 -26.59 -6.32 2.05
N VAL A 145 -26.88 -6.00 0.78
CA VAL A 145 -25.85 -5.94 -0.24
C VAL A 145 -25.34 -4.50 -0.33
N ALA A 146 -24.01 -4.33 -0.24
CA ALA A 146 -23.39 -3.03 0.05
C ALA A 146 -23.21 -2.22 -1.23
N MET A 147 -24.34 -1.94 -1.88
CA MET A 147 -24.43 -1.04 -3.02
C MET A 147 -24.89 0.30 -2.45
N GLU A 148 -23.95 1.24 -2.30
CA GLU A 148 -24.11 2.37 -1.42
C GLU A 148 -24.36 3.68 -2.17
N TYR A 149 -24.34 3.64 -3.52
CA TYR A 149 -24.34 4.86 -4.33
C TYR A 149 -25.60 5.67 -4.00
N ARG A 150 -26.72 4.98 -3.74
CA ARG A 150 -27.96 5.67 -3.45
C ARG A 150 -27.88 6.62 -2.27
N TYR A 151 -26.88 6.47 -1.38
CA TYR A 151 -26.81 7.29 -0.18
C TYR A 151 -25.88 8.48 -0.37
N MET A 152 -25.22 8.59 -1.52
CA MET A 152 -24.48 9.81 -1.79
C MET A 152 -25.51 10.93 -1.68
N PRO A 153 -25.32 11.97 -0.84
CA PRO A 153 -26.32 13.05 -0.72
C PRO A 153 -26.86 13.59 -2.04
N PRO A 154 -26.02 13.96 -3.04
CA PRO A 154 -26.52 14.41 -4.34
C PRO A 154 -27.46 13.40 -4.98
N VAL A 155 -27.10 12.12 -4.87
CA VAL A 155 -27.89 11.09 -5.52
C VAL A 155 -29.15 10.85 -4.71
N GLN A 156 -29.15 11.22 -3.41
CA GLN A 156 -30.37 11.14 -2.61
C GLN A 156 -31.45 12.04 -3.21
N GLU A 157 -31.06 13.28 -3.52
CA GLU A 157 -32.03 14.23 -4.07
C GLU A 157 -32.66 13.68 -5.34
N ILE A 158 -31.79 13.34 -6.31
CA ILE A 158 -32.19 12.78 -7.61
C ILE A 158 -33.27 11.73 -7.40
N ILE A 159 -33.08 10.85 -6.42
CA ILE A 159 -33.98 9.73 -6.23
C ILE A 159 -35.29 10.19 -5.58
N GLN A 160 -35.21 11.16 -4.66
CA GLN A 160 -36.41 11.68 -4.02
C GLN A 160 -37.29 12.36 -5.07
N ALA A 161 -36.65 13.23 -5.87
CA ALA A 161 -37.30 13.95 -6.95
C ALA A 161 -38.01 12.97 -7.91
N ALA A 162 -37.30 11.92 -8.33
CA ALA A 162 -37.89 10.92 -9.21
C ALA A 162 -39.11 10.26 -8.55
N HIS A 163 -38.98 9.94 -7.26
CA HIS A 163 -40.00 9.15 -6.58
C HIS A 163 -41.22 10.02 -6.23
N SER A 164 -41.02 11.32 -6.01
CA SER A 164 -42.10 12.20 -5.59
C SER A 164 -43.00 12.63 -6.76
N GLY A 165 -42.69 12.19 -7.99
CA GLY A 165 -43.43 12.58 -9.20
C GLY A 165 -43.12 14.00 -9.66
N LYS A 166 -42.08 14.64 -9.11
CA LYS A 166 -41.66 15.98 -9.50
C LYS A 166 -41.05 15.99 -10.91
N LEU A 167 -40.81 14.82 -11.50
CA LEU A 167 -40.33 14.70 -12.87
C LEU A 167 -41.45 14.30 -13.81
N GLY A 168 -42.62 13.99 -13.26
CA GLY A 168 -43.70 13.38 -14.04
C GLY A 168 -43.39 11.92 -14.32
N ASN A 169 -44.05 11.32 -15.33
CA ASN A 169 -43.69 9.97 -15.76
C ASN A 169 -42.28 9.95 -16.32
N ILE A 170 -41.46 9.04 -15.78
CA ILE A 170 -40.06 8.95 -16.11
C ILE A 170 -39.90 8.03 -17.32
N HIS A 171 -39.04 8.45 -18.25
CA HIS A 171 -38.87 7.72 -19.50
C HIS A 171 -37.42 7.29 -19.69
N MET A 172 -36.48 8.13 -19.24
CA MET A 172 -35.08 7.90 -19.57
C MET A 172 -34.19 8.15 -18.36
N LEU A 173 -33.16 7.31 -18.22
CA LEU A 173 -32.11 7.50 -17.20
C LEU A 173 -30.75 7.22 -17.84
N SER A 174 -29.89 8.24 -17.80
CA SER A 174 -28.52 8.12 -18.28
C SER A 174 -27.53 8.20 -17.12
N ILE A 175 -26.51 7.35 -17.19
CA ILE A 175 -25.45 7.30 -16.20
C ILE A 175 -24.12 7.28 -16.94
N VAL A 176 -23.27 8.24 -16.64
CA VAL A 176 -21.95 8.28 -17.25
C VAL A 176 -20.91 8.21 -16.14
N GLU A 177 -20.03 7.21 -16.18
CA GLU A 177 -18.86 7.19 -15.31
C GLU A 177 -17.58 7.27 -16.15
N HIS A 178 -16.79 8.29 -15.86
CA HIS A 178 -15.48 8.53 -16.49
C HIS A 178 -14.42 8.55 -15.40
N ARG A 179 -13.51 7.58 -15.43
CA ARG A 179 -12.64 7.33 -14.29
C ARG A 179 -11.33 6.70 -14.74
N PHE A 180 -10.53 6.35 -13.72
CA PHE A 180 -9.15 5.89 -13.84
C PHE A 180 -9.19 4.37 -13.94
N PRO A 181 -8.14 3.73 -14.49
CA PRO A 181 -8.10 2.28 -14.58
C PRO A 181 -8.33 1.60 -13.24
N PHE A 182 -8.67 0.31 -13.30
CA PHE A 182 -8.84 -0.48 -12.10
C PHE A 182 -7.60 -0.31 -11.21
N LEU A 183 -7.80 -0.21 -9.90
CA LEU A 183 -6.67 -0.06 -8.98
C LEU A 183 -6.04 -1.44 -8.74
N HIS A 184 -4.87 -1.43 -8.08
CA HIS A 184 -4.15 -2.64 -7.74
C HIS A 184 -4.70 -3.19 -6.42
N LYS A 185 -4.97 -4.48 -6.43
CA LYS A 185 -5.58 -5.16 -5.30
C LYS A 185 -4.76 -6.40 -4.99
N VAL A 186 -5.10 -7.07 -3.88
CA VAL A 186 -4.34 -8.17 -3.34
C VAL A 186 -4.46 -9.36 -4.28
N ASP A 187 -3.33 -9.80 -4.89
CA ASP A 187 -3.28 -10.98 -5.73
C ASP A 187 -3.93 -10.69 -7.09
N ALA A 188 -4.09 -9.41 -7.41
CA ALA A 188 -4.59 -8.96 -8.71
C ALA A 188 -5.96 -9.57 -9.05
N TRP A 189 -6.81 -9.86 -8.03
CA TRP A 189 -8.04 -10.59 -8.25
C TRP A 189 -8.97 -9.84 -9.21
N ASN A 190 -8.90 -8.50 -9.19
CA ASN A 190 -9.80 -7.66 -9.96
C ASN A 190 -9.38 -7.51 -11.42
N ARG A 191 -8.35 -8.25 -11.89
CA ARG A 191 -7.95 -8.19 -13.28
C ARG A 191 -8.57 -9.31 -14.13
N PHE A 192 -9.41 -10.16 -13.54
CA PHE A 192 -9.88 -11.39 -14.17
C PHE A 192 -11.39 -11.55 -14.10
N ALA A 193 -11.97 -11.74 -15.28
CA ALA A 193 -13.39 -11.87 -15.46
C ALA A 193 -13.95 -12.92 -14.52
N GLU A 194 -13.30 -14.08 -14.42
CA GLU A 194 -13.86 -15.23 -13.70
C GLU A 194 -13.87 -15.00 -12.19
N ARG A 195 -13.05 -14.04 -11.70
CA ARG A 195 -13.00 -13.72 -10.28
C ARG A 195 -13.93 -12.54 -9.93
N THR A 196 -14.24 -11.73 -10.94
CA THR A 196 -14.92 -10.46 -10.76
C THR A 196 -16.38 -10.54 -11.21
N GLY A 197 -16.65 -11.40 -12.20
CA GLY A 197 -17.90 -11.46 -12.92
C GLY A 197 -17.88 -10.65 -14.23
N GLY A 198 -16.71 -10.11 -14.59
CA GLY A 198 -16.58 -9.12 -15.65
C GLY A 198 -16.80 -7.70 -15.11
N THR A 199 -16.19 -6.73 -15.83
CA THR A 199 -16.29 -5.30 -15.52
C THR A 199 -17.72 -4.83 -15.30
N LEU A 200 -18.66 -5.32 -16.11
CA LEU A 200 -20.03 -4.88 -16.06
C LEU A 200 -20.77 -5.47 -14.85
N VAL A 201 -20.17 -6.46 -14.17
CA VAL A 201 -20.70 -6.90 -12.89
C VAL A 201 -19.96 -6.19 -11.77
N GLU A 202 -18.63 -6.20 -11.84
CA GLU A 202 -17.75 -5.68 -10.80
C GLU A 202 -18.01 -4.19 -10.59
N LYS A 203 -18.01 -3.43 -11.68
CA LYS A 203 -18.00 -1.98 -11.60
C LYS A 203 -19.42 -1.45 -11.71
N CYS A 204 -20.27 -2.13 -12.50
CA CYS A 204 -21.49 -1.53 -13.00
C CYS A 204 -22.74 -2.03 -12.28
N CYS A 205 -22.65 -3.03 -11.42
CA CYS A 205 -23.83 -3.51 -10.71
C CYS A 205 -24.47 -2.39 -9.90
N HIS A 206 -23.67 -1.45 -9.33
CA HIS A 206 -24.20 -0.31 -8.60
C HIS A 206 -25.21 0.46 -9.46
N PHE A 207 -24.87 0.54 -10.76
CA PHE A 207 -25.58 1.35 -11.73
C PHE A 207 -26.84 0.64 -12.23
N PHE A 208 -26.75 -0.66 -12.49
CA PHE A 208 -27.93 -1.44 -12.85
C PHE A 208 -28.92 -1.50 -11.68
N ASP A 209 -28.43 -1.41 -10.44
CA ASP A 209 -29.31 -1.31 -9.29
C ASP A 209 -30.01 0.04 -9.29
N LEU A 210 -29.25 1.12 -9.47
CA LEU A 210 -29.78 2.48 -9.46
C LEU A 210 -30.91 2.62 -10.49
N MET A 211 -30.74 1.92 -11.63
CA MET A 211 -31.75 1.89 -12.65
C MET A 211 -33.05 1.34 -12.08
N ARG A 212 -32.99 0.14 -11.47
CA ARG A 212 -34.17 -0.48 -10.90
C ARG A 212 -34.77 0.41 -9.81
N LEU A 213 -33.92 1.07 -9.02
CA LEU A 213 -34.42 1.88 -7.91
C LEU A 213 -35.15 3.11 -8.46
N ILE A 214 -34.51 3.85 -9.38
CA ILE A 214 -35.03 5.13 -9.84
C ILE A 214 -36.28 4.92 -10.70
N LEU A 215 -36.18 4.02 -11.68
CA LEU A 215 -37.27 3.75 -12.62
C LEU A 215 -38.37 2.93 -11.96
N GLN A 216 -38.09 2.32 -10.81
CA GLN A 216 -39.04 1.45 -10.12
C GLN A 216 -39.60 0.44 -11.11
N ASP A 217 -38.74 -0.25 -11.86
CA ASP A 217 -39.17 -1.11 -12.95
C ASP A 217 -38.15 -2.23 -13.12
N GLU A 218 -38.50 -3.27 -13.88
CA GLU A 218 -37.65 -4.43 -14.06
C GLU A 218 -37.19 -4.51 -15.50
N PRO A 219 -35.90 -4.81 -15.76
CA PRO A 219 -35.39 -4.85 -17.13
C PRO A 219 -35.91 -6.06 -17.91
N THR A 220 -35.93 -5.91 -19.24
CA THR A 220 -36.49 -6.93 -20.13
C THR A 220 -35.49 -7.29 -21.22
N ARG A 221 -34.60 -6.36 -21.55
CA ARG A 221 -33.66 -6.53 -22.65
C ARG A 221 -32.45 -5.63 -22.40
N ILE A 222 -31.30 -6.08 -22.89
CA ILE A 222 -30.08 -5.35 -22.69
C ILE A 222 -29.14 -5.62 -23.86
N TYR A 223 -28.52 -4.54 -24.33
CA TYR A 223 -27.52 -4.62 -25.36
C TYR A 223 -26.33 -3.80 -24.89
N ALA A 224 -25.13 -4.29 -25.21
CA ALA A 224 -23.93 -3.62 -24.80
C ALA A 224 -22.84 -3.83 -25.84
N SER A 225 -21.99 -2.81 -25.99
CA SER A 225 -20.83 -2.88 -26.85
C SER A 225 -19.64 -2.30 -26.12
N GLY A 226 -18.66 -3.18 -25.84
CA GLY A 226 -17.51 -2.83 -25.05
C GLY A 226 -16.27 -3.59 -25.49
N GLY A 227 -15.13 -3.17 -24.92
CA GLY A 227 -13.86 -3.76 -25.25
C GLY A 227 -12.82 -3.61 -24.15
N HIS A 228 -11.76 -4.41 -24.29
CA HIS A 228 -10.52 -4.21 -23.59
C HIS A 228 -9.57 -3.52 -24.57
N ASP A 229 -9.56 -2.17 -24.57
CA ASP A 229 -8.90 -1.45 -25.64
C ASP A 229 -7.64 -0.70 -25.20
N VAL A 230 -7.47 -0.40 -23.89
CA VAL A 230 -6.44 0.55 -23.45
C VAL A 230 -5.63 0.05 -22.25
N ASN A 231 -6.30 -0.55 -21.24
CA ASN A 231 -5.74 -0.63 -19.90
C ASN A 231 -5.02 -1.96 -19.64
N HIS A 232 -4.05 -1.89 -18.72
CA HIS A 232 -3.40 -3.06 -18.15
C HIS A 232 -2.67 -3.86 -19.21
N MET A 233 -2.14 -3.21 -20.26
CA MET A 233 -1.65 -3.95 -21.43
C MET A 233 -0.26 -4.49 -21.17
N ASP A 234 0.50 -3.83 -20.28
CA ASP A 234 1.88 -4.21 -19.97
C ASP A 234 1.97 -4.92 -18.62
N GLU A 235 0.85 -5.35 -18.02
CA GLU A 235 0.82 -6.01 -16.72
C GLU A 235 0.62 -7.51 -16.92
N VAL A 236 1.62 -8.34 -16.53
CA VAL A 236 1.56 -9.79 -16.69
C VAL A 236 1.47 -10.43 -15.32
N TYR A 237 0.60 -11.43 -15.16
CA TYR A 237 0.40 -12.14 -13.91
C TYR A 237 0.59 -13.63 -14.14
N ASP A 238 1.84 -14.09 -14.10
CA ASP A 238 2.17 -15.49 -14.33
C ASP A 238 1.73 -15.88 -15.75
N GLY A 239 2.06 -15.02 -16.71
CA GLY A 239 1.79 -15.22 -18.13
C GLY A 239 0.42 -14.72 -18.59
N LEU A 240 -0.42 -14.19 -17.69
CA LEU A 240 -1.76 -13.75 -18.08
C LEU A 240 -1.80 -12.21 -18.12
N ILE A 241 -2.56 -11.67 -19.09
CA ILE A 241 -3.00 -10.29 -19.13
C ILE A 241 -4.47 -10.24 -18.71
N SER A 242 -4.88 -9.06 -18.22
CA SER A 242 -6.26 -8.79 -17.84
C SER A 242 -7.20 -9.09 -19.02
N ASP A 243 -8.30 -9.78 -18.76
CA ASP A 243 -9.33 -9.99 -19.77
C ASP A 243 -10.53 -9.03 -19.56
N MET A 244 -10.37 -7.98 -18.75
CA MET A 244 -11.48 -7.15 -18.30
C MET A 244 -11.68 -5.99 -19.29
N VAL A 245 -12.97 -5.70 -19.52
CA VAL A 245 -13.44 -4.58 -20.32
C VAL A 245 -13.07 -3.26 -19.66
N ASP A 246 -12.65 -2.26 -20.46
CA ASP A 246 -12.32 -0.94 -19.92
C ASP A 246 -13.14 0.18 -20.53
N ASN A 247 -14.07 -0.12 -21.44
CA ASN A 247 -15.02 0.89 -21.90
C ASN A 247 -16.22 0.20 -22.51
N ALA A 248 -17.40 0.75 -22.28
CA ALA A 248 -18.62 0.14 -22.76
C ALA A 248 -19.75 1.18 -22.80
N TYR A 249 -20.68 0.94 -23.75
CA TYR A 249 -22.00 1.52 -23.70
C TYR A 249 -23.01 0.40 -23.47
N VAL A 250 -24.01 0.70 -22.65
CA VAL A 250 -25.08 -0.25 -22.40
C VAL A 250 -26.42 0.44 -22.52
N ILE A 251 -27.35 -0.20 -23.25
CA ILE A 251 -28.74 0.21 -23.30
C ILE A 251 -29.60 -0.87 -22.68
N VAL A 252 -30.52 -0.43 -21.80
CA VAL A 252 -31.39 -1.35 -21.08
C VAL A 252 -32.82 -0.94 -21.29
N ASP A 253 -33.65 -1.89 -21.73
CA ASP A 253 -35.10 -1.71 -21.87
C ASP A 253 -35.80 -2.32 -20.66
N PHE A 254 -36.94 -1.70 -20.26
CA PHE A 254 -37.69 -2.08 -19.08
C PHE A 254 -39.12 -2.46 -19.41
N LYS A 255 -39.80 -3.10 -18.44
CA LYS A 255 -41.11 -3.72 -18.62
C LYS A 255 -42.13 -2.66 -19.02
N GLY A 256 -42.03 -1.46 -18.43
CA GLY A 256 -43.04 -0.42 -18.58
C GLY A 256 -42.64 0.68 -19.57
N GLY A 257 -41.74 0.38 -20.53
CA GLY A 257 -41.45 1.26 -21.64
C GLY A 257 -40.49 2.40 -21.30
N ARG A 258 -39.71 2.23 -20.22
CA ARG A 258 -38.64 3.15 -19.87
C ARG A 258 -37.34 2.59 -20.41
N ARG A 259 -36.32 3.44 -20.51
CA ARG A 259 -35.06 2.94 -21.05
C ARG A 259 -33.91 3.66 -20.35
N ALA A 260 -32.79 2.94 -20.18
CA ALA A 260 -31.65 3.58 -19.56
C ALA A 260 -30.39 3.25 -20.34
N MET A 261 -29.38 4.10 -20.10
CA MET A 261 -28.13 3.99 -20.82
C MET A 261 -27.00 4.22 -19.84
N LEU A 262 -25.98 3.36 -19.95
CA LEU A 262 -24.78 3.48 -19.17
C LEU A 262 -23.57 3.63 -20.09
N GLU A 263 -22.75 4.64 -19.77
CA GLU A 263 -21.48 4.90 -20.44
C GLU A 263 -20.36 4.75 -19.40
N LEU A 264 -19.42 3.85 -19.68
CA LEU A 264 -18.28 3.68 -18.79
C LEU A 264 -16.98 3.84 -19.57
N SER A 265 -16.10 4.71 -19.07
CA SER A 265 -14.72 4.67 -19.50
C SER A 265 -13.79 4.61 -18.30
N MET A 266 -12.88 3.63 -18.33
CA MET A 266 -11.86 3.47 -17.31
C MET A 266 -10.57 4.15 -17.76
N PHE A 267 -10.60 5.09 -18.71
CA PHE A 267 -9.42 5.88 -19.04
C PHE A 267 -9.81 7.33 -19.29
N ALA A 268 -10.74 7.84 -18.48
CA ALA A 268 -11.23 9.20 -18.64
C ALA A 268 -11.08 9.97 -17.34
N GLU A 269 -9.93 9.77 -16.67
CA GLU A 269 -9.76 10.25 -15.31
C GLU A 269 -9.45 11.74 -15.26
N GLY A 270 -9.19 12.37 -16.42
CA GLY A 270 -9.00 13.82 -16.48
C GLY A 270 -10.27 14.59 -16.12
N SER A 271 -11.42 13.90 -16.19
CA SER A 271 -12.72 14.53 -16.06
C SER A 271 -12.97 15.00 -14.63
N LYS A 272 -13.08 16.31 -14.40
CA LYS A 272 -13.29 16.85 -13.06
C LYS A 272 -14.51 16.19 -12.42
N PHE A 273 -15.46 15.76 -13.24
CA PHE A 273 -16.63 15.07 -12.74
C PHE A 273 -16.56 13.61 -13.18
N GLN A 274 -16.74 12.71 -12.22
CA GLN A 274 -16.51 11.29 -12.48
C GLN A 274 -17.81 10.61 -12.84
N GLU A 275 -18.91 11.00 -12.18
CA GLU A 275 -20.24 10.50 -12.50
C GLU A 275 -21.16 11.62 -12.99
N ARG A 276 -21.97 11.32 -14.02
CA ARG A 276 -23.11 12.13 -14.40
C ARG A 276 -24.35 11.25 -14.39
N ILE A 277 -25.40 11.68 -13.68
CA ILE A 277 -26.68 10.99 -13.72
C ILE A 277 -27.80 11.97 -14.07
N SER A 278 -28.50 11.73 -15.20
CA SER A 278 -29.61 12.54 -15.65
C SER A 278 -30.86 11.68 -15.77
N ILE A 279 -31.97 12.20 -15.22
CA ILE A 279 -33.27 11.55 -15.35
C ILE A 279 -34.19 12.48 -16.12
N VAL A 280 -34.94 11.90 -17.09
CA VAL A 280 -35.83 12.69 -17.91
C VAL A 280 -37.25 12.13 -17.78
N GLY A 281 -38.13 12.94 -17.18
CA GLY A 281 -39.56 12.69 -17.26
C GLY A 281 -40.31 13.67 -18.18
N ASP A 282 -41.62 13.50 -18.25
CA ASP A 282 -42.47 14.26 -19.15
C ASP A 282 -42.87 15.60 -18.55
N ALA A 283 -42.41 15.94 -17.34
CA ALA A 283 -42.60 17.30 -16.82
C ALA A 283 -41.27 17.98 -16.54
N ALA A 284 -40.21 17.21 -16.30
CA ALA A 284 -38.93 17.82 -15.97
C ALA A 284 -37.79 16.81 -16.10
N LYS A 285 -36.58 17.39 -16.04
CA LYS A 285 -35.33 16.65 -16.05
C LYS A 285 -34.55 17.05 -14.80
N ILE A 286 -33.77 16.11 -14.25
CA ILE A 286 -32.85 16.41 -13.16
C ILE A 286 -31.54 15.69 -13.42
N GLU A 287 -30.44 16.31 -12.99
CA GLU A 287 -29.10 15.87 -13.33
C GLU A 287 -28.14 16.20 -12.19
N THR A 288 -27.41 15.21 -11.68
CA THR A 288 -26.35 15.45 -10.70
C THR A 288 -24.98 15.17 -11.29
N LEU A 289 -23.97 15.93 -10.87
CA LEU A 289 -22.58 15.71 -11.23
C LEU A 289 -21.73 15.45 -9.99
N ILE A 290 -21.08 14.28 -9.93
CA ILE A 290 -20.30 13.85 -8.79
C ILE A 290 -18.82 14.00 -9.13
N PRO A 291 -18.03 14.75 -8.33
CA PRO A 291 -16.60 14.93 -8.58
C PRO A 291 -15.76 13.72 -8.18
N VAL A 292 -14.53 13.67 -8.72
CA VAL A 292 -13.53 12.71 -8.30
C VAL A 292 -13.29 12.94 -6.81
N ALA A 293 -13.07 11.84 -6.06
CA ALA A 293 -12.74 11.90 -4.63
C ALA A 293 -11.39 12.61 -4.46
N ALA A 294 -11.23 13.30 -3.31
CA ALA A 294 -10.05 14.12 -3.05
C ALA A 294 -8.75 13.33 -3.15
N ASN A 295 -8.81 12.03 -2.77
CA ASN A 295 -7.67 11.12 -2.81
C ASN A 295 -7.13 10.97 -4.25
N HIS A 296 -7.99 10.96 -5.27
CA HIS A 296 -7.54 10.67 -6.63
C HIS A 296 -7.36 11.92 -7.49
N TRP A 297 -7.82 13.08 -6.98
CA TRP A 297 -7.76 14.33 -7.73
C TRP A 297 -6.54 15.16 -7.30
N ILE A 298 -6.34 16.33 -7.94
CA ILE A 298 -5.25 17.27 -7.64
C ILE A 298 -5.45 17.84 -6.25
N GLU A 299 -4.33 18.21 -5.57
CA GLU A 299 -4.42 18.73 -4.22
C GLU A 299 -4.89 20.18 -4.28
N GLY A 300 -5.93 20.49 -3.48
CA GLY A 300 -6.40 21.86 -3.33
C GLY A 300 -7.41 22.32 -4.39
N ASP A 301 -8.00 21.37 -5.11
CA ASP A 301 -8.94 21.66 -6.17
C ASP A 301 -10.21 20.84 -5.96
N GLU A 302 -10.66 20.80 -4.69
CA GLU A 302 -11.85 20.07 -4.30
C GLU A 302 -13.08 20.82 -4.83
N THR A 303 -13.80 20.18 -5.76
CA THR A 303 -15.07 20.70 -6.25
C THR A 303 -16.17 20.02 -5.45
N GLU A 304 -17.38 20.58 -5.53
CA GLU A 304 -18.54 20.00 -4.87
C GLU A 304 -19.50 19.44 -5.92
N ALA A 305 -20.33 18.49 -5.48
CA ALA A 305 -21.34 17.90 -6.34
C ALA A 305 -22.50 18.89 -6.55
N THR A 306 -23.10 18.86 -7.75
CA THR A 306 -24.19 19.75 -8.12
C THR A 306 -25.44 18.93 -8.43
N VAL A 307 -26.60 19.56 -8.24
CA VAL A 307 -27.87 19.03 -8.68
C VAL A 307 -28.61 20.13 -9.44
N GLU A 308 -29.12 19.79 -10.65
CA GLU A 308 -29.78 20.75 -11.52
C GLU A 308 -31.17 20.24 -11.87
N PHE A 309 -32.20 21.05 -11.56
CA PHE A 309 -33.60 20.73 -11.87
C PHE A 309 -34.05 21.59 -13.04
N SER A 310 -34.60 20.94 -14.08
CA SER A 310 -34.88 21.59 -15.35
C SER A 310 -36.30 21.26 -15.79
N PRO A 311 -37.32 22.05 -15.38
CA PRO A 311 -38.70 21.76 -15.75
C PRO A 311 -38.91 22.21 -17.19
N ARG A 312 -39.82 21.50 -17.89
CA ARG A 312 -40.17 21.81 -19.27
C ARG A 312 -40.95 23.12 -19.35
N SER A 313 -41.79 23.35 -18.32
CA SER A 313 -42.74 24.45 -18.37
C SER A 313 -43.09 24.90 -16.95
N PRO A 314 -42.77 26.14 -16.56
CA PRO A 314 -42.04 27.08 -17.42
C PRO A 314 -40.54 26.82 -17.41
N LEU A 315 -39.87 27.17 -18.51
CA LEU A 315 -38.42 27.16 -18.59
C LEU A 315 -37.86 27.93 -17.40
N GLY A 316 -36.75 27.44 -16.85
CA GLY A 316 -36.12 28.01 -15.66
C GLY A 316 -35.38 26.93 -14.86
N PRO A 317 -34.15 26.56 -15.24
CA PRO A 317 -33.39 25.58 -14.47
C PRO A 317 -32.83 26.16 -13.17
N GLU A 318 -32.82 25.32 -12.11
CA GLU A 318 -32.33 25.67 -10.78
C GLU A 318 -31.18 24.73 -10.41
N LYS A 319 -30.01 25.30 -10.12
CA LYS A 319 -28.84 24.49 -9.79
C LYS A 319 -28.24 24.91 -8.45
N HIS A 320 -27.94 23.91 -7.60
CA HIS A 320 -27.28 24.15 -6.32
C HIS A 320 -26.24 23.06 -6.05
N GLU A 321 -25.21 23.41 -5.25
CA GLU A 321 -24.23 22.45 -4.77
C GLU A 321 -24.83 21.66 -3.60
N VAL A 322 -24.45 20.38 -3.48
CA VAL A 322 -24.88 19.53 -2.37
C VAL A 322 -23.66 19.11 -1.56
N PRO A 323 -23.38 19.77 -0.41
CA PRO A 323 -22.13 19.53 0.31
C PRO A 323 -22.23 18.25 1.15
N VAL A 324 -21.05 17.75 1.52
CA VAL A 324 -20.94 16.61 2.43
C VAL A 324 -20.10 17.04 3.63
N ASP A 325 -20.46 16.52 4.82
CA ASP A 325 -19.70 16.78 6.04
C ASP A 325 -18.23 16.44 5.79
N GLU A 326 -17.33 17.38 6.12
CA GLU A 326 -15.90 17.25 5.85
C GLU A 326 -15.36 15.88 6.27
N ALA A 327 -15.85 15.36 7.40
CA ALA A 327 -15.38 14.10 7.97
C ALA A 327 -15.89 12.91 7.17
N VAL A 328 -17.21 12.89 6.92
CA VAL A 328 -17.88 11.80 6.22
C VAL A 328 -17.24 11.63 4.83
N LEU A 329 -16.97 12.76 4.16
CA LEU A 329 -16.40 12.76 2.82
C LEU A 329 -14.97 12.21 2.85
N ALA A 330 -14.21 12.58 3.87
CA ALA A 330 -12.79 12.23 3.99
C ALA A 330 -12.59 10.74 4.31
N ALA A 331 -13.64 10.08 4.83
CA ALA A 331 -13.51 8.70 5.29
C ALA A 331 -13.60 7.68 4.14
N GLY A 332 -14.05 8.14 2.96
CA GLY A 332 -14.29 7.26 1.83
C GLY A 332 -13.88 7.88 0.52
N ALA A 333 -14.04 7.10 -0.56
CA ALA A 333 -13.82 7.57 -1.92
C ALA A 333 -15.14 7.47 -2.70
N HIS A 334 -16.26 7.33 -1.98
CA HIS A 334 -17.58 7.23 -2.58
C HIS A 334 -18.51 8.33 -2.09
N HIS A 335 -17.94 9.54 -1.93
CA HIS A 335 -18.67 10.77 -1.66
C HIS A 335 -19.65 10.66 -0.47
N GLY A 336 -19.20 10.06 0.64
CA GLY A 336 -19.93 10.10 1.90
C GLY A 336 -20.96 8.99 2.04
N SER A 337 -21.09 8.15 1.00
CA SER A 337 -22.15 7.15 0.94
C SER A 337 -21.95 6.04 1.99
N THR A 338 -20.68 5.70 2.28
CA THR A 338 -20.40 4.54 3.12
C THR A 338 -20.92 4.80 4.53
N TYR A 339 -20.85 6.05 4.98
CA TYR A 339 -21.30 6.45 6.30
C TYR A 339 -22.80 6.17 6.45
N TYR A 340 -23.57 6.59 5.45
CA TYR A 340 -25.03 6.46 5.50
C TYR A 340 -25.38 4.98 5.38
N GLU A 341 -24.61 4.23 4.60
CA GLU A 341 -24.82 2.80 4.46
C GLU A 341 -24.75 2.16 5.84
N HIS A 342 -23.81 2.64 6.66
CA HIS A 342 -23.54 2.04 7.95
C HIS A 342 -24.59 2.49 8.98
N LEU A 343 -25.05 3.76 8.93
CA LEU A 343 -26.14 4.21 9.79
C LEU A 343 -27.35 3.33 9.58
N GLY A 344 -27.54 2.87 8.33
CA GLY A 344 -28.68 2.07 7.97
C GLY A 344 -28.53 0.60 8.35
N TYR A 345 -27.29 0.10 8.27
CA TYR A 345 -26.98 -1.27 8.64
C TYR A 345 -27.16 -1.43 10.15
N ARG A 346 -26.68 -0.42 10.90
CA ARG A 346 -26.84 -0.33 12.35
C ARG A 346 -28.32 -0.49 12.72
N LYS A 347 -29.19 0.33 12.12
CA LYS A 347 -30.62 0.32 12.41
C LYS A 347 -31.25 -1.03 12.06
N ALA A 348 -30.74 -1.73 11.04
CA ALA A 348 -31.29 -3.05 10.72
C ALA A 348 -30.84 -4.06 11.76
N ILE A 349 -29.60 -3.90 12.23
CA ILE A 349 -29.04 -4.81 13.22
C ILE A 349 -29.86 -4.69 14.51
N LEU A 350 -30.21 -3.46 14.89
CA LEU A 350 -30.91 -3.19 16.13
C LEU A 350 -32.41 -3.47 16.02
N GLY A 351 -32.94 -3.65 14.79
CA GLY A 351 -34.35 -3.89 14.56
C GLY A 351 -35.16 -2.60 14.34
N GLU A 352 -34.49 -1.44 14.37
CA GLU A 352 -35.14 -0.14 14.30
C GLU A 352 -35.19 0.39 12.86
N GLY A 353 -35.16 -0.51 11.88
CA GLY A 353 -35.12 -0.09 10.49
C GLY A 353 -35.01 -1.28 9.53
N PRO A 354 -35.25 -1.06 8.23
CA PRO A 354 -35.24 -2.17 7.26
C PRO A 354 -33.91 -2.38 6.54
N VAL A 355 -33.84 -3.48 5.78
CA VAL A 355 -32.76 -3.77 4.86
C VAL A 355 -33.07 -3.05 3.53
N ASP A 356 -32.43 -1.89 3.33
CA ASP A 356 -32.66 -1.07 2.15
C ASP A 356 -32.25 -1.79 0.87
N VAL A 357 -31.20 -2.62 0.92
CA VAL A 357 -30.64 -3.18 -0.29
C VAL A 357 -30.52 -4.69 -0.14
N THR A 358 -31.50 -5.42 -0.64
CA THR A 358 -31.60 -6.84 -0.33
C THR A 358 -30.71 -7.68 -1.24
N VAL A 359 -30.65 -8.97 -0.90
CA VAL A 359 -30.09 -10.02 -1.74
C VAL A 359 -30.78 -9.98 -3.12
N ALA A 360 -32.10 -9.82 -3.10
CA ALA A 360 -32.88 -9.81 -4.33
C ALA A 360 -32.37 -8.70 -5.25
N ASP A 361 -32.21 -7.50 -4.67
CA ASP A 361 -31.56 -6.37 -5.31
C ASP A 361 -30.22 -6.77 -5.91
N GLY A 362 -29.40 -7.48 -5.13
CA GLY A 362 -28.06 -7.85 -5.54
C GLY A 362 -28.10 -8.79 -6.75
N LEU A 363 -29.03 -9.73 -6.69
CA LEU A 363 -29.15 -10.76 -7.71
C LEU A 363 -29.60 -10.17 -9.06
N GLN A 364 -30.47 -9.18 -9.00
CA GLN A 364 -30.96 -8.54 -10.21
C GLN A 364 -29.81 -7.77 -10.88
N SER A 365 -29.10 -6.97 -10.07
CA SER A 365 -27.99 -6.15 -10.57
C SER A 365 -26.92 -7.02 -11.22
N VAL A 366 -26.67 -8.20 -10.63
CA VAL A 366 -25.67 -9.11 -11.17
C VAL A 366 -26.15 -9.71 -12.49
N ARG A 367 -27.41 -10.14 -12.50
CA ARG A 367 -27.99 -10.75 -13.69
C ARG A 367 -27.99 -9.75 -14.85
N MET A 368 -28.24 -8.47 -14.53
CA MET A 368 -28.20 -7.43 -15.55
C MET A 368 -26.78 -7.30 -16.11
N GLY A 369 -25.79 -7.19 -15.21
CA GLY A 369 -24.40 -7.09 -15.62
C GLY A 369 -23.93 -8.30 -16.41
N LEU A 370 -24.36 -9.50 -15.99
CA LEU A 370 -23.98 -10.73 -16.68
C LEU A 370 -24.55 -10.74 -18.10
N ALA A 371 -25.83 -10.36 -18.22
CA ALA A 371 -26.45 -10.25 -19.52
C ALA A 371 -25.64 -9.31 -20.41
N ALA A 372 -25.22 -8.18 -19.83
CA ALA A 372 -24.47 -7.17 -20.57
C ALA A 372 -23.11 -7.71 -21.03
N GLU A 373 -22.44 -8.49 -20.16
CA GLU A 373 -21.18 -9.12 -20.50
C GLU A 373 -21.40 -10.13 -21.63
N GLN A 374 -22.58 -10.77 -21.63
CA GLN A 374 -22.93 -11.75 -22.64
C GLN A 374 -23.19 -11.05 -23.97
N SER A 375 -23.81 -9.87 -23.92
CA SER A 375 -24.11 -9.08 -25.11
C SER A 375 -22.82 -8.59 -25.77
N ILE A 376 -21.81 -8.27 -24.97
CA ILE A 376 -20.56 -7.79 -25.53
C ILE A 376 -19.88 -8.90 -26.32
N ILE A 377 -20.16 -10.15 -25.96
CA ILE A 377 -19.41 -11.29 -26.50
C ILE A 377 -20.06 -11.75 -27.81
N GLU A 378 -21.39 -11.80 -27.85
CA GLU A 378 -22.15 -12.29 -28.99
C GLU A 378 -22.56 -11.19 -29.98
N GLY A 379 -22.30 -9.92 -29.66
CA GLY A 379 -22.66 -8.80 -30.52
C GLY A 379 -24.17 -8.67 -30.75
N ARG A 380 -24.99 -8.99 -29.74
CA ARG A 380 -26.43 -9.07 -29.90
C ARG A 380 -27.10 -8.85 -28.56
N ALA A 381 -28.35 -8.38 -28.60
CA ALA A 381 -29.08 -8.09 -27.37
C ALA A 381 -29.43 -9.40 -26.69
N VAL A 382 -29.77 -9.27 -25.41
CA VAL A 382 -30.02 -10.42 -24.55
C VAL A 382 -31.30 -10.13 -23.78
N GLU A 383 -32.18 -11.14 -23.75
CA GLU A 383 -33.46 -11.04 -23.04
C GLU A 383 -33.22 -11.36 -21.56
N LEU A 384 -34.11 -10.87 -20.71
CA LEU A 384 -34.13 -11.15 -19.27
C LEU A 384 -35.54 -11.54 -18.85
N HIS A 385 -35.65 -12.13 -17.66
CA HIS A 385 -36.91 -12.64 -17.17
C HIS A 385 -37.20 -11.95 -15.83
N ALA A 386 -38.49 -11.79 -15.51
CA ALA A 386 -38.88 -11.00 -14.36
C ALA A 386 -38.52 -11.76 -13.07
N ALA B 22 -18.05 41.54 -55.71
CA ALA B 22 -18.62 40.21 -55.43
C ALA B 22 -19.42 39.73 -56.63
N GLN B 23 -18.98 38.63 -57.25
CA GLN B 23 -19.75 38.01 -58.33
C GLN B 23 -21.14 37.70 -57.78
N THR B 24 -22.14 37.65 -58.65
CA THR B 24 -23.51 37.49 -58.22
C THR B 24 -24.00 36.08 -58.54
N ILE B 25 -24.64 35.47 -57.54
CA ILE B 25 -25.29 34.18 -57.72
C ILE B 25 -26.79 34.38 -57.51
N ARG B 26 -27.54 33.84 -58.47
CA ARG B 26 -28.98 33.86 -58.48
C ARG B 26 -29.47 32.52 -57.92
N TYR B 27 -30.18 32.56 -56.79
CA TYR B 27 -30.58 31.36 -56.09
C TYR B 27 -32.05 31.10 -56.34
N GLY B 28 -32.37 29.85 -56.66
CA GLY B 28 -33.74 29.37 -56.64
C GLY B 28 -34.03 28.57 -55.36
N LEU B 29 -35.10 28.92 -54.66
CA LEU B 29 -35.61 28.14 -53.53
C LEU B 29 -36.72 27.22 -53.99
N ILE B 30 -36.56 25.92 -53.79
CA ILE B 30 -37.64 24.95 -54.00
C ILE B 30 -38.09 24.48 -52.62
N GLY B 31 -39.34 24.79 -52.25
CA GLY B 31 -39.78 24.72 -50.87
C GLY B 31 -39.50 26.05 -50.18
N ALA B 32 -40.54 26.63 -49.56
CA ALA B 32 -40.45 28.00 -49.05
C ALA B 32 -41.17 28.08 -47.71
N GLY B 33 -40.74 27.22 -46.78
CA GLY B 33 -41.28 27.25 -45.43
C GLY B 33 -40.22 27.71 -44.44
N HIS B 34 -40.27 27.10 -43.25
CA HIS B 34 -39.49 27.52 -42.10
C HIS B 34 -38.00 27.53 -42.43
N MET B 35 -37.49 26.44 -43.01
CA MET B 35 -36.06 26.31 -43.22
C MET B 35 -35.63 27.17 -44.40
N ALA B 36 -36.46 27.21 -45.45
CA ALA B 36 -36.19 28.09 -46.57
C ALA B 36 -35.94 29.52 -46.08
N ARG B 37 -36.74 30.01 -45.11
CA ARG B 37 -36.57 31.35 -44.59
C ARG B 37 -35.28 31.51 -43.79
N GLU B 38 -34.81 30.45 -43.12
CA GLU B 38 -33.50 30.49 -42.50
C GLU B 38 -32.43 30.65 -43.59
N HIS B 39 -32.53 29.92 -44.71
CA HIS B 39 -31.56 30.12 -45.78
C HIS B 39 -31.58 31.57 -46.26
N VAL B 40 -32.77 32.21 -46.34
CA VAL B 40 -32.82 33.54 -46.92
C VAL B 40 -32.14 34.53 -46.00
N ARG B 41 -32.38 34.41 -44.67
CA ARG B 41 -31.77 35.32 -43.71
C ARG B 41 -30.24 35.20 -43.78
N ASN B 42 -29.74 34.01 -44.15
CA ASN B 42 -28.31 33.73 -44.14
C ASN B 42 -27.68 34.23 -45.45
N LEU B 43 -28.35 33.98 -46.58
CA LEU B 43 -27.92 34.51 -47.87
C LEU B 43 -27.91 36.04 -47.88
N ALA B 44 -28.76 36.66 -47.04
CA ALA B 44 -28.81 38.10 -46.92
C ALA B 44 -27.51 38.66 -46.34
N LEU B 45 -26.74 37.81 -45.64
CA LEU B 45 -25.49 38.25 -45.02
C LEU B 45 -24.31 38.02 -45.96
N ILE B 46 -24.54 37.41 -47.14
CA ILE B 46 -23.47 37.06 -48.05
C ILE B 46 -23.56 37.90 -49.32
N PRO B 47 -22.73 38.97 -49.49
CA PRO B 47 -22.70 39.74 -50.74
C PRO B 47 -22.56 38.86 -51.99
N GLY B 48 -23.28 39.24 -53.05
CA GLY B 48 -23.34 38.47 -54.28
C GLY B 48 -24.57 37.56 -54.33
N SER B 49 -25.39 37.59 -53.26
CA SER B 49 -26.46 36.62 -53.09
C SER B 49 -27.80 37.26 -53.44
N LEU B 50 -28.47 36.72 -54.46
CA LEU B 50 -29.75 37.25 -54.91
C LEU B 50 -30.72 36.10 -55.14
N ILE B 51 -31.88 36.17 -54.46
CA ILE B 51 -32.96 35.23 -54.67
C ILE B 51 -33.74 35.71 -55.87
N THR B 52 -34.02 34.82 -56.82
CA THR B 52 -34.75 35.19 -58.03
C THR B 52 -36.03 34.37 -58.19
N ALA B 53 -35.96 33.06 -57.97
CA ALA B 53 -37.13 32.20 -58.09
C ALA B 53 -37.46 31.57 -56.74
N VAL B 54 -38.74 31.28 -56.49
CA VAL B 54 -39.17 30.59 -55.29
C VAL B 54 -40.36 29.69 -55.65
N ALA B 55 -40.20 28.37 -55.55
CA ALA B 55 -41.28 27.44 -55.90
C ALA B 55 -41.84 26.78 -54.65
N ASP B 56 -43.17 26.67 -54.53
CA ASP B 56 -43.81 25.99 -53.42
C ASP B 56 -45.31 25.87 -53.72
N PRO B 57 -45.91 24.68 -53.56
CA PRO B 57 -47.33 24.50 -53.86
C PRO B 57 -48.32 25.00 -52.82
N THR B 58 -47.84 25.73 -51.82
CA THR B 58 -48.74 26.27 -50.82
C THR B 58 -48.63 27.79 -50.88
N PRO B 59 -49.69 28.49 -51.34
CA PRO B 59 -49.64 29.94 -51.51
C PRO B 59 -49.17 30.69 -50.26
N SER B 60 -49.72 30.34 -49.08
CA SER B 60 -49.38 31.05 -47.85
C SER B 60 -47.88 30.99 -47.60
N SER B 61 -47.26 29.88 -47.99
CA SER B 61 -45.82 29.73 -47.83
C SER B 61 -45.06 30.70 -48.75
N LEU B 62 -45.49 30.82 -50.00
CA LEU B 62 -44.88 31.77 -50.92
C LEU B 62 -45.03 33.18 -50.37
N GLU B 63 -46.17 33.47 -49.75
CA GLU B 63 -46.41 34.83 -49.25
C GLU B 63 -45.45 35.16 -48.11
N GLU B 64 -45.34 34.28 -47.12
CA GLU B 64 -44.52 34.54 -45.94
C GLU B 64 -43.05 34.63 -46.34
N THR B 65 -42.63 33.72 -47.21
CA THR B 65 -41.25 33.66 -47.67
C THR B 65 -40.91 34.90 -48.49
N ALA B 66 -41.87 35.41 -49.26
CA ALA B 66 -41.66 36.63 -50.02
C ALA B 66 -41.52 37.84 -49.09
N ARG B 67 -42.30 37.88 -48.02
CA ARG B 67 -42.20 38.94 -47.02
C ARG B 67 -40.78 38.93 -46.43
N GLU B 68 -40.27 37.73 -46.13
CA GLU B 68 -38.97 37.58 -45.49
C GLU B 68 -37.85 38.07 -46.43
N ILE B 69 -37.94 37.69 -47.70
CA ILE B 69 -36.90 38.04 -48.66
C ILE B 69 -36.78 39.57 -48.76
N GLY B 70 -37.93 40.25 -48.80
CA GLY B 70 -37.98 41.70 -48.68
C GLY B 70 -37.82 42.46 -50.00
N TYR B 71 -37.65 41.75 -51.12
CA TYR B 71 -37.57 42.36 -52.45
C TYR B 71 -38.26 41.43 -53.43
N ASP B 72 -38.61 41.93 -54.62
CA ASP B 72 -39.48 41.19 -55.52
C ASP B 72 -38.75 39.97 -56.07
N VAL B 73 -39.50 38.87 -56.17
CA VAL B 73 -39.01 37.64 -56.79
C VAL B 73 -40.14 37.03 -57.59
N GLN B 74 -39.78 36.23 -58.58
CA GLN B 74 -40.72 35.41 -59.32
C GLN B 74 -41.10 34.19 -58.49
N THR B 75 -42.39 33.88 -58.41
CA THR B 75 -42.84 32.74 -57.64
C THR B 75 -43.49 31.73 -58.58
N PHE B 76 -43.39 30.44 -58.25
CA PHE B 76 -44.05 29.38 -58.99
C PHE B 76 -44.70 28.44 -57.99
N SER B 77 -45.63 27.62 -58.44
CA SER B 77 -46.24 26.64 -57.55
C SER B 77 -45.70 25.26 -57.88
N ALA B 78 -44.77 25.16 -58.85
CA ALA B 78 -44.16 23.87 -59.15
C ALA B 78 -42.72 24.07 -59.60
N HIS B 79 -41.88 23.07 -59.30
CA HIS B 79 -40.44 23.25 -59.33
C HIS B 79 -39.94 23.22 -60.78
N LYS B 80 -40.55 22.39 -61.63
CA LYS B 80 -40.10 22.26 -63.01
C LYS B 80 -40.23 23.60 -63.75
N ASP B 81 -41.27 24.37 -63.41
CA ASP B 81 -41.44 25.71 -63.92
C ASP B 81 -40.24 26.56 -63.51
N LEU B 82 -39.89 26.53 -62.22
CA LEU B 82 -38.75 27.27 -61.73
C LEU B 82 -37.50 26.87 -62.51
N LEU B 83 -37.39 25.57 -62.85
CA LEU B 83 -36.20 25.01 -63.47
C LEU B 83 -36.06 25.49 -64.91
N ALA B 84 -37.21 25.76 -65.55
CA ALA B 84 -37.25 26.22 -66.93
C ALA B 84 -37.17 27.75 -67.01
N SER B 85 -37.17 28.44 -65.87
CA SER B 85 -37.32 29.89 -65.85
C SER B 85 -36.08 30.58 -66.44
N GLY B 86 -34.91 29.94 -66.32
CA GLY B 86 -33.68 30.60 -66.70
C GLY B 86 -33.34 31.76 -65.77
N LEU B 87 -33.92 31.75 -64.56
CA LEU B 87 -33.73 32.84 -63.61
C LEU B 87 -32.59 32.55 -62.63
N VAL B 88 -31.98 31.35 -62.66
CA VAL B 88 -31.22 30.86 -61.50
C VAL B 88 -29.85 30.30 -61.90
N ASP B 89 -28.87 30.52 -60.99
CA ASP B 89 -27.54 29.94 -61.09
C ASP B 89 -27.38 28.74 -60.15
N ALA B 90 -28.16 28.70 -59.05
CA ALA B 90 -28.02 27.67 -58.03
C ALA B 90 -29.36 27.41 -57.32
N LEU B 91 -29.55 26.15 -56.89
CA LEU B 91 -30.77 25.69 -56.25
C LEU B 91 -30.54 25.43 -54.76
N VAL B 92 -31.63 25.56 -53.99
CA VAL B 92 -31.71 25.14 -52.59
C VAL B 92 -33.04 24.42 -52.44
N ILE B 93 -33.00 23.15 -52.09
CA ILE B 93 -34.21 22.38 -51.84
C ILE B 93 -34.45 22.37 -50.33
N ALA B 94 -35.62 22.88 -49.91
CA ALA B 94 -36.01 22.84 -48.51
C ALA B 94 -37.48 22.42 -48.42
N SER B 95 -37.83 21.42 -49.22
CA SER B 95 -39.16 20.83 -49.24
C SER B 95 -39.21 19.70 -48.20
N PRO B 96 -40.35 19.01 -47.97
CA PRO B 96 -40.38 17.88 -47.04
C PRO B 96 -39.54 16.71 -47.56
N ASN B 97 -39.09 15.87 -46.62
CA ASN B 97 -37.96 14.98 -46.79
C ASN B 97 -38.17 14.02 -47.97
N ASP B 98 -39.36 13.41 -48.01
CA ASP B 98 -39.73 12.41 -48.99
C ASP B 98 -39.89 12.96 -50.41
N THR B 99 -39.83 14.29 -50.57
CA THR B 99 -39.94 14.91 -51.88
C THR B 99 -38.55 15.18 -52.47
N HIS B 100 -37.49 14.92 -51.72
CA HIS B 100 -36.17 15.41 -52.09
C HIS B 100 -35.67 14.68 -53.34
N LEU B 101 -35.97 13.38 -53.42
CA LEU B 101 -35.50 12.57 -54.52
C LEU B 101 -36.16 13.01 -55.83
N GLU B 102 -37.51 13.02 -55.88
CA GLU B 102 -38.20 13.42 -57.10
C GLU B 102 -37.55 14.67 -57.69
N ILE B 103 -37.36 15.69 -56.85
CA ILE B 103 -36.87 16.99 -57.28
C ILE B 103 -35.44 16.87 -57.83
N LEU B 104 -34.64 15.97 -57.24
CA LEU B 104 -33.27 15.75 -57.65
C LEU B 104 -33.24 14.97 -58.97
N LYS B 105 -34.06 13.91 -59.09
CA LYS B 105 -34.17 13.22 -60.36
C LYS B 105 -34.47 14.23 -61.47
N ASP B 106 -35.42 15.13 -61.17
CA ASP B 106 -35.89 16.13 -62.10
C ASP B 106 -34.74 17.10 -62.42
N ILE B 107 -33.95 17.50 -61.42
CA ILE B 107 -32.87 18.43 -61.66
C ILE B 107 -31.82 17.75 -62.54
N PHE B 108 -31.65 16.43 -62.35
CA PHE B 108 -30.61 15.69 -63.03
C PHE B 108 -30.97 15.53 -64.49
N ALA B 109 -32.24 15.27 -64.75
CA ALA B 109 -32.76 15.08 -66.11
C ALA B 109 -33.02 16.41 -66.83
N SER B 110 -32.81 17.55 -66.17
CA SER B 110 -33.26 18.83 -66.69
C SER B 110 -32.33 19.35 -67.77
N GLY B 111 -31.06 18.95 -67.72
CA GLY B 111 -30.07 19.57 -68.60
C GLY B 111 -29.79 21.02 -68.20
N THR B 112 -30.19 21.39 -66.97
CA THR B 112 -29.89 22.73 -66.48
C THR B 112 -28.50 22.76 -65.84
N ASN B 113 -28.01 21.58 -65.41
CA ASN B 113 -26.68 21.45 -64.83
C ASN B 113 -26.49 22.47 -63.70
N LEU B 114 -27.45 22.53 -62.77
CA LEU B 114 -27.41 23.52 -61.71
C LEU B 114 -26.82 22.90 -60.44
N PRO B 115 -25.99 23.68 -59.70
CA PRO B 115 -25.62 23.35 -58.33
C PRO B 115 -26.86 23.27 -57.44
N VAL B 116 -26.85 22.31 -56.51
CA VAL B 116 -27.97 22.04 -55.62
C VAL B 116 -27.41 21.98 -54.21
N LEU B 117 -28.08 22.68 -53.29
CA LEU B 117 -27.95 22.44 -51.86
C LEU B 117 -29.25 21.79 -51.41
N VAL B 118 -29.22 20.48 -51.13
CA VAL B 118 -30.43 19.76 -50.77
C VAL B 118 -30.45 19.52 -49.27
N GLU B 119 -31.56 19.89 -48.62
CA GLU B 119 -31.67 19.76 -47.18
C GLU B 119 -31.58 18.31 -46.76
N LYS B 120 -31.11 18.12 -45.53
CA LYS B 120 -31.15 16.81 -44.90
C LYS B 120 -32.59 16.46 -44.57
N PRO B 121 -32.92 15.16 -44.43
CA PRO B 121 -32.08 14.08 -44.93
C PRO B 121 -32.15 14.03 -46.45
N VAL B 122 -31.09 13.59 -47.09
CA VAL B 122 -31.03 13.61 -48.54
C VAL B 122 -32.11 12.67 -49.09
N CYS B 123 -32.48 11.60 -48.39
CA CYS B 123 -33.67 10.85 -48.78
C CYS B 123 -34.27 10.12 -47.59
N THR B 124 -35.22 9.21 -47.81
CA THR B 124 -36.03 8.72 -46.70
C THR B 124 -36.30 7.22 -46.73
N SER B 125 -35.67 6.50 -47.65
CA SER B 125 -35.83 5.05 -47.70
C SER B 125 -34.59 4.45 -48.36
N ALA B 126 -34.50 3.13 -48.27
CA ALA B 126 -33.38 2.38 -48.81
C ALA B 126 -33.46 2.34 -50.33
N GLU B 127 -34.67 2.03 -50.84
CA GLU B 127 -34.95 2.13 -52.27
C GLU B 127 -34.47 3.50 -52.78
N GLN B 128 -34.90 4.57 -52.11
CA GLN B 128 -34.56 5.93 -52.53
C GLN B 128 -33.06 6.14 -52.58
N ALA B 129 -32.35 5.66 -51.55
CA ALA B 129 -30.92 5.88 -51.41
C ALA B 129 -30.14 5.14 -52.51
N ASP B 130 -30.56 3.90 -52.79
CA ASP B 130 -29.99 3.10 -53.88
C ASP B 130 -30.09 3.86 -55.20
N GLU B 131 -31.31 4.32 -55.49
CA GLU B 131 -31.60 5.06 -56.72
C GLU B 131 -30.73 6.30 -56.77
N LEU B 132 -30.76 7.13 -55.72
CA LEU B 132 -30.01 8.37 -55.71
C LEU B 132 -28.51 8.13 -55.88
N GLU B 133 -28.00 6.99 -55.38
CA GLU B 133 -26.58 6.65 -55.46
C GLU B 133 -26.15 6.53 -56.91
N GLU B 134 -26.90 5.74 -57.71
CA GLU B 134 -26.63 5.52 -59.11
C GLU B 134 -26.75 6.83 -59.90
N LEU B 135 -27.85 7.56 -59.66
CA LEU B 135 -28.16 8.76 -60.43
C LEU B 135 -27.13 9.85 -60.15
N ALA B 136 -26.74 10.01 -58.88
CA ALA B 136 -25.90 11.13 -58.51
C ALA B 136 -24.51 10.99 -59.12
N ALA B 137 -24.16 9.78 -59.58
CA ALA B 137 -22.83 9.50 -60.09
C ALA B 137 -22.60 10.24 -61.41
N THR B 138 -23.63 10.27 -62.26
CA THR B 138 -23.52 10.80 -63.62
C THR B 138 -23.68 12.33 -63.64
N TYR B 139 -24.44 12.89 -62.69
CA TYR B 139 -24.57 14.34 -62.61
C TYR B 139 -23.22 14.95 -62.22
N THR B 140 -22.90 16.12 -62.78
CA THR B 140 -21.55 16.63 -62.67
C THR B 140 -21.49 17.93 -61.87
N ALA B 141 -22.63 18.60 -61.67
CA ALA B 141 -22.61 19.86 -60.94
C ALA B 141 -22.56 19.60 -59.43
N PRO B 142 -22.09 20.59 -58.63
CA PRO B 142 -22.07 20.49 -57.18
C PRO B 142 -23.42 20.08 -56.59
N VAL B 143 -23.43 18.96 -55.85
CA VAL B 143 -24.56 18.53 -55.04
C VAL B 143 -24.07 18.36 -53.60
N TRP B 144 -24.57 19.23 -52.71
CA TRP B 144 -24.13 19.37 -51.33
C TRP B 144 -25.32 19.02 -50.42
N VAL B 145 -25.11 18.15 -49.42
CA VAL B 145 -26.18 17.84 -48.49
C VAL B 145 -26.04 18.76 -47.28
N ALA B 146 -27.16 19.42 -46.92
CA ALA B 146 -27.14 20.54 -45.99
C ALA B 146 -27.21 20.05 -44.54
N MET B 147 -26.20 19.29 -44.15
CA MET B 147 -25.94 18.92 -42.77
C MET B 147 -24.85 19.84 -42.28
N GLU B 148 -25.23 20.82 -41.46
CA GLU B 148 -24.41 22.00 -41.21
C GLU B 148 -23.77 21.99 -39.81
N TYR B 149 -24.09 20.99 -38.97
CA TYR B 149 -23.74 21.06 -37.56
C TYR B 149 -22.23 21.19 -37.40
N ARG B 150 -21.45 20.55 -38.29
CA ARG B 150 -20.01 20.62 -38.24
C ARG B 150 -19.45 22.05 -38.25
N TYR B 151 -20.22 23.05 -38.71
CA TYR B 151 -19.69 24.41 -38.83
C TYR B 151 -19.98 25.23 -37.57
N MET B 152 -20.78 24.71 -36.64
CA MET B 152 -20.96 25.39 -35.38
C MET B 152 -19.57 25.59 -34.79
N PRO B 153 -19.14 26.84 -34.47
CA PRO B 153 -17.78 27.07 -33.94
C PRO B 153 -17.35 26.11 -32.82
N PRO B 154 -18.15 25.90 -31.75
CA PRO B 154 -17.77 24.95 -30.70
C PRO B 154 -17.52 23.54 -31.26
N VAL B 155 -18.35 23.13 -32.23
CA VAL B 155 -18.20 21.80 -32.79
C VAL B 155 -16.97 21.77 -33.69
N GLN B 156 -16.56 22.92 -34.23
CA GLN B 156 -15.36 22.98 -35.03
C GLN B 156 -14.14 22.59 -34.18
N GLU B 157 -14.05 23.15 -32.97
CA GLU B 157 -12.93 22.86 -32.10
C GLU B 157 -12.84 21.36 -31.84
N ILE B 158 -13.92 20.80 -31.30
CA ILE B 158 -14.04 19.38 -30.98
C ILE B 158 -13.48 18.54 -32.13
N ILE B 159 -13.81 18.90 -33.36
CA ILE B 159 -13.39 18.13 -34.53
C ILE B 159 -11.90 18.32 -34.80
N GLN B 160 -11.39 19.54 -34.63
CA GLN B 160 -9.99 19.81 -34.88
C GLN B 160 -9.14 19.06 -33.86
N ALA B 161 -9.54 19.17 -32.58
CA ALA B 161 -8.90 18.46 -31.48
C ALA B 161 -8.85 16.96 -31.76
N ALA B 162 -9.97 16.35 -32.16
CA ALA B 162 -9.98 14.93 -32.48
C ALA B 162 -9.04 14.61 -33.65
N HIS B 163 -9.00 15.48 -34.66
CA HIS B 163 -8.25 15.20 -35.86
C HIS B 163 -6.75 15.43 -35.65
N SER B 164 -6.38 16.34 -34.75
CA SER B 164 -4.98 16.69 -34.52
C SER B 164 -4.25 15.68 -33.63
N GLY B 165 -4.96 14.62 -33.17
CA GLY B 165 -4.40 13.61 -32.29
C GLY B 165 -4.26 14.08 -30.83
N LYS B 166 -4.83 15.25 -30.49
CA LYS B 166 -4.70 15.83 -29.16
C LYS B 166 -5.50 15.02 -28.12
N LEU B 167 -6.35 14.09 -28.57
CA LEU B 167 -7.08 13.21 -27.66
C LEU B 167 -6.45 11.83 -27.61
N GLY B 168 -5.43 11.59 -28.45
CA GLY B 168 -4.85 10.27 -28.62
C GLY B 168 -5.77 9.43 -29.49
N ASN B 169 -5.62 8.11 -29.45
CA ASN B 169 -6.54 7.23 -30.15
C ASN B 169 -7.93 7.30 -29.50
N ILE B 170 -8.92 7.56 -30.35
CA ILE B 170 -10.27 7.85 -29.91
C ILE B 170 -11.03 6.53 -29.79
N HIS B 171 -11.79 6.39 -28.70
CA HIS B 171 -12.50 5.16 -28.43
C HIS B 171 -13.99 5.40 -28.30
N MET B 172 -14.41 6.54 -27.77
CA MET B 172 -15.82 6.77 -27.49
C MET B 172 -16.25 8.17 -27.88
N LEU B 173 -17.47 8.29 -28.43
CA LEU B 173 -18.08 9.57 -28.80
C LEU B 173 -19.55 9.52 -28.40
N SER B 174 -19.96 10.42 -27.51
CA SER B 174 -21.32 10.51 -27.04
C SER B 174 -21.93 11.84 -27.46
N ILE B 175 -23.21 11.79 -27.86
CA ILE B 175 -23.97 12.92 -28.32
C ILE B 175 -25.31 12.90 -27.63
N VAL B 176 -25.62 13.95 -26.88
CA VAL B 176 -26.89 14.02 -26.17
C VAL B 176 -27.62 15.26 -26.67
N GLU B 177 -28.83 15.04 -27.21
CA GLU B 177 -29.72 16.13 -27.56
C GLU B 177 -30.98 16.07 -26.69
N HIS B 178 -31.20 17.16 -25.94
CA HIS B 178 -32.37 17.33 -25.08
C HIS B 178 -33.12 18.59 -25.52
N ARG B 179 -34.36 18.40 -26.05
CA ARG B 179 -35.02 19.48 -26.77
C ARG B 179 -36.54 19.36 -26.70
N PHE B 180 -37.21 20.26 -27.45
CA PHE B 180 -38.65 20.46 -27.43
C PHE B 180 -39.29 19.57 -28.49
N PRO B 181 -40.60 19.27 -28.39
CA PRO B 181 -41.28 18.47 -29.40
C PRO B 181 -41.10 19.00 -30.81
N PHE B 182 -41.35 18.12 -31.78
CA PHE B 182 -41.38 18.51 -33.18
C PHE B 182 -42.32 19.70 -33.36
N LEU B 183 -41.88 20.68 -34.15
CA LEU B 183 -42.68 21.88 -34.38
C LEU B 183 -43.81 21.60 -35.37
N HIS B 184 -44.74 22.57 -35.50
CA HIS B 184 -45.84 22.52 -36.44
C HIS B 184 -45.38 22.95 -37.84
N LYS B 185 -45.67 22.11 -38.83
CA LYS B 185 -45.20 22.32 -40.19
C LYS B 185 -46.37 22.26 -41.15
N VAL B 186 -46.12 22.68 -42.40
CA VAL B 186 -47.15 22.76 -43.43
C VAL B 186 -47.62 21.35 -43.79
N ASP B 187 -48.91 21.04 -43.53
CA ASP B 187 -49.53 19.78 -43.91
C ASP B 187 -49.05 18.66 -42.98
N ALA B 188 -48.51 19.06 -41.83
CA ALA B 188 -48.13 18.13 -40.77
C ALA B 188 -47.12 17.06 -41.26
N TRP B 189 -46.29 17.37 -42.27
CA TRP B 189 -45.49 16.35 -42.93
C TRP B 189 -44.52 15.67 -41.97
N ASN B 190 -44.05 16.42 -40.96
CA ASN B 190 -43.04 15.91 -40.03
C ASN B 190 -43.63 15.05 -38.91
N ARG B 191 -44.94 14.69 -38.97
CA ARG B 191 -45.54 13.85 -37.95
C ARG B 191 -45.56 12.37 -38.35
N PHE B 192 -45.01 12.03 -39.53
CA PHE B 192 -45.23 10.72 -40.12
C PHE B 192 -43.91 10.12 -40.60
N ALA B 193 -43.67 8.89 -40.14
CA ALA B 193 -42.45 8.16 -40.47
C ALA B 193 -42.30 8.07 -41.98
N GLU B 194 -43.41 7.82 -42.69
CA GLU B 194 -43.41 7.58 -44.12
C GLU B 194 -42.97 8.81 -44.90
N ARG B 195 -43.16 10.02 -44.34
CA ARG B 195 -42.80 11.27 -45.00
C ARG B 195 -41.42 11.76 -44.59
N THR B 196 -40.95 11.30 -43.43
CA THR B 196 -39.77 11.83 -42.77
C THR B 196 -38.58 10.89 -42.88
N GLY B 197 -38.87 9.58 -42.94
CA GLY B 197 -37.88 8.52 -42.80
C GLY B 197 -37.75 8.01 -41.35
N GLY B 198 -38.64 8.45 -40.46
CA GLY B 198 -38.50 8.25 -39.03
C GLY B 198 -37.62 9.31 -38.35
N THR B 199 -37.88 9.52 -37.05
CA THR B 199 -37.18 10.48 -36.21
C THR B 199 -35.66 10.36 -36.30
N LEU B 200 -35.15 9.13 -36.37
CA LEU B 200 -33.72 8.88 -36.34
C LEU B 200 -33.09 9.23 -37.72
N VAL B 201 -33.92 9.43 -38.74
CA VAL B 201 -33.43 9.94 -40.01
C VAL B 201 -33.61 11.46 -40.03
N GLU B 202 -34.82 11.90 -39.68
CA GLU B 202 -35.24 13.28 -39.76
C GLU B 202 -34.37 14.14 -38.85
N LYS B 203 -34.22 13.73 -37.59
CA LYS B 203 -33.63 14.58 -36.57
C LYS B 203 -32.15 14.25 -36.43
N CYS B 204 -31.78 12.98 -36.62
CA CYS B 204 -30.52 12.47 -36.09
C CYS B 204 -29.46 12.26 -37.18
N CYS B 205 -29.80 12.44 -38.46
CA CYS B 205 -28.81 12.21 -39.51
C CYS B 205 -27.60 13.13 -39.34
N HIS B 206 -27.81 14.35 -38.84
CA HIS B 206 -26.72 15.30 -38.58
C HIS B 206 -25.68 14.68 -37.65
N PHE B 207 -26.19 13.89 -36.69
CA PHE B 207 -25.40 13.31 -35.63
C PHE B 207 -24.66 12.05 -36.11
N PHE B 208 -25.31 11.21 -36.90
CA PHE B 208 -24.65 10.07 -37.50
C PHE B 208 -23.56 10.53 -38.47
N ASP B 209 -23.74 11.69 -39.09
CA ASP B 209 -22.71 12.26 -39.94
C ASP B 209 -21.50 12.70 -39.10
N LEU B 210 -21.78 13.48 -38.02
CA LEU B 210 -20.75 13.93 -37.10
C LEU B 210 -19.88 12.77 -36.61
N MET B 211 -20.52 11.63 -36.37
CA MET B 211 -19.82 10.43 -35.95
C MET B 211 -18.77 10.06 -37.00
N ARG B 212 -19.20 9.91 -38.26
CA ARG B 212 -18.28 9.54 -39.33
C ARG B 212 -17.18 10.60 -39.47
N LEU B 213 -17.52 11.88 -39.30
CA LEU B 213 -16.53 12.94 -39.48
C LEU B 213 -15.48 12.91 -38.37
N ILE B 214 -15.92 12.85 -37.11
CA ILE B 214 -15.04 12.94 -35.95
C ILE B 214 -14.17 11.68 -35.86
N LEU B 215 -14.79 10.51 -35.95
CA LEU B 215 -14.09 9.23 -35.80
C LEU B 215 -13.29 8.91 -37.07
N GLN B 216 -13.56 9.61 -38.17
CA GLN B 216 -12.93 9.35 -39.45
C GLN B 216 -12.95 7.85 -39.76
N ASP B 217 -14.12 7.23 -39.65
CA ASP B 217 -14.24 5.78 -39.70
C ASP B 217 -15.65 5.47 -40.19
N GLU B 218 -15.88 4.20 -40.57
CA GLU B 218 -17.15 3.80 -41.10
C GLU B 218 -17.84 2.87 -40.11
N PRO B 219 -19.15 3.04 -39.89
CA PRO B 219 -19.87 2.18 -38.96
C PRO B 219 -20.05 0.78 -39.51
N THR B 220 -20.20 -0.18 -38.58
CA THR B 220 -20.25 -1.60 -38.89
C THR B 220 -21.48 -2.26 -38.28
N ARG B 221 -22.00 -1.69 -37.19
CA ARG B 221 -23.16 -2.23 -36.50
C ARG B 221 -23.87 -1.10 -35.75
N ILE B 222 -25.18 -1.26 -35.55
CA ILE B 222 -25.97 -0.25 -34.87
C ILE B 222 -27.15 -0.92 -34.18
N TYR B 223 -27.40 -0.51 -32.95
CA TYR B 223 -28.53 -0.96 -32.16
C TYR B 223 -29.17 0.29 -31.56
N ALA B 224 -30.50 0.25 -31.43
CA ALA B 224 -31.22 1.38 -30.88
C ALA B 224 -32.47 0.91 -30.15
N SER B 225 -32.86 1.66 -29.12
CA SER B 225 -34.10 1.43 -28.41
C SER B 225 -34.79 2.78 -28.20
N GLY B 226 -35.98 2.91 -28.78
CA GLY B 226 -36.74 4.14 -28.74
C GLY B 226 -38.23 3.86 -28.70
N GLY B 227 -38.99 4.93 -28.40
CA GLY B 227 -40.44 4.86 -28.40
C GLY B 227 -41.11 6.18 -28.79
N HIS B 228 -42.38 6.04 -29.12
CA HIS B 228 -43.31 7.15 -29.20
C HIS B 228 -44.10 7.18 -27.89
N ASP B 229 -43.60 7.89 -26.88
CA ASP B 229 -44.10 7.73 -25.52
C ASP B 229 -44.82 8.98 -24.99
N VAL B 230 -44.60 10.17 -25.58
CA VAL B 230 -45.13 11.42 -25.02
C VAL B 230 -45.86 12.27 -26.07
N ASN B 231 -45.24 12.48 -27.25
CA ASN B 231 -45.58 13.57 -28.14
C ASN B 231 -46.47 13.05 -29.27
N HIS B 232 -47.46 13.85 -29.70
CA HIS B 232 -48.16 13.70 -30.98
C HIS B 232 -48.82 12.33 -31.13
N MET B 233 -49.41 11.82 -30.04
CA MET B 233 -50.16 10.57 -30.13
C MET B 233 -51.50 10.84 -30.83
N ASP B 234 -51.76 10.11 -31.93
CA ASP B 234 -53.06 10.00 -32.60
C ASP B 234 -53.50 11.26 -33.40
N GLU B 235 -52.55 11.81 -34.19
CA GLU B 235 -52.80 12.87 -35.15
C GLU B 235 -52.95 12.28 -36.56
N VAL B 236 -54.13 12.51 -37.17
CA VAL B 236 -54.44 12.08 -38.53
C VAL B 236 -54.50 13.31 -39.43
N TYR B 237 -53.85 13.23 -40.60
CA TYR B 237 -53.77 14.33 -41.53
C TYR B 237 -53.42 13.72 -42.89
N ASP B 238 -54.41 13.66 -43.77
CA ASP B 238 -54.19 13.27 -45.16
C ASP B 238 -53.69 11.82 -45.20
N GLY B 239 -54.37 10.94 -44.46
CA GLY B 239 -54.30 9.51 -44.69
C GLY B 239 -53.32 8.78 -43.76
N LEU B 240 -52.42 9.52 -43.11
CA LEU B 240 -51.37 8.93 -42.30
C LEU B 240 -51.69 9.16 -40.82
N ILE B 241 -51.18 8.24 -39.97
CA ILE B 241 -51.31 8.33 -38.52
C ILE B 241 -49.93 8.63 -37.89
N SER B 242 -49.91 9.61 -36.96
CA SER B 242 -48.70 10.04 -36.26
C SER B 242 -48.01 8.84 -35.59
N ASP B 243 -46.69 8.71 -35.78
CA ASP B 243 -45.99 7.46 -35.43
C ASP B 243 -44.50 7.69 -35.11
N MET B 244 -44.11 8.94 -34.81
CA MET B 244 -42.70 9.31 -34.72
C MET B 244 -42.17 9.10 -33.31
N VAL B 245 -40.95 8.56 -33.24
CA VAL B 245 -40.21 8.34 -32.01
C VAL B 245 -39.86 9.67 -31.36
N ASP B 246 -39.97 9.75 -30.03
CA ASP B 246 -39.68 10.99 -29.32
C ASP B 246 -38.62 10.81 -28.23
N ASN B 247 -38.07 9.59 -28.08
CA ASN B 247 -36.92 9.41 -27.21
C ASN B 247 -36.21 8.12 -27.63
N ALA B 248 -34.88 8.15 -27.58
CA ALA B 248 -34.14 7.01 -28.10
C ALA B 248 -32.69 7.05 -27.61
N TYR B 249 -32.13 5.84 -27.45
CA TYR B 249 -30.70 5.65 -27.27
C TYR B 249 -30.20 4.83 -28.46
N VAL B 250 -29.01 5.17 -28.94
CA VAL B 250 -28.42 4.47 -30.06
C VAL B 250 -26.96 4.20 -29.77
N ILE B 251 -26.52 2.96 -30.03
CA ILE B 251 -25.11 2.62 -29.99
C ILE B 251 -24.65 2.22 -31.39
N VAL B 252 -23.50 2.73 -31.80
CA VAL B 252 -22.93 2.47 -33.12
C VAL B 252 -21.49 1.98 -32.95
N ASP B 253 -21.19 0.83 -33.56
CA ASP B 253 -19.85 0.26 -33.63
C ASP B 253 -19.18 0.62 -34.96
N PHE B 254 -17.86 0.83 -34.93
CA PHE B 254 -17.08 1.25 -36.09
C PHE B 254 -15.98 0.25 -36.44
N LYS B 255 -15.43 0.40 -37.67
CA LYS B 255 -14.51 -0.56 -38.27
C LYS B 255 -13.27 -0.69 -37.39
N GLY B 256 -12.81 0.43 -36.79
CA GLY B 256 -11.55 0.48 -36.06
C GLY B 256 -11.66 0.31 -34.54
N GLY B 257 -12.78 -0.23 -34.03
CA GLY B 257 -12.90 -0.56 -32.61
C GLY B 257 -13.27 0.64 -31.72
N ARG B 258 -13.85 1.66 -32.37
CA ARG B 258 -14.41 2.84 -31.70
C ARG B 258 -15.91 2.61 -31.58
N ARG B 259 -16.56 3.37 -30.71
CA ARG B 259 -17.99 3.22 -30.54
C ARG B 259 -18.59 4.57 -30.20
N ALA B 260 -19.83 4.81 -30.65
CA ALA B 260 -20.50 6.05 -30.35
C ALA B 260 -21.92 5.79 -29.85
N MET B 261 -22.45 6.78 -29.15
CA MET B 261 -23.74 6.67 -28.51
C MET B 261 -24.50 7.97 -28.73
N LEU B 262 -25.78 7.86 -29.10
CA LEU B 262 -26.66 9.00 -29.24
C LEU B 262 -27.84 8.85 -28.31
N GLU B 263 -28.13 9.93 -27.56
CA GLU B 263 -29.29 10.07 -26.68
C GLU B 263 -30.14 11.21 -27.19
N LEU B 264 -31.43 10.95 -27.42
CA LEU B 264 -32.36 11.97 -27.87
C LEU B 264 -33.59 11.98 -26.95
N SER B 265 -33.93 13.16 -26.44
CA SER B 265 -35.26 13.36 -25.89
C SER B 265 -35.89 14.60 -26.50
N MET B 266 -37.12 14.42 -27.03
CA MET B 266 -37.92 15.50 -27.56
C MET B 266 -38.88 16.04 -26.52
N PHE B 267 -38.62 15.79 -25.22
CA PHE B 267 -39.40 16.43 -24.16
C PHE B 267 -38.50 16.84 -23.01
N ALA B 268 -37.30 17.35 -23.35
CA ALA B 268 -36.34 17.76 -22.34
C ALA B 268 -35.94 19.20 -22.56
N GLU B 269 -36.92 20.05 -22.89
CA GLU B 269 -36.64 21.40 -23.37
C GLU B 269 -36.28 22.35 -22.23
N GLY B 270 -36.45 21.92 -20.97
CA GLY B 270 -36.01 22.71 -19.84
C GLY B 270 -34.48 22.87 -19.77
N SER B 271 -33.77 21.99 -20.47
CA SER B 271 -32.32 21.87 -20.36
C SER B 271 -31.60 23.09 -20.97
N LYS B 272 -30.92 23.87 -20.14
CA LYS B 272 -30.23 25.06 -20.61
C LYS B 272 -29.32 24.72 -21.78
N PHE B 273 -28.81 23.50 -21.77
CA PHE B 273 -27.92 23.04 -22.82
C PHE B 273 -28.67 21.99 -23.63
N GLN B 274 -28.69 22.19 -24.95
CA GLN B 274 -29.53 21.35 -25.80
C GLN B 274 -28.72 20.19 -26.36
N GLU B 275 -27.45 20.47 -26.69
CA GLU B 275 -26.53 19.44 -27.15
C GLU B 275 -25.37 19.29 -26.17
N ARG B 276 -24.98 18.03 -25.91
CA ARG B 276 -23.72 17.71 -25.24
C ARG B 276 -22.98 16.72 -26.13
N ILE B 277 -21.72 17.04 -26.44
CA ILE B 277 -20.88 16.15 -27.22
C ILE B 277 -19.56 15.92 -26.50
N SER B 278 -19.27 14.66 -26.14
CA SER B 278 -18.04 14.28 -25.44
C SER B 278 -17.27 13.26 -26.28
N ILE B 279 -15.96 13.49 -26.44
CA ILE B 279 -15.08 12.54 -27.09
C ILE B 279 -14.04 12.07 -26.08
N VAL B 280 -13.79 10.75 -26.02
CA VAL B 280 -12.86 10.16 -25.08
C VAL B 280 -11.80 9.39 -25.85
N GLY B 281 -10.56 9.87 -25.78
CA GLY B 281 -9.42 9.12 -26.27
C GLY B 281 -8.51 8.66 -25.12
N ASP B 282 -7.41 8.00 -25.50
CA ASP B 282 -6.53 7.37 -24.54
C ASP B 282 -5.52 8.37 -23.98
N ALA B 283 -5.56 9.64 -24.38
CA ALA B 283 -4.74 10.66 -23.73
C ALA B 283 -5.58 11.77 -23.12
N ALA B 284 -6.81 11.96 -23.60
CA ALA B 284 -7.64 13.04 -23.11
C ALA B 284 -9.10 12.88 -23.52
N LYS B 285 -9.93 13.72 -22.91
CA LYS B 285 -11.35 13.82 -23.18
C LYS B 285 -11.65 15.28 -23.50
N ILE B 286 -12.61 15.53 -24.39
CA ILE B 286 -13.08 16.87 -24.69
C ILE B 286 -14.61 16.83 -24.80
N GLU B 287 -15.24 17.93 -24.39
CA GLU B 287 -16.68 17.98 -24.25
C GLU B 287 -17.16 19.41 -24.51
N THR B 288 -18.10 19.57 -25.46
CA THR B 288 -18.71 20.87 -25.71
C THR B 288 -20.18 20.83 -25.28
N LEU B 289 -20.66 21.98 -24.79
CA LEU B 289 -22.06 22.16 -24.45
C LEU B 289 -22.66 23.30 -25.27
N ILE B 290 -23.70 23.00 -26.05
CA ILE B 290 -24.35 23.96 -26.94
C ILE B 290 -25.68 24.36 -26.31
N PRO B 291 -25.89 25.69 -26.08
CA PRO B 291 -27.15 26.17 -25.52
C PRO B 291 -28.29 26.22 -26.53
N VAL B 292 -29.51 26.24 -26.00
CA VAL B 292 -30.72 26.42 -26.80
C VAL B 292 -30.57 27.75 -27.53
N ALA B 293 -31.05 27.80 -28.79
CA ALA B 293 -31.09 29.03 -29.56
C ALA B 293 -31.98 30.07 -28.87
N ALA B 294 -31.64 31.35 -29.05
CA ALA B 294 -32.31 32.45 -28.35
C ALA B 294 -33.82 32.45 -28.61
N ASN B 295 -34.21 32.02 -29.83
CA ASN B 295 -35.60 31.93 -30.28
C ASN B 295 -36.42 31.01 -29.34
N HIS B 296 -35.84 29.89 -28.87
CA HIS B 296 -36.61 28.90 -28.11
C HIS B 296 -36.42 29.01 -26.60
N TRP B 297 -35.47 29.85 -26.16
CA TRP B 297 -35.11 29.98 -24.76
C TRP B 297 -35.79 31.21 -24.13
N ILE B 298 -35.58 31.43 -22.82
CA ILE B 298 -36.15 32.58 -22.12
C ILE B 298 -35.45 33.86 -22.58
N GLU B 299 -36.16 34.99 -22.38
CA GLU B 299 -35.76 36.31 -22.83
C GLU B 299 -34.51 36.84 -22.13
N GLY B 300 -34.30 36.53 -20.84
CA GLY B 300 -33.29 37.21 -20.06
C GLY B 300 -31.90 36.53 -20.06
N ASP B 301 -31.77 35.34 -20.66
CA ASP B 301 -30.75 34.39 -20.22
C ASP B 301 -30.01 33.78 -21.41
N GLU B 302 -29.41 34.64 -22.24
CA GLU B 302 -28.57 34.16 -23.34
C GLU B 302 -27.25 33.64 -22.77
N THR B 303 -27.02 32.32 -22.86
CA THR B 303 -25.81 31.68 -22.36
C THR B 303 -24.93 31.37 -23.56
N GLU B 304 -23.66 31.02 -23.32
CA GLU B 304 -22.70 30.80 -24.41
C GLU B 304 -22.26 29.33 -24.44
N ALA B 305 -21.75 28.87 -25.58
CA ALA B 305 -21.27 27.50 -25.70
C ALA B 305 -19.89 27.36 -25.04
N THR B 306 -19.63 26.20 -24.42
CA THR B 306 -18.36 25.93 -23.75
C THR B 306 -17.64 24.76 -24.44
N VAL B 307 -16.32 24.74 -24.33
CA VAL B 307 -15.50 23.60 -24.71
C VAL B 307 -14.54 23.31 -23.55
N GLU B 308 -14.46 22.05 -23.11
CA GLU B 308 -13.67 21.65 -21.95
C GLU B 308 -12.73 20.52 -22.34
N PHE B 309 -11.42 20.75 -22.17
CA PHE B 309 -10.38 19.79 -22.48
C PHE B 309 -9.85 19.20 -21.18
N SER B 310 -9.82 17.85 -21.11
CA SER B 310 -9.54 17.15 -19.88
C SER B 310 -8.50 16.06 -20.14
N PRO B 311 -7.20 16.37 -20.04
CA PRO B 311 -6.16 15.38 -20.28
C PRO B 311 -6.05 14.45 -19.08
N ARG B 312 -5.67 13.19 -19.33
CA ARG B 312 -5.53 12.17 -18.31
C ARG B 312 -4.35 12.48 -17.39
N SER B 313 -3.27 13.00 -17.98
CA SER B 313 -1.99 13.14 -17.30
C SER B 313 -1.20 14.26 -17.96
N PRO B 314 -0.90 15.37 -17.25
CA PRO B 314 -1.34 15.57 -15.87
C PRO B 314 -2.77 16.05 -15.79
N LEU B 315 -3.47 15.70 -14.71
CA LEU B 315 -4.80 16.22 -14.43
C LEU B 315 -4.73 17.74 -14.51
N GLY B 316 -5.81 18.35 -15.03
CA GLY B 316 -5.91 19.80 -15.17
C GLY B 316 -6.83 20.16 -16.33
N PRO B 317 -8.17 20.14 -16.13
CA PRO B 317 -9.10 20.49 -17.19
C PRO B 317 -9.14 21.99 -17.44
N GLU B 318 -9.27 22.35 -18.74
CA GLU B 318 -9.25 23.71 -19.24
C GLU B 318 -10.57 23.97 -19.96
N LYS B 319 -11.31 24.99 -19.52
CA LYS B 319 -12.62 25.30 -20.09
C LYS B 319 -12.69 26.75 -20.54
N HIS B 320 -13.19 26.97 -21.77
CA HIS B 320 -13.42 28.31 -22.29
C HIS B 320 -14.75 28.37 -23.05
N GLU B 321 -15.34 29.57 -23.11
CA GLU B 321 -16.53 29.81 -23.92
C GLU B 321 -16.08 30.01 -25.37
N VAL B 322 -16.94 29.59 -26.32
CA VAL B 322 -16.71 29.78 -27.75
C VAL B 322 -17.81 30.66 -28.32
N PRO B 323 -17.54 31.97 -28.56
CA PRO B 323 -18.56 32.90 -29.04
C PRO B 323 -18.86 32.72 -30.53
N VAL B 324 -20.02 33.26 -30.94
CA VAL B 324 -20.42 33.32 -32.34
C VAL B 324 -20.73 34.77 -32.67
N ASP B 325 -20.44 35.19 -33.91
CA ASP B 325 -20.73 36.55 -34.36
C ASP B 325 -22.22 36.82 -34.17
N GLU B 326 -22.55 37.95 -33.51
CA GLU B 326 -23.92 38.29 -33.13
C GLU B 326 -24.89 38.14 -34.31
N ALA B 327 -24.43 38.49 -35.52
CA ALA B 327 -25.26 38.51 -36.70
C ALA B 327 -25.53 37.09 -37.20
N VAL B 328 -24.44 36.34 -37.35
CA VAL B 328 -24.47 34.98 -37.85
C VAL B 328 -25.36 34.11 -36.95
N LEU B 329 -25.24 34.30 -35.63
CA LEU B 329 -26.02 33.55 -34.65
C LEU B 329 -27.50 33.90 -34.76
N ALA B 330 -27.80 35.18 -34.98
CA ALA B 330 -29.18 35.69 -35.01
C ALA B 330 -29.93 35.21 -36.25
N ALA B 331 -29.20 34.81 -37.31
CA ALA B 331 -29.82 34.48 -38.60
C ALA B 331 -30.37 33.05 -38.62
N GLY B 332 -30.00 32.22 -37.64
CA GLY B 332 -30.42 30.82 -37.64
C GLY B 332 -30.77 30.33 -36.22
N ALA B 333 -31.18 29.07 -36.12
CA ALA B 333 -31.41 28.40 -34.85
C ALA B 333 -30.43 27.24 -34.67
N HIS B 334 -29.35 27.25 -35.48
CA HIS B 334 -28.33 26.22 -35.48
C HIS B 334 -26.95 26.84 -35.22
N HIS B 335 -26.92 27.86 -34.34
CA HIS B 335 -25.70 28.38 -33.73
C HIS B 335 -24.65 28.80 -34.76
N GLY B 336 -25.09 29.49 -35.84
CA GLY B 336 -24.18 30.14 -36.78
C GLY B 336 -23.73 29.24 -37.94
N SER B 337 -24.12 27.96 -37.90
CA SER B 337 -23.67 26.98 -38.87
C SER B 337 -24.19 27.22 -40.29
N THR B 338 -25.40 27.75 -40.43
CA THR B 338 -26.03 27.88 -41.73
C THR B 338 -25.24 28.87 -42.59
N TYR B 339 -24.69 29.90 -41.94
CA TYR B 339 -23.92 30.93 -42.62
C TYR B 339 -22.70 30.30 -43.28
N TYR B 340 -21.98 29.47 -42.52
CA TYR B 340 -20.73 28.87 -43.00
C TYR B 340 -21.06 27.85 -44.08
N GLU B 341 -22.21 27.17 -43.94
CA GLU B 341 -22.65 26.24 -44.97
C GLU B 341 -22.76 26.96 -46.30
N HIS B 342 -23.26 28.20 -46.25
CA HIS B 342 -23.52 28.98 -47.45
C HIS B 342 -22.22 29.57 -48.01
N LEU B 343 -21.29 30.00 -47.15
CA LEU B 343 -19.99 30.49 -47.62
C LEU B 343 -19.31 29.40 -48.43
N GLY B 344 -19.54 28.14 -48.01
CA GLY B 344 -18.89 27.02 -48.65
C GLY B 344 -19.60 26.60 -49.93
N TYR B 345 -20.92 26.73 -49.95
CA TYR B 345 -21.71 26.43 -51.13
C TYR B 345 -21.39 27.43 -52.23
N ARG B 346 -21.28 28.71 -51.86
CA ARG B 346 -20.89 29.79 -52.75
C ARG B 346 -19.57 29.43 -53.46
N LYS B 347 -18.55 29.06 -52.68
CA LYS B 347 -17.23 28.71 -53.22
C LYS B 347 -17.32 27.50 -54.14
N ALA B 348 -18.23 26.56 -53.90
CA ALA B 348 -18.39 25.41 -54.79
C ALA B 348 -19.06 25.86 -56.07
N ILE B 349 -20.02 26.78 -55.96
CA ILE B 349 -20.77 27.29 -57.10
C ILE B 349 -19.79 27.99 -58.04
N LEU B 350 -18.87 28.78 -57.48
CA LEU B 350 -17.93 29.57 -58.26
C LEU B 350 -16.76 28.72 -58.78
N GLY B 351 -16.55 27.52 -58.22
CA GLY B 351 -15.42 26.67 -58.57
C GLY B 351 -14.17 26.95 -57.73
N GLU B 352 -14.27 27.83 -56.73
CA GLU B 352 -13.16 28.20 -55.86
C GLU B 352 -13.10 27.33 -54.60
N GLY B 353 -13.66 26.12 -54.64
CA GLY B 353 -13.71 25.30 -53.44
C GLY B 353 -14.48 23.99 -53.64
N PRO B 354 -14.33 23.00 -52.73
CA PRO B 354 -14.99 21.70 -52.86
C PRO B 354 -16.33 21.56 -52.13
N VAL B 355 -16.98 20.42 -52.37
CA VAL B 355 -18.21 20.04 -51.71
C VAL B 355 -17.86 19.33 -50.40
N ASP B 356 -17.94 20.07 -49.29
CA ASP B 356 -17.61 19.56 -47.95
C ASP B 356 -18.51 18.38 -47.55
N VAL B 357 -19.79 18.39 -47.97
CA VAL B 357 -20.74 17.41 -47.47
C VAL B 357 -21.44 16.76 -48.65
N THR B 358 -20.94 15.61 -49.07
CA THR B 358 -21.37 15.03 -50.33
C THR B 358 -22.68 14.26 -50.18
N VAL B 359 -23.22 13.86 -51.33
CA VAL B 359 -24.30 12.88 -51.46
C VAL B 359 -23.94 11.63 -50.66
N ALA B 360 -22.69 11.19 -50.83
CA ALA B 360 -22.20 9.98 -50.19
C ALA B 360 -22.36 10.12 -48.68
N ASP B 361 -21.88 11.25 -48.14
CA ASP B 361 -22.11 11.65 -46.76
C ASP B 361 -23.59 11.57 -46.36
N GLY B 362 -24.47 12.10 -47.21
CA GLY B 362 -25.90 12.12 -46.91
C GLY B 362 -26.47 10.70 -46.85
N LEU B 363 -26.03 9.86 -47.79
CA LEU B 363 -26.52 8.50 -47.93
C LEU B 363 -26.11 7.64 -46.74
N GLN B 364 -24.87 7.86 -46.24
CA GLN B 364 -24.41 7.10 -45.10
C GLN B 364 -25.24 7.46 -43.88
N SER B 365 -25.39 8.78 -43.62
CA SER B 365 -26.12 9.24 -42.46
C SER B 365 -27.56 8.72 -42.46
N VAL B 366 -28.18 8.66 -43.64
CA VAL B 366 -29.54 8.19 -43.76
C VAL B 366 -29.61 6.69 -43.51
N ARG B 367 -28.66 5.95 -44.10
CA ARG B 367 -28.62 4.51 -43.94
C ARG B 367 -28.39 4.15 -42.47
N MET B 368 -27.58 4.94 -41.76
CA MET B 368 -27.37 4.77 -40.33
C MET B 368 -28.70 4.94 -39.59
N GLY B 369 -29.37 6.07 -39.84
CA GLY B 369 -30.66 6.36 -39.22
C GLY B 369 -31.73 5.32 -39.54
N LEU B 370 -31.75 4.84 -40.79
CA LEU B 370 -32.72 3.83 -41.20
C LEU B 370 -32.46 2.52 -40.49
N ALA B 371 -31.19 2.11 -40.43
CA ALA B 371 -30.83 0.91 -39.69
C ALA B 371 -31.32 1.04 -38.25
N ALA B 372 -31.11 2.22 -37.65
CA ALA B 372 -31.50 2.47 -36.27
C ALA B 372 -33.01 2.39 -36.08
N GLU B 373 -33.78 2.90 -37.05
CA GLU B 373 -35.24 2.82 -37.02
C GLU B 373 -35.65 1.35 -37.12
N GLN B 374 -34.88 0.57 -37.88
CA GLN B 374 -35.16 -0.85 -38.08
C GLN B 374 -34.88 -1.62 -36.79
N SER B 375 -33.79 -1.22 -36.11
CA SER B 375 -33.39 -1.81 -34.82
C SER B 375 -34.45 -1.55 -33.75
N ILE B 376 -35.09 -0.38 -33.77
CA ILE B 376 -36.07 -0.08 -32.76
C ILE B 376 -37.29 -0.98 -32.93
N ILE B 377 -37.50 -1.48 -34.15
CA ILE B 377 -38.73 -2.18 -34.47
C ILE B 377 -38.57 -3.67 -34.13
N GLU B 378 -37.42 -4.25 -34.48
CA GLU B 378 -37.19 -5.69 -34.38
C GLU B 378 -36.39 -6.06 -33.11
N GLY B 379 -36.02 -5.08 -32.27
CA GLY B 379 -35.32 -5.35 -31.02
C GLY B 379 -33.95 -6.01 -31.21
N ARG B 380 -33.20 -5.58 -32.24
CA ARG B 380 -32.00 -6.30 -32.63
C ARG B 380 -31.04 -5.34 -33.34
N ALA B 381 -29.76 -5.63 -33.23
CA ALA B 381 -28.76 -4.83 -33.91
C ALA B 381 -28.83 -5.14 -35.40
N VAL B 382 -28.24 -4.22 -36.18
CA VAL B 382 -28.30 -4.26 -37.62
C VAL B 382 -26.89 -3.98 -38.14
N GLU B 383 -26.43 -4.76 -39.12
CA GLU B 383 -25.12 -4.61 -39.73
C GLU B 383 -25.17 -3.50 -40.78
N LEU B 384 -24.01 -2.88 -41.07
CA LEU B 384 -23.88 -1.87 -42.12
C LEU B 384 -22.64 -2.18 -42.95
N HIS B 385 -22.55 -1.60 -44.17
CA HIS B 385 -21.53 -1.96 -45.14
C HIS B 385 -20.40 -0.91 -45.20
N THR C 24 22.67 -14.77 69.73
CA THR C 24 24.09 -14.45 69.50
C THR C 24 24.76 -15.57 68.72
N ILE C 25 25.51 -15.18 67.68
CA ILE C 25 26.34 -16.10 66.94
C ILE C 25 27.79 -15.68 67.14
N ARG C 26 28.61 -16.69 67.45
CA ARG C 26 30.05 -16.57 67.49
C ARG C 26 30.59 -17.06 66.15
N TYR C 27 31.23 -16.17 65.40
CA TYR C 27 31.67 -16.47 64.04
C TYR C 27 33.17 -16.72 64.04
N GLY C 28 33.58 -17.83 63.39
CA GLY C 28 34.97 -18.06 63.06
C GLY C 28 35.28 -17.70 61.60
N LEU C 29 36.32 -16.88 61.37
CA LEU C 29 36.82 -16.56 60.05
C LEU C 29 38.01 -17.45 59.72
N ILE C 30 37.91 -18.22 58.65
CA ILE C 30 39.03 -18.98 58.13
C ILE C 30 39.48 -18.32 56.82
N GLY C 31 40.70 -17.76 56.81
CA GLY C 31 41.11 -16.79 55.80
C GLY C 31 40.73 -15.39 56.26
N ALA C 32 41.70 -14.46 56.19
CA ALA C 32 41.56 -13.15 56.82
C ALA C 32 42.22 -12.10 55.93
N GLY C 33 41.80 -12.06 54.67
CA GLY C 33 42.29 -11.06 53.76
C GLY C 33 41.17 -10.09 53.37
N HIS C 34 41.19 -9.69 52.09
CA HIS C 34 40.36 -8.64 51.54
C HIS C 34 38.89 -8.93 51.79
N MET C 35 38.46 -10.14 51.42
CA MET C 35 37.03 -10.44 51.46
C MET C 35 36.62 -10.71 52.89
N ALA C 36 37.47 -11.38 53.66
CA ALA C 36 37.21 -11.58 55.08
C ALA C 36 36.86 -10.25 55.75
N ARG C 37 37.60 -9.17 55.42
CA ARG C 37 37.34 -7.87 56.04
C ARG C 37 36.01 -7.27 55.59
N GLU C 38 35.57 -7.58 54.36
CA GLU C 38 34.23 -7.19 53.95
C GLU C 38 33.21 -7.93 54.81
N HIS C 39 33.40 -9.22 55.07
CA HIS C 39 32.46 -9.93 55.94
C HIS C 39 32.41 -9.27 57.32
N VAL C 40 33.56 -8.79 57.84
CA VAL C 40 33.55 -8.31 59.21
C VAL C 40 32.78 -6.99 59.28
N ARG C 41 32.98 -6.10 58.27
CA ARG C 41 32.28 -4.83 58.25
C ARG C 41 30.77 -5.06 58.19
N ASN C 42 30.35 -6.17 57.57
CA ASN C 42 28.94 -6.47 57.36
C ASN C 42 28.34 -7.10 58.62
N LEU C 43 29.06 -8.06 59.23
CA LEU C 43 28.65 -8.65 60.50
C LEU C 43 28.53 -7.60 61.60
N ALA C 44 29.32 -6.51 61.47
CA ALA C 44 29.29 -5.42 62.44
C ALA C 44 27.93 -4.72 62.44
N LEU C 45 27.18 -4.84 61.33
CA LEU C 45 25.92 -4.16 61.19
C LEU C 45 24.77 -5.06 61.63
N ILE C 46 25.05 -6.31 62.00
CA ILE C 46 24.01 -7.24 62.41
C ILE C 46 24.13 -7.58 63.90
N PRO C 47 23.34 -6.96 64.81
CA PRO C 47 23.32 -7.35 66.22
C PRO C 47 23.14 -8.85 66.44
N GLY C 48 23.85 -9.37 67.43
CA GLY C 48 23.93 -10.81 67.66
C GLY C 48 25.21 -11.41 67.08
N SER C 49 26.00 -10.59 66.38
CA SER C 49 27.16 -11.04 65.63
C SER C 49 28.44 -10.71 66.42
N LEU C 50 29.18 -11.76 66.78
CA LEU C 50 30.46 -11.60 67.46
C LEU C 50 31.50 -12.51 66.83
N ILE C 51 32.62 -11.91 66.41
CA ILE C 51 33.77 -12.63 65.87
C ILE C 51 34.60 -13.10 67.06
N THR C 52 34.97 -14.38 67.07
CA THR C 52 35.72 -14.94 68.19
C THR C 52 37.06 -15.54 67.74
N ALA C 53 37.05 -16.31 66.65
CA ALA C 53 38.27 -16.91 66.13
C ALA C 53 38.60 -16.36 64.74
N VAL C 54 39.88 -16.30 64.38
CA VAL C 54 40.31 -15.86 63.05
C VAL C 54 41.58 -16.64 62.67
N ALA C 55 41.50 -17.52 61.66
CA ALA C 55 42.65 -18.32 61.27
C ALA C 55 43.20 -17.84 59.93
N ASP C 56 44.54 -17.75 59.79
CA ASP C 56 45.17 -17.38 58.53
C ASP C 56 46.69 -17.56 58.66
N PRO C 57 47.37 -18.25 57.72
CA PRO C 57 48.80 -18.49 57.82
C PRO C 57 49.71 -17.33 57.47
N THR C 58 49.16 -16.14 57.26
CA THR C 58 50.00 -14.98 56.95
C THR C 58 49.82 -13.96 58.06
N PRO C 59 50.87 -13.72 58.87
CA PRO C 59 50.73 -12.85 60.03
C PRO C 59 50.16 -11.47 59.70
N SER C 60 50.68 -10.82 58.65
CA SER C 60 50.23 -9.48 58.27
C SER C 60 48.74 -9.46 58.03
N SER C 61 48.19 -10.57 57.50
CA SER C 61 46.77 -10.68 57.25
C SER C 61 45.99 -10.71 58.57
N LEU C 62 46.46 -11.50 59.53
CA LEU C 62 45.82 -11.55 60.84
C LEU C 62 45.86 -10.16 61.49
N GLU C 63 46.96 -9.41 61.29
CA GLU C 63 47.09 -8.12 61.93
C GLU C 63 46.07 -7.14 61.36
N GLU C 64 45.97 -7.04 60.04
CA GLU C 64 45.09 -6.07 59.41
C GLU C 64 43.62 -6.41 59.73
N THR C 65 43.29 -7.69 59.68
CA THR C 65 41.94 -8.15 59.91
C THR C 65 41.55 -7.93 61.38
N ALA C 66 42.51 -8.09 62.29
CA ALA C 66 42.27 -7.85 63.70
C ALA C 66 42.02 -6.35 63.96
N ARG C 67 42.79 -5.48 63.27
CA ARG C 67 42.58 -4.04 63.36
C ARG C 67 41.14 -3.71 62.94
N GLU C 68 40.67 -4.34 61.85
CA GLU C 68 39.37 -4.04 61.27
C GLU C 68 38.28 -4.45 62.26
N ILE C 69 38.42 -5.64 62.87
CA ILE C 69 37.39 -6.15 63.77
C ILE C 69 37.19 -5.18 64.93
N GLY C 70 38.29 -4.68 65.49
CA GLY C 70 38.26 -3.57 66.44
C GLY C 70 38.02 -3.96 67.89
N TYR C 71 37.95 -5.27 68.18
CA TYR C 71 37.87 -5.78 69.54
C TYR C 71 38.65 -7.10 69.57
N ASP C 72 39.01 -7.57 70.76
CA ASP C 72 39.97 -8.66 70.82
C ASP C 72 39.33 -9.95 70.37
N VAL C 73 40.14 -10.73 69.65
CA VAL C 73 39.75 -12.05 69.18
C VAL C 73 40.98 -12.94 69.30
N GLN C 74 40.71 -14.24 69.41
CA GLN C 74 41.73 -15.27 69.33
C GLN C 74 42.15 -15.46 67.87
N THR C 75 43.47 -15.52 67.62
CA THR C 75 43.94 -15.74 66.27
C THR C 75 44.69 -17.07 66.23
N PHE C 76 44.66 -17.72 65.07
CA PHE C 76 45.41 -18.95 64.85
C PHE C 76 46.08 -18.84 63.49
N SER C 77 47.08 -19.67 63.23
CA SER C 77 47.70 -19.65 61.93
C SER C 77 47.27 -20.89 61.13
N ALA C 78 46.34 -21.68 61.69
CA ALA C 78 45.87 -22.87 61.00
C ALA C 78 44.44 -23.17 61.43
N HIS C 79 43.67 -23.74 60.51
CA HIS C 79 42.22 -23.74 60.66
C HIS C 79 41.80 -24.83 61.65
N LYS C 80 42.51 -25.97 61.64
CA LYS C 80 42.15 -27.10 62.50
C LYS C 80 42.23 -26.68 63.96
N ASP C 81 43.19 -25.81 64.30
CA ASP C 81 43.27 -25.23 65.63
C ASP C 81 41.99 -24.45 65.91
N LEU C 82 41.59 -23.58 64.99
CA LEU C 82 40.37 -22.81 65.17
C LEU C 82 39.19 -23.77 65.40
N LEU C 83 39.20 -24.92 64.70
CA LEU C 83 38.07 -25.85 64.70
C LEU C 83 37.99 -26.59 66.05
N ALA C 84 39.15 -26.75 66.71
CA ALA C 84 39.24 -27.40 68.00
C ALA C 84 39.04 -26.40 69.14
N SER C 85 38.94 -25.10 68.84
CA SER C 85 38.96 -24.08 69.87
C SER C 85 37.69 -24.13 70.71
N GLY C 86 36.56 -24.56 70.12
CA GLY C 86 35.29 -24.47 70.80
C GLY C 86 34.85 -23.02 71.03
N LEU C 87 35.39 -22.10 70.23
CA LEU C 87 35.10 -20.67 70.39
C LEU C 87 33.94 -20.21 69.51
N VAL C 88 33.38 -21.08 68.66
CA VAL C 88 32.59 -20.65 67.52
C VAL C 88 31.27 -21.41 67.41
N ASP C 89 30.24 -20.68 66.91
CA ASP C 89 28.96 -21.25 66.55
C ASP C 89 28.85 -21.46 65.03
N ALA C 90 29.58 -20.66 64.25
CA ALA C 90 29.42 -20.63 62.79
C ALA C 90 30.72 -20.18 62.11
N LEU C 91 30.96 -20.74 60.92
CA LEU C 91 32.19 -20.53 60.16
C LEU C 91 31.94 -19.67 58.92
N VAL C 92 32.99 -18.96 58.48
CA VAL C 92 33.03 -18.23 57.22
C VAL C 92 34.39 -18.53 56.61
N ILE C 93 34.39 -19.18 55.44
CA ILE C 93 35.64 -19.45 54.73
C ILE C 93 35.84 -18.38 53.67
N ALA C 94 36.96 -17.66 53.75
CA ALA C 94 37.30 -16.63 52.77
C ALA C 94 38.80 -16.73 52.45
N SER C 95 39.24 -17.99 52.27
CA SER C 95 40.60 -18.31 51.89
C SER C 95 40.69 -18.37 50.37
N PRO C 96 41.86 -18.63 49.73
CA PRO C 96 41.92 -18.80 48.28
C PRO C 96 41.13 -20.03 47.82
N ASN C 97 40.71 -19.98 46.56
CA ASN C 97 39.61 -20.79 46.03
C ASN C 97 39.91 -22.28 46.19
N ASP C 98 41.12 -22.69 45.82
CA ASP C 98 41.55 -24.09 45.81
C ASP C 98 41.72 -24.68 47.20
N THR C 99 41.61 -23.86 48.25
CA THR C 99 41.73 -24.34 49.60
C THR C 99 40.35 -24.62 50.20
N HIS C 100 39.27 -24.32 49.48
CA HIS C 100 37.94 -24.31 50.05
C HIS C 100 37.51 -25.74 50.38
N LEU C 101 37.90 -26.69 49.53
CA LEU C 101 37.54 -28.09 49.73
C LEU C 101 38.19 -28.66 50.99
N GLU C 102 39.54 -28.60 51.06
CA GLU C 102 40.25 -29.15 52.21
C GLU C 102 39.56 -28.70 53.49
N ILE C 103 39.28 -27.39 53.61
CA ILE C 103 38.73 -26.82 54.82
C ILE C 103 37.34 -27.38 55.11
N LEU C 104 36.56 -27.64 54.05
CA LEU C 104 35.22 -28.17 54.18
C LEU C 104 35.28 -29.65 54.57
N LYS C 105 36.16 -30.43 53.89
CA LYS C 105 36.37 -31.82 54.29
C LYS C 105 36.65 -31.88 55.79
N ASP C 106 37.54 -30.97 56.23
CA ASP C 106 37.99 -30.92 57.60
C ASP C 106 36.82 -30.56 58.51
N ILE C 107 35.97 -29.62 58.10
CA ILE C 107 34.84 -29.21 58.92
C ILE C 107 33.87 -30.38 59.03
N PHE C 108 33.75 -31.16 57.95
CA PHE C 108 32.79 -32.24 57.88
C PHE C 108 33.22 -33.39 58.79
N ALA C 109 34.52 -33.68 58.79
CA ALA C 109 35.10 -34.76 59.59
C ALA C 109 35.35 -34.34 61.03
N SER C 110 35.02 -33.10 61.41
CA SER C 110 35.42 -32.57 62.70
C SER C 110 34.48 -33.08 63.80
N GLY C 111 33.25 -33.42 63.45
CA GLY C 111 32.22 -33.66 64.44
C GLY C 111 31.84 -32.38 65.19
N THR C 112 32.20 -31.21 64.66
CA THR C 112 31.81 -29.95 65.28
C THR C 112 30.42 -29.55 64.78
N ASN C 113 30.04 -30.03 63.58
CA ASN C 113 28.73 -29.78 63.01
C ASN C 113 28.37 -28.29 63.04
N LEU C 114 29.27 -27.51 62.45
CA LEU C 114 29.14 -26.05 62.44
C LEU C 114 28.53 -25.60 61.11
N PRO C 115 27.64 -24.59 61.14
CA PRO C 115 27.22 -23.87 59.93
C PRO C 115 28.41 -23.24 59.22
N VAL C 116 28.39 -23.25 57.88
CA VAL C 116 29.48 -22.75 57.06
C VAL C 116 28.91 -21.78 56.03
N LEU C 117 29.53 -20.61 55.91
CA LEU C 117 29.38 -19.76 54.75
C LEU C 117 30.69 -19.80 53.96
N VAL C 118 30.72 -20.53 52.84
CA VAL C 118 31.95 -20.70 52.09
C VAL C 118 31.94 -19.80 50.85
N GLU C 119 33.00 -19.01 50.69
CA GLU C 119 33.07 -18.07 49.59
C GLU C 119 33.05 -18.80 48.25
N LYS C 120 32.53 -18.08 47.25
CA LYS C 120 32.63 -18.54 45.88
C LYS C 120 34.08 -18.46 45.41
N PRO C 121 34.48 -19.26 44.40
CA PRO C 121 33.72 -20.43 43.98
C PRO C 121 33.84 -21.54 45.02
N VAL C 122 32.80 -22.35 45.15
CA VAL C 122 32.78 -23.37 46.17
C VAL C 122 33.93 -24.36 45.94
N CYS C 123 34.33 -24.62 44.70
CA CYS C 123 35.56 -25.35 44.47
C CYS C 123 36.15 -25.02 43.09
N THR C 124 37.14 -25.77 42.62
CA THR C 124 37.95 -25.27 41.51
C THR C 124 38.33 -26.34 40.49
N SER C 125 37.78 -27.56 40.65
CA SER C 125 38.03 -28.61 39.68
C SER C 125 36.85 -29.57 39.70
N ALA C 126 36.85 -30.46 38.70
CA ALA C 126 35.80 -31.45 38.52
C ALA C 126 35.91 -32.53 39.60
N GLU C 127 37.13 -33.04 39.78
CA GLU C 127 37.46 -33.95 40.87
C GLU C 127 36.93 -33.36 42.19
N GLN C 128 37.25 -32.09 42.46
CA GLN C 128 36.87 -31.43 43.70
C GLN C 128 35.35 -31.41 43.86
N ALA C 129 34.65 -31.08 42.78
CA ALA C 129 33.20 -30.89 42.81
C ALA C 129 32.50 -32.23 43.05
N ASP C 130 32.99 -33.29 42.40
CA ASP C 130 32.49 -34.65 42.61
C ASP C 130 32.59 -35.02 44.09
N GLU C 131 33.79 -34.83 44.64
CA GLU C 131 34.07 -35.15 46.04
C GLU C 131 33.11 -34.36 46.93
N LEU C 132 33.08 -33.02 46.76
CA LEU C 132 32.28 -32.18 47.62
C LEU C 132 30.79 -32.55 47.54
N GLU C 133 30.34 -33.04 46.37
CA GLU C 133 28.94 -33.39 46.14
C GLU C 133 28.54 -34.53 47.09
N GLU C 134 29.35 -35.61 47.09
CA GLU C 134 29.10 -36.80 47.91
C GLU C 134 29.14 -36.42 49.39
N LEU C 135 30.20 -35.69 49.78
CA LEU C 135 30.45 -35.38 51.18
C LEU C 135 29.36 -34.45 51.72
N ALA C 136 28.97 -33.45 50.94
CA ALA C 136 28.07 -32.43 51.44
C ALA C 136 26.68 -33.00 51.70
N ALA C 137 26.39 -34.20 51.16
CA ALA C 137 25.07 -34.81 51.28
C ALA C 137 24.80 -35.23 52.73
N THR C 138 25.84 -35.78 53.37
CA THR C 138 25.71 -36.39 54.68
C THR C 138 25.84 -35.35 55.81
N TYR C 139 26.56 -34.26 55.56
CA TYR C 139 26.68 -33.19 56.55
C TYR C 139 25.31 -32.55 56.73
N THR C 140 24.99 -32.13 57.96
CA THR C 140 23.60 -31.78 58.26
C THR C 140 23.44 -30.31 58.61
N ALA C 141 24.54 -29.63 58.92
CA ALA C 141 24.44 -28.23 59.30
C ALA C 141 24.33 -27.34 58.06
N PRO C 142 23.75 -26.13 58.18
CA PRO C 142 23.67 -25.17 57.09
C PRO C 142 24.99 -24.94 56.37
N VAL C 143 25.02 -25.21 55.06
CA VAL C 143 26.14 -24.88 54.19
C VAL C 143 25.61 -23.99 53.05
N TRP C 144 26.07 -22.73 53.06
CA TRP C 144 25.63 -21.68 52.16
C TRP C 144 26.81 -21.24 51.29
N VAL C 145 26.63 -21.16 49.97
CA VAL C 145 27.69 -20.66 49.12
C VAL C 145 27.50 -19.16 48.92
N ALA C 146 28.56 -18.38 49.14
CA ALA C 146 28.45 -16.93 49.29
C ALA C 146 28.46 -16.23 47.93
N MET C 147 27.46 -16.55 47.11
CA MET C 147 27.20 -15.86 45.86
C MET C 147 26.06 -14.88 46.12
N GLU C 148 26.41 -13.59 46.26
CA GLU C 148 25.50 -12.63 46.89
C GLU C 148 24.86 -11.66 45.89
N TYR C 149 25.21 -11.78 44.60
CA TYR C 149 24.84 -10.81 43.58
C TYR C 149 23.31 -10.70 43.53
N ARG C 150 22.62 -11.83 43.71
CA ARG C 150 21.17 -11.85 43.66
C ARG C 150 20.49 -10.90 44.63
N TYR C 151 21.19 -10.42 45.68
CA TYR C 151 20.57 -9.57 46.69
C TYR C 151 20.78 -8.09 46.37
N MET C 152 21.61 -7.78 45.37
CA MET C 152 21.70 -6.39 44.94
C MET C 152 20.29 -5.92 44.59
N PRO C 153 19.78 -4.83 45.21
CA PRO C 153 18.43 -4.34 44.92
C PRO C 153 18.05 -4.28 43.44
N PRO C 154 18.87 -3.67 42.54
CA PRO C 154 18.53 -3.64 41.12
C PRO C 154 18.33 -5.04 40.54
N VAL C 155 19.18 -5.97 40.97
CA VAL C 155 19.12 -7.32 40.45
C VAL C 155 17.91 -8.03 41.05
N GLN C 156 17.45 -7.58 42.23
CA GLN C 156 16.24 -8.15 42.82
C GLN C 156 15.04 -7.90 41.91
N GLU C 157 14.90 -6.66 41.42
CA GLU C 157 13.77 -6.31 40.58
C GLU C 157 13.76 -7.20 39.34
N ILE C 158 14.88 -7.19 38.58
CA ILE C 158 15.07 -7.99 37.38
C ILE C 158 14.56 -9.41 37.61
N ILE C 159 14.88 -10.00 38.77
CA ILE C 159 14.52 -11.38 39.04
C ILE C 159 13.03 -11.51 39.34
N GLN C 160 12.46 -10.53 40.06
CA GLN C 160 11.04 -10.56 40.38
C GLN C 160 10.24 -10.47 39.08
N ALA C 161 10.61 -9.49 38.24
CA ALA C 161 9.98 -9.25 36.95
C ALA C 161 10.02 -10.53 36.10
N ALA C 162 11.17 -11.18 36.00
CA ALA C 162 11.28 -12.42 35.24
C ALA C 162 10.36 -13.50 35.81
N HIS C 163 10.30 -13.59 37.15
CA HIS C 163 9.58 -14.68 37.79
C HIS C 163 8.07 -14.44 37.74
N SER C 164 7.63 -13.18 37.74
CA SER C 164 6.21 -12.83 37.79
C SER C 164 5.51 -12.97 36.43
N GLY C 165 6.26 -13.36 35.38
CA GLY C 165 5.72 -13.48 34.04
C GLY C 165 5.50 -12.13 33.35
N LYS C 166 6.02 -11.04 33.93
CA LYS C 166 5.88 -9.70 33.39
C LYS C 166 6.69 -9.54 32.10
N LEU C 167 7.58 -10.50 31.78
CA LEU C 167 8.34 -10.49 30.54
C LEU C 167 7.74 -11.46 29.51
N GLY C 168 6.75 -12.25 29.93
CA GLY C 168 6.26 -13.35 29.11
C GLY C 168 7.24 -14.50 29.12
N ASN C 169 7.17 -15.41 28.14
CA ASN C 169 8.16 -16.46 28.01
C ASN C 169 9.53 -15.86 27.67
N ILE C 170 10.52 -16.26 28.47
CA ILE C 170 11.85 -15.67 28.40
C ILE C 170 12.67 -16.46 27.40
N HIS C 171 13.43 -15.75 26.57
CA HIS C 171 14.19 -16.37 25.50
C HIS C 171 15.66 -16.05 25.63
N MET C 172 16.01 -14.84 26.06
CA MET C 172 17.40 -14.42 26.07
C MET C 172 17.77 -13.67 27.35
N LEU C 173 18.99 -13.92 27.85
CA LEU C 173 19.55 -13.25 29.01
C LEU C 173 21.01 -12.91 28.71
N SER C 174 21.33 -11.61 28.70
CA SER C 174 22.68 -11.14 28.46
C SER C 174 23.24 -10.47 29.72
N ILE C 175 24.53 -10.71 29.97
CA ILE C 175 25.25 -10.17 31.11
C ILE C 175 26.58 -9.63 30.60
N VAL C 176 26.80 -8.34 30.83
CA VAL C 176 28.06 -7.74 30.41
C VAL C 176 28.74 -7.19 31.66
N GLU C 177 29.97 -7.65 31.91
CA GLU C 177 30.81 -7.05 32.93
C GLU C 177 32.03 -6.41 32.29
N HIS C 178 32.20 -5.10 32.53
CA HIS C 178 33.35 -4.33 32.08
C HIS C 178 34.03 -3.72 33.31
N ARG C 179 35.27 -4.13 33.59
CA ARG C 179 35.88 -3.84 34.87
C ARG C 179 37.42 -3.78 34.76
N PHE C 180 38.08 -3.66 35.92
CA PHE C 180 39.51 -3.39 36.06
C PHE C 180 40.24 -4.70 36.19
N PRO C 181 41.56 -4.76 35.90
CA PRO C 181 42.33 -5.99 36.05
C PRO C 181 42.22 -6.60 37.44
N PHE C 182 42.54 -7.90 37.52
CA PHE C 182 42.62 -8.60 38.79
C PHE C 182 43.51 -7.81 39.75
N LEU C 183 43.06 -7.70 40.99
CA LEU C 183 43.81 -6.98 42.02
C LEU C 183 44.97 -7.83 42.53
N HIS C 184 45.86 -7.19 43.29
CA HIS C 184 46.99 -7.86 43.93
C HIS C 184 46.55 -8.52 45.22
N LYS C 185 46.88 -9.81 45.37
CA LYS C 185 46.43 -10.59 46.51
C LYS C 185 47.65 -11.24 47.17
N VAL C 186 47.42 -11.78 48.36
CA VAL C 186 48.43 -12.46 49.17
C VAL C 186 48.96 -13.69 48.43
N ASP C 187 50.25 -13.69 48.05
CA ASP C 187 50.91 -14.84 47.44
C ASP C 187 50.48 -14.99 45.98
N ALA C 188 49.89 -13.93 45.42
CA ALA C 188 49.49 -13.89 44.01
C ALA C 188 48.58 -15.08 43.63
N TRP C 189 47.75 -15.59 44.56
CA TRP C 189 47.01 -16.83 44.33
C TRP C 189 46.05 -16.67 43.15
N ASN C 190 45.53 -15.46 42.94
CA ASN C 190 44.52 -15.20 41.91
C ASN C 190 45.13 -15.02 40.51
N ARG C 191 46.44 -15.27 40.33
CA ARG C 191 47.08 -15.16 39.02
C ARG C 191 47.19 -16.51 38.30
N PHE C 192 46.66 -17.58 38.89
CA PHE C 192 46.94 -18.94 38.40
C PHE C 192 45.65 -19.73 38.29
N ALA C 193 45.46 -20.31 37.10
CA ALA C 193 44.28 -21.09 36.79
C ALA C 193 44.12 -22.21 37.83
N GLU C 194 45.23 -22.87 38.18
CA GLU C 194 45.20 -24.06 39.03
C GLU C 194 44.76 -23.71 40.47
N ARG C 195 44.93 -22.44 40.88
CA ARG C 195 44.55 -22.00 42.21
C ARG C 195 43.14 -21.40 42.24
N THR C 196 42.66 -20.94 41.08
CA THR C 196 41.46 -20.14 40.98
C THR C 196 40.30 -20.93 40.37
N GLY C 197 40.64 -21.89 39.49
CA GLY C 197 39.69 -22.58 38.63
C GLY C 197 39.58 -21.94 37.23
N GLY C 198 40.44 -20.96 36.94
CA GLY C 198 40.28 -20.11 35.76
C GLY C 198 39.35 -18.93 36.01
N THR C 199 39.57 -17.86 35.24
CA THR C 199 38.81 -16.62 35.30
C THR C 199 37.30 -16.84 35.25
N LEU C 200 36.84 -17.78 34.42
CA LEU C 200 35.41 -18.03 34.24
C LEU C 200 34.81 -18.79 35.42
N VAL C 201 35.65 -19.32 36.31
CA VAL C 201 35.15 -19.87 37.56
C VAL C 201 35.26 -18.79 38.65
N GLU C 202 36.45 -18.19 38.73
CA GLU C 202 36.80 -17.23 39.78
C GLU C 202 35.85 -16.04 39.72
N LYS C 203 35.69 -15.45 38.53
CA LYS C 203 35.02 -14.17 38.40
C LYS C 203 33.55 -14.39 38.05
N CYS C 204 33.26 -15.46 37.27
CA CYS C 204 32.01 -15.51 36.53
C CYS C 204 30.97 -16.48 37.14
N CYS C 205 31.34 -17.23 38.18
CA CYS C 205 30.40 -18.20 38.73
C CYS C 205 29.14 -17.49 39.22
N HIS C 206 29.25 -16.26 39.75
CA HIS C 206 28.05 -15.58 40.24
C HIS C 206 27.07 -15.31 39.10
N PHE C 207 27.60 -15.16 37.87
CA PHE C 207 26.82 -14.88 36.69
C PHE C 207 26.16 -16.16 36.14
N PHE C 208 26.90 -17.28 36.12
CA PHE C 208 26.31 -18.55 35.74
C PHE C 208 25.22 -18.99 36.72
N ASP C 209 25.35 -18.57 37.98
CA ASP C 209 24.31 -18.83 38.96
C ASP C 209 23.07 -18.00 38.64
N LEU C 210 23.26 -16.68 38.42
CA LEU C 210 22.18 -15.76 38.06
C LEU C 210 21.38 -16.28 36.89
N MET C 211 22.08 -16.89 35.92
CA MET C 211 21.43 -17.50 34.77
C MET C 211 20.42 -18.54 35.25
N ARG C 212 20.88 -19.51 36.04
CA ARG C 212 20.00 -20.56 36.54
C ARG C 212 18.85 -19.95 37.37
N LEU C 213 19.13 -18.89 38.14
CA LEU C 213 18.12 -18.32 39.01
C LEU C 213 17.02 -17.61 38.19
N ILE C 214 17.45 -16.76 37.26
CA ILE C 214 16.53 -15.93 36.48
C ILE C 214 15.71 -16.80 35.51
N LEU C 215 16.38 -17.67 34.76
CA LEU C 215 15.75 -18.52 33.76
C LEU C 215 14.97 -19.65 34.42
N GLN C 216 15.24 -19.92 35.70
CA GLN C 216 14.70 -21.06 36.42
C GLN C 216 14.80 -22.31 35.57
N ASP C 217 16.00 -22.57 35.04
CA ASP C 217 16.19 -23.64 34.08
C ASP C 217 17.62 -24.16 34.24
N GLU C 218 17.91 -25.31 33.65
CA GLU C 218 19.21 -25.92 33.78
C GLU C 218 19.92 -25.87 32.43
N PRO C 219 21.23 -25.55 32.40
CA PRO C 219 21.97 -25.48 31.15
C PRO C 219 22.21 -26.85 30.55
N THR C 220 22.38 -26.88 29.23
CA THR C 220 22.50 -28.11 28.46
C THR C 220 23.75 -28.09 27.59
N ARG C 221 24.20 -26.90 27.20
CA ARG C 221 25.38 -26.74 26.36
C ARG C 221 26.02 -25.37 26.63
N ILE C 222 27.33 -25.29 26.40
CA ILE C 222 28.06 -24.05 26.61
C ILE C 222 29.25 -24.00 25.65
N TYR C 223 29.44 -22.82 25.06
CA TYR C 223 30.58 -22.53 24.21
C TYR C 223 31.14 -21.18 24.66
N ALA C 224 32.47 -21.02 24.56
CA ALA C 224 33.10 -19.77 24.95
C ALA C 224 34.36 -19.53 24.12
N SER C 225 34.71 -18.26 23.93
CA SER C 225 35.97 -17.87 23.33
C SER C 225 36.56 -16.72 24.14
N GLY C 226 37.76 -16.94 24.67
CA GLY C 226 38.44 -15.98 25.51
C GLY C 226 39.95 -16.06 25.33
N GLY C 227 40.62 -15.02 25.82
CA GLY C 227 42.07 -14.96 25.78
C GLY C 227 42.68 -14.24 26.97
N HIS C 228 43.97 -14.45 27.10
CA HIS C 228 44.84 -13.65 27.95
C HIS C 228 45.56 -12.67 27.03
N ASP C 229 44.97 -11.49 26.80
CA ASP C 229 45.42 -10.61 25.72
C ASP C 229 46.03 -9.29 26.19
N VAL C 230 45.80 -8.86 27.44
CA VAL C 230 46.30 -7.57 27.91
C VAL C 230 47.01 -7.66 29.26
N ASN C 231 46.42 -8.35 30.24
CA ASN C 231 46.77 -8.19 31.64
C ASN C 231 47.71 -9.30 32.08
N HIS C 232 48.67 -8.98 32.98
CA HIS C 232 49.44 -9.95 33.74
C HIS C 232 50.22 -10.91 32.82
N SER C 242 50.22 -15.04 34.68
CA SER C 242 50.58 -16.43 34.29
C SER C 242 49.66 -16.99 33.19
N ASP C 243 48.41 -17.35 33.53
CA ASP C 243 47.58 -18.09 32.58
C ASP C 243 46.08 -17.75 32.65
N MET C 244 45.72 -16.61 33.26
CA MET C 244 44.32 -16.27 33.45
C MET C 244 43.80 -15.44 32.28
N VAL C 245 42.58 -15.79 31.84
CA VAL C 245 41.84 -15.10 30.79
C VAL C 245 41.43 -13.70 31.26
N ASP C 246 41.52 -12.70 30.38
CA ASP C 246 41.10 -11.34 30.75
C ASP C 246 39.99 -10.79 29.85
N ASN C 247 39.47 -11.58 28.90
CA ASN C 247 38.29 -11.17 28.14
C ASN C 247 37.67 -12.39 27.50
N ALA C 248 36.34 -12.45 27.48
CA ALA C 248 35.66 -13.65 27.02
C ALA C 248 34.22 -13.37 26.65
N TYR C 249 33.72 -14.16 25.70
CA TYR C 249 32.30 -14.26 25.38
C TYR C 249 31.89 -15.70 25.66
N VAL C 250 30.69 -15.88 26.21
CA VAL C 250 30.18 -17.20 26.51
C VAL C 250 28.71 -17.26 26.08
N ILE C 251 28.33 -18.35 25.40
CA ILE C 251 26.95 -18.65 25.09
C ILE C 251 26.54 -19.94 25.81
N VAL C 252 25.37 -19.89 26.45
CA VAL C 252 24.85 -21.01 27.21
C VAL C 252 23.44 -21.34 26.72
N ASP C 253 23.22 -22.60 26.35
CA ASP C 253 21.89 -23.10 25.98
C ASP C 253 21.25 -23.82 27.17
N PHE C 254 19.92 -23.73 27.28
CA PHE C 254 19.15 -24.29 28.40
C PHE C 254 18.11 -25.30 27.94
N LYS C 255 17.58 -26.05 28.92
CA LYS C 255 16.72 -27.20 28.67
C LYS C 255 15.45 -26.76 27.93
N GLY C 256 14.95 -25.55 28.26
CA GLY C 256 13.67 -25.06 27.75
C GLY C 256 13.77 -24.13 26.54
N GLY C 257 14.89 -24.13 25.82
CA GLY C 257 15.02 -23.36 24.58
C GLY C 257 15.30 -21.87 24.80
N ARG C 258 15.82 -21.55 25.99
CA ARG C 258 16.31 -20.22 26.32
C ARG C 258 17.81 -20.21 26.10
N ARG C 259 18.42 -19.03 25.97
CA ARG C 259 19.84 -18.96 25.76
C ARG C 259 20.37 -17.72 26.48
N ALA C 260 21.61 -17.80 26.96
CA ALA C 260 22.21 -16.68 27.68
C ALA C 260 23.61 -16.43 27.15
N MET C 261 24.08 -15.22 27.38
CA MET C 261 25.37 -14.79 26.88
C MET C 261 26.04 -13.96 27.96
N LEU C 262 27.35 -14.23 28.14
CA LEU C 262 28.17 -13.47 29.06
C LEU C 262 29.33 -12.85 28.30
N GLU C 263 29.55 -11.55 28.55
CA GLU C 263 30.67 -10.79 28.02
C GLU C 263 31.48 -10.28 29.22
N LEU C 264 32.79 -10.53 29.21
CA LEU C 264 33.67 -10.08 30.28
C LEU C 264 34.86 -9.36 29.70
N SER C 265 35.14 -8.14 30.16
CA SER C 265 36.44 -7.53 29.94
C SER C 265 37.03 -7.04 31.25
N MET C 266 38.29 -7.45 31.52
CA MET C 266 39.03 -7.02 32.67
C MET C 266 39.92 -5.83 32.31
N PHE C 267 39.63 -5.09 31.24
CA PHE C 267 40.34 -3.85 30.96
C PHE C 267 39.39 -2.78 30.43
N ALA C 268 38.17 -2.75 31.00
CA ALA C 268 37.16 -1.81 30.55
C ALA C 268 36.66 -0.98 31.73
N GLU C 269 37.59 -0.55 32.59
CA GLU C 269 37.22 0.03 33.87
C GLU C 269 36.81 1.49 33.71
N GLY C 270 36.99 2.08 32.52
CA GLY C 270 36.50 3.43 32.22
C GLY C 270 34.98 3.52 32.25
N SER C 271 34.32 2.37 32.12
CA SER C 271 32.89 2.29 31.95
C SER C 271 32.13 2.69 33.23
N LYS C 272 31.39 3.79 33.20
CA LYS C 272 30.69 4.23 34.40
C LYS C 272 29.76 3.14 34.91
N PHE C 273 29.34 2.25 34.03
CA PHE C 273 28.52 1.11 34.43
C PHE C 273 29.36 -0.15 34.29
N GLN C 274 29.41 -0.94 35.35
CA GLN C 274 30.31 -2.08 35.36
C GLN C 274 29.58 -3.35 34.91
N GLU C 275 28.31 -3.46 35.30
CA GLU C 275 27.47 -4.57 34.88
C GLU C 275 26.29 -4.06 34.06
N ARG C 276 25.96 -4.79 32.98
CA ARG C 276 24.70 -4.62 32.26
C ARG C 276 24.01 -5.99 32.19
N ILE C 277 22.74 -6.04 32.60
CA ILE C 277 21.97 -7.27 32.55
C ILE C 277 20.63 -6.99 31.87
N SER C 278 20.38 -7.68 30.74
CA SER C 278 19.16 -7.52 29.96
C SER C 278 18.49 -8.88 29.83
N ILE C 279 17.16 -8.90 30.05
CA ILE C 279 16.34 -10.08 29.81
C ILE C 279 15.33 -9.74 28.72
N VAL C 280 15.13 -10.67 27.77
CA VAL C 280 14.21 -10.48 26.67
C VAL C 280 13.20 -11.64 26.68
N GLY C 281 11.95 -11.32 26.96
CA GLY C 281 10.85 -12.24 26.73
C GLY C 281 9.96 -11.80 25.56
N ASP C 282 8.92 -12.58 25.29
CA ASP C 282 8.05 -12.39 24.15
C ASP C 282 6.96 -11.36 24.45
N ALA C 283 6.93 -10.76 25.66
CA ALA C 283 6.06 -9.63 25.90
C ALA C 283 6.83 -8.36 26.25
N ALA C 284 8.04 -8.51 26.80
CA ALA C 284 8.78 -7.35 27.25
C ALA C 284 10.26 -7.67 27.46
N LYS C 285 11.01 -6.59 27.59
CA LYS C 285 12.42 -6.62 27.89
C LYS C 285 12.64 -5.81 29.18
N ILE C 286 13.63 -6.22 29.98
CA ILE C 286 14.06 -5.44 31.14
C ILE C 286 15.57 -5.45 31.20
N GLU C 287 16.15 -4.35 31.70
CA GLU C 287 17.58 -4.13 31.65
C GLU C 287 18.02 -3.25 32.82
N THR C 288 18.98 -3.74 33.62
CA THR C 288 19.55 -2.97 34.70
C THR C 288 21.00 -2.61 34.39
N LEU C 289 21.41 -1.42 34.85
CA LEU C 289 22.79 -0.99 34.78
C LEU C 289 23.34 -0.74 36.19
N ILE C 290 24.41 -1.47 36.56
CA ILE C 290 25.02 -1.39 37.88
C ILE C 290 26.31 -0.59 37.78
N PRO C 291 26.45 0.53 38.55
CA PRO C 291 27.66 1.35 38.52
C PRO C 291 28.84 0.74 39.28
N VAL C 292 30.03 1.21 38.93
CA VAL C 292 31.25 0.88 39.66
C VAL C 292 31.05 1.29 41.11
N ALA C 293 31.58 0.48 42.04
CA ALA C 293 31.56 0.80 43.46
C ALA C 293 32.38 2.07 43.73
N ALA C 294 31.99 2.82 44.76
CA ALA C 294 32.58 4.12 45.06
C ALA C 294 34.10 4.01 45.29
N ASN C 295 34.54 2.86 45.82
CA ASN C 295 35.95 2.55 46.07
C ASN C 295 36.78 2.64 44.79
N HIS C 296 36.25 2.19 43.64
CA HIS C 296 37.03 2.09 42.41
C HIS C 296 36.78 3.26 41.45
N TRP C 297 35.75 4.08 41.72
CA TRP C 297 35.34 5.16 40.83
C TRP C 297 35.89 6.51 41.32
N ILE C 298 35.65 7.58 40.55
CA ILE C 298 36.04 8.94 40.87
C ILE C 298 35.25 9.43 42.09
N GLU C 299 35.82 10.38 42.83
CA GLU C 299 35.33 10.83 44.13
C GLU C 299 34.00 11.58 44.03
N GLY C 300 33.78 12.37 42.97
CA GLY C 300 32.68 13.32 42.95
C GLY C 300 31.36 12.75 42.42
N ASP C 301 31.43 11.65 41.66
CA ASP C 301 30.33 11.32 40.74
C ASP C 301 29.98 9.84 40.86
N GLU C 302 29.62 9.40 42.07
CA GLU C 302 28.99 8.10 42.26
C GLU C 302 27.57 8.19 41.68
N THR C 303 27.30 7.37 40.65
CA THR C 303 26.00 7.29 39.98
C THR C 303 25.16 6.22 40.67
N GLU C 304 23.87 6.13 40.34
CA GLU C 304 22.98 5.13 40.91
C GLU C 304 22.57 4.11 39.84
N ALA C 305 22.13 2.93 40.29
CA ALA C 305 21.72 1.87 39.39
C ALA C 305 20.34 2.18 38.81
N THR C 306 20.13 1.79 37.54
CA THR C 306 18.88 2.00 36.84
C THR C 306 18.25 0.65 36.47
N VAL C 307 16.93 0.65 36.37
CA VAL C 307 16.17 -0.48 35.86
C VAL C 307 15.17 0.07 34.83
N GLU C 308 15.14 -0.55 33.63
CA GLU C 308 14.31 -0.08 32.53
C GLU C 308 13.42 -1.22 32.04
N PHE C 309 12.11 -1.00 32.08
CA PHE C 309 11.10 -1.97 31.61
C PHE C 309 10.56 -1.51 30.26
N SER C 310 10.61 -2.40 29.26
CA SER C 310 10.36 -2.05 27.88
C SER C 310 9.39 -3.06 27.26
N PRO C 311 8.06 -2.84 27.38
CA PRO C 311 7.09 -3.79 26.82
C PRO C 311 7.03 -3.58 25.31
N ARG C 312 6.73 -4.68 24.60
CA ARG C 312 6.60 -4.67 23.14
C ARG C 312 5.35 -3.91 22.73
N SER C 313 4.28 -4.05 23.52
CA SER C 313 2.96 -3.59 23.13
C SER C 313 2.13 -3.26 24.36
N PRO C 314 1.73 -1.99 24.58
CA PRO C 314 2.11 -0.89 23.71
C PRO C 314 3.51 -0.37 24.03
N LEU C 315 4.17 0.20 23.01
CA LEU C 315 5.45 0.85 23.23
C LEU C 315 5.32 1.86 24.38
N GLY C 316 6.38 1.98 25.19
CA GLY C 316 6.40 2.89 26.32
C GLY C 316 7.36 2.39 27.41
N PRO C 317 8.68 2.62 27.27
CA PRO C 317 9.63 2.18 28.29
C PRO C 317 9.58 3.05 29.54
N GLU C 318 9.75 2.41 30.71
CA GLU C 318 9.71 3.04 32.02
C GLU C 318 11.05 2.78 32.72
N LYS C 319 11.74 3.87 33.10
CA LYS C 319 13.05 3.76 33.73
C LYS C 319 13.07 4.49 35.07
N HIS C 320 13.60 3.83 36.11
CA HIS C 320 13.78 4.44 37.42
C HIS C 320 15.13 4.01 38.04
N GLU C 321 15.65 4.88 38.92
CA GLU C 321 16.82 4.59 39.76
C GLU C 321 16.42 3.63 40.88
N VAL C 322 17.41 2.88 41.39
CA VAL C 322 17.22 1.96 42.52
C VAL C 322 18.36 2.20 43.54
N SER C 337 24.78 -6.06 48.88
CA SER C 337 24.38 -7.49 48.76
C SER C 337 24.94 -8.32 49.91
N THR C 338 26.14 -7.99 50.39
CA THR C 338 26.82 -8.81 51.38
C THR C 338 26.02 -8.74 52.69
N TYR C 339 25.42 -7.57 52.97
CA TYR C 339 24.61 -7.37 54.16
C TYR C 339 23.43 -8.35 54.18
N TYR C 340 22.71 -8.42 53.04
CA TYR C 340 21.53 -9.26 52.95
C TYR C 340 21.95 -10.73 53.04
N GLU C 341 23.11 -11.06 52.46
CA GLU C 341 23.63 -12.41 52.53
C GLU C 341 23.76 -12.84 53.99
N HIS C 342 24.20 -11.88 54.82
CA HIS C 342 24.50 -12.17 56.21
C HIS C 342 23.22 -12.22 57.04
N LEU C 343 22.23 -11.35 56.74
CA LEU C 343 20.95 -11.41 57.43
C LEU C 343 20.33 -12.79 57.22
N GLY C 344 20.59 -13.37 56.04
CA GLY C 344 20.02 -14.66 55.67
C GLY C 344 20.79 -15.83 56.26
N TYR C 345 22.11 -15.67 56.39
CA TYR C 345 22.96 -16.70 57.00
C TYR C 345 22.62 -16.79 58.48
N ARG C 346 22.45 -15.63 59.12
CA ARG C 346 22.02 -15.53 60.50
C ARG C 346 20.75 -16.35 60.74
N LYS C 347 19.72 -16.09 59.93
CA LYS C 347 18.44 -16.78 60.05
C LYS C 347 18.59 -18.29 59.85
N ALA C 348 19.53 -18.74 59.01
CA ALA C 348 19.74 -20.16 58.81
C ALA C 348 20.43 -20.74 60.03
N ILE C 349 21.36 -19.96 60.62
CA ILE C 349 22.11 -20.39 61.78
C ILE C 349 21.14 -20.61 62.94
N LEU C 350 20.19 -19.68 63.10
CA LEU C 350 19.24 -19.70 64.22
C LEU C 350 18.10 -20.71 63.98
N GLY C 351 17.94 -21.19 62.75
CA GLY C 351 16.86 -22.11 62.41
C GLY C 351 15.57 -21.40 61.96
N GLU C 352 15.61 -20.06 61.88
CA GLU C 352 14.45 -19.23 61.54
C GLU C 352 14.40 -18.95 60.04
N GLY C 353 14.99 -19.80 59.19
CA GLY C 353 15.07 -19.50 57.77
C GLY C 353 15.68 -20.62 56.93
N PRO C 354 15.70 -20.47 55.59
CA PRO C 354 16.35 -21.44 54.69
C PRO C 354 17.75 -21.04 54.21
N VAL C 355 18.43 -22.00 53.56
CA VAL C 355 19.66 -21.76 52.84
C VAL C 355 19.33 -21.34 51.41
N ASP C 356 19.35 -20.03 51.14
CA ASP C 356 19.05 -19.48 49.82
C ASP C 356 19.99 -20.01 48.73
N VAL C 357 21.27 -20.23 49.05
CA VAL C 357 22.25 -20.53 48.01
C VAL C 357 23.02 -21.78 48.39
N THR C 358 22.58 -22.91 47.86
CA THR C 358 23.08 -24.19 48.35
C THR C 358 24.41 -24.55 47.72
N VAL C 359 24.99 -25.63 48.25
CA VAL C 359 26.14 -26.31 47.68
C VAL C 359 25.82 -26.67 46.23
N ALA C 360 24.60 -27.17 46.01
CA ALA C 360 24.17 -27.62 44.70
C ALA C 360 24.27 -26.45 43.73
N ASP C 361 23.72 -25.29 44.12
CA ASP C 361 23.90 -24.03 43.43
C ASP C 361 25.37 -23.75 43.11
N GLY C 362 26.25 -23.92 44.10
CA GLY C 362 27.66 -23.62 43.94
C GLY C 362 28.31 -24.53 42.91
N LEU C 363 27.94 -25.81 42.98
CA LEU C 363 28.50 -26.84 42.12
C LEU C 363 28.09 -26.65 40.67
N GLN C 364 26.85 -26.21 40.44
CA GLN C 364 26.39 -25.96 39.09
C GLN C 364 27.16 -24.80 38.48
N SER C 365 27.25 -23.69 39.22
CA SER C 365 27.94 -22.48 38.75
C SER C 365 29.39 -22.80 38.40
N VAL C 366 30.04 -23.64 39.21
CA VAL C 366 31.44 -24.00 39.00
C VAL C 366 31.57 -24.87 37.76
N ARG C 367 30.67 -25.86 37.65
CA ARG C 367 30.71 -26.78 36.52
C ARG C 367 30.46 -26.03 35.22
N MET C 368 29.60 -25.00 35.27
CA MET C 368 29.35 -24.14 34.11
C MET C 368 30.64 -23.42 33.73
N GLY C 369 31.28 -22.76 34.71
CA GLY C 369 32.53 -22.04 34.50
C GLY C 369 33.65 -22.94 33.99
N LEU C 370 33.73 -24.16 34.55
CA LEU C 370 34.76 -25.11 34.15
C LEU C 370 34.53 -25.56 32.71
N ALA C 371 33.29 -25.88 32.38
CA ALA C 371 32.95 -26.23 31.01
C ALA C 371 33.39 -25.11 30.06
N ALA C 372 33.11 -23.85 30.47
CA ALA C 372 33.44 -22.69 29.68
C ALA C 372 34.95 -22.54 29.48
N GLU C 373 35.72 -22.80 30.54
CA GLU C 373 37.17 -22.76 30.47
C GLU C 373 37.67 -23.86 29.53
N GLN C 374 36.95 -24.98 29.53
CA GLN C 374 37.31 -26.11 28.69
C GLN C 374 37.04 -25.79 27.22
N SER C 375 35.92 -25.09 26.99
CA SER C 375 35.52 -24.66 25.65
C SER C 375 36.52 -23.65 25.07
N ILE C 376 37.09 -22.80 25.91
CA ILE C 376 38.03 -21.81 25.42
C ILE C 376 39.28 -22.50 24.90
N ILE C 377 39.57 -23.69 25.44
CA ILE C 377 40.85 -24.34 25.21
C ILE C 377 40.77 -25.18 23.94
N GLU C 378 39.66 -25.91 23.78
CA GLU C 378 39.49 -26.87 22.70
C GLU C 378 38.73 -26.29 21.51
N GLY C 379 38.26 -25.04 21.58
CA GLY C 379 37.54 -24.40 20.48
C GLY C 379 36.23 -25.11 20.12
N ARG C 380 35.50 -25.60 21.13
CA ARG C 380 34.37 -26.47 20.90
C ARG C 380 33.37 -26.36 22.05
N ALA C 381 32.09 -26.57 21.74
CA ALA C 381 31.07 -26.53 22.76
C ALA C 381 31.20 -27.77 23.64
N VAL C 382 30.57 -27.68 24.81
CA VAL C 382 30.66 -28.70 25.84
C VAL C 382 29.25 -28.95 26.38
N GLU C 383 28.88 -30.22 26.58
CA GLU C 383 27.58 -30.61 27.09
C GLU C 383 27.57 -30.52 28.62
N LEU C 384 26.39 -30.34 29.23
CA LEU C 384 26.22 -30.35 30.68
C LEU C 384 25.00 -31.20 31.03
N HIS C 385 24.91 -31.65 32.29
CA HIS C 385 23.92 -32.67 32.68
C HIS C 385 22.99 -32.19 33.78
N ALA D 22 26.45 20.51 -11.99
CA ALA D 22 26.21 19.10 -11.60
C ALA D 22 26.24 18.22 -12.85
N GLN D 23 27.20 17.28 -12.91
CA GLN D 23 27.09 16.20 -13.89
C GLN D 23 25.82 15.42 -13.55
N THR D 24 25.19 14.85 -14.56
CA THR D 24 23.92 14.17 -14.36
C THR D 24 24.13 12.66 -14.51
N ILE D 25 23.56 11.90 -13.58
CA ILE D 25 23.56 10.45 -13.66
C ILE D 25 22.11 9.98 -13.79
N ARG D 26 21.93 9.09 -14.77
CA ARG D 26 20.65 8.47 -15.06
C ARG D 26 20.66 7.10 -14.39
N TYR D 27 19.74 6.91 -13.42
CA TYR D 27 19.74 5.71 -12.61
C TYR D 27 18.61 4.78 -13.06
N GLY D 28 18.95 3.51 -13.24
CA GLY D 28 17.96 2.47 -13.41
C GLY D 28 17.75 1.68 -12.13
N LEU D 29 16.49 1.54 -11.70
CA LEU D 29 16.11 0.73 -10.56
C LEU D 29 15.64 -0.63 -11.06
N ILE D 30 16.29 -1.71 -10.61
CA ILE D 30 15.84 -3.06 -10.84
C ILE D 30 15.31 -3.59 -9.50
N GLY D 31 14.01 -3.85 -9.42
CA GLY D 31 13.33 -4.00 -8.15
C GLY D 31 12.86 -2.63 -7.66
N ALA D 32 11.58 -2.53 -7.33
CA ALA D 32 10.94 -1.27 -7.04
C ALA D 32 9.98 -1.43 -5.88
N GLY D 33 10.49 -1.93 -4.76
CA GLY D 33 9.69 -2.06 -3.56
C GLY D 33 10.14 -1.08 -2.49
N HIS D 34 10.08 -1.56 -1.23
CA HIS D 34 10.25 -0.74 -0.05
C HIS D 34 11.62 -0.05 -0.08
N MET D 35 12.66 -0.82 -0.35
CA MET D 35 14.00 -0.28 -0.28
C MET D 35 14.28 0.60 -1.50
N ALA D 36 13.81 0.16 -2.67
CA ALA D 36 13.93 0.99 -3.87
C ALA D 36 13.41 2.40 -3.58
N ARG D 37 12.27 2.54 -2.88
CA ARG D 37 11.70 3.85 -2.60
C ARG D 37 12.54 4.65 -1.61
N GLU D 38 13.25 3.98 -0.71
CA GLU D 38 14.20 4.68 0.14
C GLU D 38 15.34 5.20 -0.73
N HIS D 39 15.85 4.43 -1.71
CA HIS D 39 16.87 4.96 -2.60
C HIS D 39 16.35 6.22 -3.31
N VAL D 40 15.06 6.24 -3.72
CA VAL D 40 14.61 7.35 -4.54
C VAL D 40 14.52 8.60 -3.68
N ARG D 41 14.02 8.48 -2.44
CA ARG D 41 13.91 9.64 -1.56
C ARG D 41 15.30 10.24 -1.29
N ASN D 42 16.34 9.39 -1.34
CA ASN D 42 17.70 9.80 -1.01
C ASN D 42 18.37 10.42 -2.24
N LEU D 43 18.18 9.81 -3.41
CA LEU D 43 18.65 10.37 -4.68
C LEU D 43 18.02 11.73 -4.94
N ALA D 44 16.82 11.96 -4.42
CA ALA D 44 16.13 13.24 -4.56
C ALA D 44 16.89 14.36 -3.86
N LEU D 45 17.76 14.02 -2.90
CA LEU D 45 18.49 15.02 -2.14
C LEU D 45 19.87 15.27 -2.77
N ILE D 46 20.21 14.54 -3.83
CA ILE D 46 21.54 14.61 -4.42
C ILE D 46 21.47 15.20 -5.82
N PRO D 47 21.85 16.50 -6.02
CA PRO D 47 21.92 17.11 -7.35
C PRO D 47 22.69 16.26 -8.38
N GLY D 48 22.16 16.21 -9.60
CA GLY D 48 22.72 15.39 -10.66
C GLY D 48 22.02 14.04 -10.81
N SER D 49 21.02 13.80 -9.94
CA SER D 49 20.43 12.47 -9.81
C SER D 49 19.07 12.43 -10.53
N LEU D 50 18.95 11.56 -11.55
CA LEU D 50 17.70 11.43 -12.29
C LEU D 50 17.38 9.95 -12.52
N ILE D 51 16.17 9.55 -12.10
CA ILE D 51 15.67 8.20 -12.34
C ILE D 51 15.07 8.18 -13.74
N THR D 52 15.43 7.17 -14.55
CA THR D 52 14.95 7.08 -15.92
C THR D 52 14.21 5.77 -16.15
N ALA D 53 14.79 4.65 -15.72
CA ALA D 53 14.18 3.34 -15.91
C ALA D 53 13.83 2.70 -14.56
N VAL D 54 12.78 1.88 -14.53
CA VAL D 54 12.40 1.15 -13.32
C VAL D 54 11.81 -0.20 -13.74
N ALA D 55 12.50 -1.30 -13.42
CA ALA D 55 12.03 -2.62 -13.82
C ALA D 55 11.57 -3.38 -12.59
N ASP D 56 10.40 -4.03 -12.67
CA ASP D 56 9.89 -4.85 -11.58
C ASP D 56 8.72 -5.66 -12.13
N PRO D 57 8.69 -7.00 -11.90
CA PRO D 57 7.60 -7.83 -12.42
C PRO D 57 6.29 -7.76 -11.63
N THR D 58 6.18 -6.84 -10.69
CA THR D 58 4.94 -6.69 -9.93
C THR D 58 4.39 -5.30 -10.21
N PRO D 59 3.26 -5.19 -10.95
CA PRO D 59 2.75 -3.89 -11.33
C PRO D 59 2.51 -2.95 -10.15
N SER D 60 1.91 -3.43 -9.05
CA SER D 60 1.63 -2.56 -7.91
C SER D 60 2.91 -1.88 -7.42
N SER D 61 4.02 -2.60 -7.53
CA SER D 61 5.30 -2.08 -7.11
C SER D 61 5.76 -0.94 -8.03
N LEU D 62 5.63 -1.14 -9.34
CA LEU D 62 5.95 -0.07 -10.29
C LEU D 62 5.10 1.16 -10.01
N GLU D 63 3.83 0.96 -9.66
CA GLU D 63 2.92 2.09 -9.47
C GLU D 63 3.37 2.89 -8.26
N GLU D 64 3.61 2.23 -7.11
CA GLU D 64 3.90 2.94 -5.88
C GLU D 64 5.23 3.66 -6.00
N THR D 65 6.20 2.97 -6.61
CA THR D 65 7.54 3.51 -6.78
C THR D 65 7.52 4.71 -7.73
N ALA D 66 6.66 4.65 -8.76
CA ALA D 66 6.51 5.77 -9.68
C ALA D 66 5.87 6.97 -8.98
N ARG D 67 4.90 6.73 -8.09
CA ARG D 67 4.26 7.79 -7.32
C ARG D 67 5.32 8.49 -6.49
N GLU D 68 6.22 7.71 -5.87
CA GLU D 68 7.23 8.24 -4.97
C GLU D 68 8.21 9.11 -5.74
N ILE D 69 8.66 8.63 -6.92
CA ILE D 69 9.64 9.34 -7.72
C ILE D 69 9.10 10.73 -8.07
N GLY D 70 7.82 10.82 -8.45
CA GLY D 70 7.11 12.08 -8.60
C GLY D 70 7.25 12.76 -9.96
N TYR D 71 7.94 12.09 -10.91
CA TYR D 71 8.07 12.59 -12.28
C TYR D 71 8.10 11.37 -13.20
N ASP D 72 7.87 11.57 -14.50
CA ASP D 72 7.64 10.46 -15.40
C ASP D 72 8.93 9.66 -15.59
N VAL D 73 8.79 8.34 -15.64
CA VAL D 73 9.87 7.43 -15.89
C VAL D 73 9.33 6.29 -16.74
N GLN D 74 10.23 5.69 -17.49
CA GLN D 74 9.94 4.50 -18.28
C GLN D 74 9.93 3.29 -17.34
N THR D 75 8.93 2.44 -17.46
CA THR D 75 8.85 1.26 -16.61
C THR D 75 8.94 0.02 -17.49
N PHE D 76 9.49 -1.06 -16.95
CA PHE D 76 9.52 -2.34 -17.62
C PHE D 76 9.11 -3.40 -16.60
N SER D 77 8.74 -4.58 -17.07
CA SER D 77 8.42 -5.64 -16.14
C SER D 77 9.55 -6.67 -16.13
N ALA D 78 10.62 -6.40 -16.88
CA ALA D 78 11.75 -7.32 -16.93
C ALA D 78 13.03 -6.52 -17.14
N HIS D 79 14.11 -7.00 -16.53
CA HIS D 79 15.30 -6.18 -16.35
C HIS D 79 16.10 -6.12 -17.65
N LYS D 80 16.10 -7.23 -18.41
CA LYS D 80 16.84 -7.29 -19.67
C LYS D 80 16.37 -6.19 -20.63
N ASP D 81 15.06 -5.93 -20.63
CA ASP D 81 14.50 -4.83 -21.40
C ASP D 81 15.11 -3.52 -20.92
N LEU D 82 15.13 -3.29 -19.61
CA LEU D 82 15.70 -2.06 -19.06
C LEU D 82 17.15 -1.94 -19.53
N LEU D 83 17.86 -3.08 -19.61
CA LEU D 83 19.28 -3.11 -19.92
C LEU D 83 19.54 -2.78 -21.39
N ALA D 84 18.56 -3.10 -22.24
CA ALA D 84 18.65 -2.81 -23.67
C ALA D 84 18.15 -1.40 -23.99
N SER D 85 17.57 -0.69 -23.00
CA SER D 85 16.88 0.55 -23.26
C SER D 85 17.86 1.65 -23.65
N GLY D 86 19.09 1.58 -23.15
CA GLY D 86 20.03 2.68 -23.32
C GLY D 86 19.60 3.92 -22.53
N LEU D 87 18.76 3.74 -21.48
CA LEU D 87 18.23 4.87 -20.74
C LEU D 87 19.07 5.26 -19.52
N VAL D 88 20.12 4.48 -19.20
CA VAL D 88 20.70 4.51 -17.87
C VAL D 88 22.24 4.62 -17.92
N ASP D 89 22.77 5.34 -16.92
CA ASP D 89 24.20 5.43 -16.67
C ASP D 89 24.63 4.48 -15.54
N ALA D 90 23.70 4.19 -14.61
CA ALA D 90 24.01 3.41 -13.42
C ALA D 90 22.78 2.62 -12.94
N LEU D 91 23.04 1.43 -12.39
CA LEU D 91 22.01 0.53 -11.91
C LEU D 91 21.97 0.48 -10.38
N VAL D 92 20.77 0.19 -9.85
CA VAL D 92 20.53 -0.08 -8.44
C VAL D 92 19.64 -1.30 -8.38
N ILE D 93 20.15 -2.40 -7.83
CA ILE D 93 19.34 -3.60 -7.65
C ILE D 93 18.78 -3.61 -6.24
N ALA D 94 17.46 -3.68 -6.11
CA ALA D 94 16.78 -3.77 -4.83
C ALA D 94 15.65 -4.80 -4.93
N SER D 95 15.94 -5.92 -5.60
CA SER D 95 15.04 -7.06 -5.71
C SER D 95 15.27 -8.00 -4.53
N PRO D 96 14.54 -9.14 -4.40
CA PRO D 96 14.80 -10.10 -3.33
C PRO D 96 16.18 -10.73 -3.47
N ASN D 97 16.69 -11.21 -2.32
CA ASN D 97 18.10 -11.49 -2.11
C ASN D 97 18.61 -12.52 -3.12
N ASP D 98 17.85 -13.62 -3.28
CA ASP D 98 18.23 -14.75 -4.10
C ASP D 98 18.19 -14.45 -5.61
N THR D 99 17.70 -13.26 -5.99
CA THR D 99 17.66 -12.87 -7.39
C THR D 99 18.87 -12.01 -7.75
N HIS D 100 19.74 -11.71 -6.78
CA HIS D 100 20.76 -10.69 -7.00
C HIS D 100 21.81 -11.18 -7.98
N LEU D 101 22.10 -12.49 -7.91
CA LEU D 101 23.08 -13.11 -8.78
C LEU D 101 22.60 -13.11 -10.23
N GLU D 102 21.42 -13.69 -10.50
CA GLU D 102 20.90 -13.76 -11.87
C GLU D 102 21.06 -12.40 -12.53
N ILE D 103 20.62 -11.33 -11.83
CA ILE D 103 20.58 -10.01 -12.42
C ILE D 103 21.99 -9.51 -12.70
N LEU D 104 22.94 -9.90 -11.84
CA LEU D 104 24.34 -9.50 -12.01
C LEU D 104 24.96 -10.30 -13.15
N LYS D 105 24.74 -11.62 -13.22
CA LYS D 105 25.19 -12.40 -14.36
C LYS D 105 24.74 -11.72 -15.64
N ASP D 106 23.46 -11.31 -15.66
CA ASP D 106 22.85 -10.71 -16.84
C ASP D 106 23.52 -9.37 -17.14
N ILE D 107 23.81 -8.57 -16.10
CA ILE D 107 24.43 -7.28 -16.33
C ILE D 107 25.85 -7.49 -16.86
N PHE D 108 26.49 -8.58 -16.41
CA PHE D 108 27.89 -8.84 -16.76
C PHE D 108 27.97 -9.28 -18.21
N ALA D 109 27.02 -10.11 -18.65
CA ALA D 109 26.96 -10.62 -20.01
C ALA D 109 26.35 -9.61 -20.99
N SER D 110 25.91 -8.44 -20.52
CA SER D 110 25.13 -7.53 -21.33
C SER D 110 26.01 -6.74 -22.30
N GLY D 111 27.29 -6.56 -21.95
CA GLY D 111 28.13 -5.63 -22.66
C GLY D 111 27.70 -4.18 -22.46
N THR D 112 26.90 -3.93 -21.42
CA THR D 112 26.50 -2.56 -21.12
C THR D 112 27.55 -1.89 -20.23
N ASN D 113 28.32 -2.69 -19.49
CA ASN D 113 29.39 -2.19 -18.62
C ASN D 113 28.88 -1.05 -17.73
N LEU D 114 27.81 -1.33 -17.00
CA LEU D 114 27.17 -0.32 -16.15
C LEU D 114 27.64 -0.49 -14.71
N PRO D 115 27.87 0.64 -13.99
CA PRO D 115 28.00 0.62 -12.53
C PRO D 115 26.75 0.06 -11.86
N VAL D 116 26.95 -0.73 -10.80
CA VAL D 116 25.87 -1.41 -10.09
C VAL D 116 26.01 -1.10 -8.61
N LEU D 117 24.91 -0.69 -7.98
CA LEU D 117 24.76 -0.73 -6.53
C LEU D 117 23.79 -1.86 -6.21
N VAL D 118 24.30 -3.00 -5.73
CA VAL D 118 23.46 -4.16 -5.49
C VAL D 118 23.20 -4.29 -3.99
N GLU D 119 21.92 -4.40 -3.61
CA GLU D 119 21.54 -4.42 -2.20
C GLU D 119 22.15 -5.63 -1.51
N LYS D 120 22.36 -5.48 -0.21
CA LYS D 120 22.78 -6.63 0.60
C LYS D 120 21.59 -7.59 0.73
N PRO D 121 21.83 -8.88 1.04
CA PRO D 121 23.13 -9.49 0.88
C PRO D 121 23.45 -9.68 -0.58
N VAL D 122 24.73 -9.62 -0.95
CA VAL D 122 25.10 -9.73 -2.34
C VAL D 122 24.69 -11.11 -2.89
N CYS D 123 24.67 -12.17 -2.08
CA CYS D 123 24.03 -13.39 -2.54
C CYS D 123 23.58 -14.24 -1.35
N THR D 124 23.18 -15.51 -1.55
CA THR D 124 22.41 -16.20 -0.53
C THR D 124 22.80 -17.66 -0.32
N SER D 125 23.84 -18.12 -1.02
CA SER D 125 24.29 -19.49 -0.84
C SER D 125 25.78 -19.55 -1.16
N ALA D 126 26.37 -20.70 -0.82
CA ALA D 126 27.78 -20.94 -1.02
C ALA D 126 28.08 -21.11 -2.50
N GLU D 127 27.28 -21.96 -3.17
CA GLU D 127 27.30 -22.11 -4.61
C GLU D 127 27.27 -20.72 -5.27
N GLN D 128 26.31 -19.89 -4.86
CA GLN D 128 26.12 -18.57 -5.46
C GLN D 128 27.38 -17.71 -5.30
N ALA D 129 27.95 -17.74 -4.09
CA ALA D 129 29.08 -16.88 -3.76
C ALA D 129 30.32 -17.29 -4.55
N ASP D 130 30.53 -18.62 -4.69
CA ASP D 130 31.62 -19.16 -5.50
C ASP D 130 31.51 -18.64 -6.92
N GLU D 131 30.32 -18.80 -7.50
CA GLU D 131 30.05 -18.35 -8.87
C GLU D 131 30.31 -16.85 -8.97
N LEU D 132 29.68 -16.06 -8.09
CA LEU D 132 29.80 -14.61 -8.17
C LEU D 132 31.26 -14.16 -8.01
N GLU D 133 32.07 -14.92 -7.25
CA GLU D 133 33.47 -14.58 -7.01
C GLU D 133 34.25 -14.61 -8.32
N GLU D 134 34.09 -15.71 -9.08
CA GLU D 134 34.75 -15.88 -10.38
C GLU D 134 34.28 -14.82 -11.36
N LEU D 135 32.96 -14.63 -11.45
CA LEU D 135 32.35 -13.75 -12.44
C LEU D 135 32.71 -12.30 -12.15
N ALA D 136 32.71 -11.90 -10.88
CA ALA D 136 32.89 -10.49 -10.55
C ALA D 136 34.32 -10.05 -10.87
N ALA D 137 35.23 -11.02 -11.06
CA ALA D 137 36.64 -10.72 -11.31
C ALA D 137 36.81 -10.06 -12.68
N THR D 138 36.09 -10.56 -13.67
CA THR D 138 36.26 -10.15 -15.06
C THR D 138 35.46 -8.87 -15.38
N TYR D 139 34.37 -8.62 -14.66
CA TYR D 139 33.61 -7.38 -14.84
C TYR D 139 34.47 -6.20 -14.40
N THR D 140 34.35 -5.07 -15.08
CA THR D 140 35.29 -3.99 -14.92
C THR D 140 34.65 -2.76 -14.31
N ALA D 141 33.33 -2.64 -14.36
CA ALA D 141 32.69 -1.42 -13.88
C ALA D 141 32.50 -1.49 -12.36
N PRO D 142 32.34 -0.31 -11.70
CA PRO D 142 32.06 -0.25 -10.27
C PRO D 142 30.90 -1.15 -9.83
N VAL D 143 31.17 -2.08 -8.91
CA VAL D 143 30.18 -2.89 -8.24
C VAL D 143 30.32 -2.69 -6.73
N TRP D 144 29.30 -2.08 -6.13
CA TRP D 144 29.25 -1.68 -4.73
C TRP D 144 28.14 -2.48 -4.04
N VAL D 145 28.42 -3.09 -2.89
CA VAL D 145 27.39 -3.79 -2.13
C VAL D 145 26.81 -2.81 -1.10
N ALA D 146 25.48 -2.70 -1.07
CA ALA D 146 24.81 -1.59 -0.37
C ALA D 146 24.61 -1.90 1.12
N MET D 147 25.74 -2.08 1.82
CA MET D 147 25.79 -2.22 3.25
C MET D 147 26.18 -0.85 3.80
N GLU D 148 25.20 -0.11 4.33
CA GLU D 148 25.29 1.31 4.50
C GLU D 148 25.49 1.72 5.95
N TYR D 149 25.46 0.76 6.91
CA TYR D 149 25.39 1.09 8.33
C TYR D 149 26.61 1.93 8.70
N ARG D 150 27.76 1.68 8.07
CA ARG D 150 28.98 2.41 8.39
C ARG D 150 28.84 3.92 8.21
N TYR D 151 27.86 4.40 7.43
CA TYR D 151 27.74 5.82 7.15
C TYR D 151 26.75 6.51 8.08
N MET D 152 26.07 5.74 8.96
CA MET D 152 25.26 6.37 9.98
C MET D 152 26.21 7.29 10.73
N PRO D 153 25.94 8.61 10.87
CA PRO D 153 26.84 9.50 11.59
C PRO D 153 27.36 8.99 12.93
N PRO D 154 26.51 8.49 13.86
CA PRO D 154 27.00 7.93 15.12
C PRO D 154 28.00 6.81 14.89
N VAL D 155 27.72 5.96 13.91
CA VAL D 155 28.59 4.81 13.67
C VAL D 155 29.86 5.29 12.96
N GLN D 156 29.81 6.44 12.31
CA GLN D 156 31.02 7.03 11.73
C GLN D 156 32.02 7.34 12.83
N GLU D 157 31.56 8.00 13.90
CA GLU D 157 32.44 8.36 14.99
C GLU D 157 33.12 7.11 15.54
N ILE D 158 32.33 6.12 15.97
CA ILE D 158 32.92 4.97 16.65
C ILE D 158 33.94 4.32 15.72
N ILE D 159 33.76 4.34 14.40
CA ILE D 159 34.73 3.74 13.50
C ILE D 159 35.99 4.61 13.40
N GLN D 160 35.82 5.94 13.38
CA GLN D 160 36.96 6.85 13.30
C GLN D 160 37.80 6.69 14.56
N ALA D 161 37.14 6.74 15.72
CA ALA D 161 37.77 6.58 17.02
C ALA D 161 38.56 5.27 17.06
N ALA D 162 37.96 4.16 16.65
CA ALA D 162 38.67 2.87 16.61
C ALA D 162 39.89 2.95 15.71
N HIS D 163 39.76 3.58 14.55
CA HIS D 163 40.81 3.55 13.55
C HIS D 163 41.93 4.54 13.92
N SER D 164 41.63 5.62 14.63
CA SER D 164 42.61 6.65 14.96
C SER D 164 43.49 6.26 16.15
N GLY D 165 43.27 5.07 16.75
CA GLY D 165 44.01 4.62 17.91
C GLY D 165 43.58 5.31 19.22
N LYS D 166 42.48 6.04 19.21
CA LYS D 166 41.94 6.70 20.40
C LYS D 166 41.37 5.66 21.40
N LEU D 167 41.22 4.41 20.98
CA LEU D 167 40.77 3.33 21.85
C LEU D 167 41.94 2.42 22.23
N GLY D 168 43.11 2.66 21.61
CA GLY D 168 44.23 1.74 21.69
C GLY D 168 43.97 0.50 20.85
N ASN D 169 44.70 -0.56 21.14
CA ASN D 169 44.55 -1.82 20.42
C ASN D 169 43.21 -2.45 20.81
N ILE D 170 42.45 -2.80 19.77
CA ILE D 170 41.08 -3.23 19.92
C ILE D 170 41.06 -4.74 20.14
N HIS D 171 40.22 -5.18 21.09
CA HIS D 171 40.14 -6.61 21.40
C HIS D 171 38.72 -7.14 21.20
N MET D 172 37.72 -6.30 21.47
CA MET D 172 36.36 -6.77 21.52
C MET D 172 35.40 -5.80 20.85
N LEU D 173 34.40 -6.40 20.15
CA LEU D 173 33.30 -5.68 19.56
C LEU D 173 31.99 -6.42 19.82
N SER D 174 31.07 -5.73 20.49
CA SER D 174 29.74 -6.26 20.72
C SER D 174 28.70 -5.45 19.96
N ILE D 175 27.72 -6.15 19.38
CA ILE D 175 26.66 -5.56 18.60
C ILE D 175 25.34 -6.17 19.05
N VAL D 176 24.44 -5.30 19.50
CA VAL D 176 23.13 -5.78 19.91
C VAL D 176 22.08 -5.12 19.04
N GLU D 177 21.26 -5.93 18.35
CA GLU D 177 20.06 -5.41 17.71
C GLU D 177 18.81 -5.99 18.36
N HIS D 178 17.96 -5.08 18.87
CA HIS D 178 16.68 -5.43 19.46
C HIS D 178 15.58 -4.70 18.69
N ARG D 179 14.72 -5.47 18.00
CA ARG D 179 13.84 -4.89 17.00
C ARG D 179 12.55 -5.68 16.85
N PHE D 180 11.74 -5.23 15.88
CA PHE D 180 10.40 -5.71 15.61
C PHE D 180 10.50 -6.85 14.60
N PRO D 181 9.50 -7.75 14.52
CA PRO D 181 9.54 -8.85 13.56
C PRO D 181 9.78 -8.37 12.14
N PHE D 182 10.16 -9.30 11.28
CA PHE D 182 10.33 -9.02 9.87
C PHE D 182 9.08 -8.31 9.34
N LEU D 183 9.27 -7.31 8.49
CA LEU D 183 8.15 -6.59 7.90
C LEU D 183 7.57 -7.42 6.74
N HIS D 184 6.41 -6.96 6.25
CA HIS D 184 5.71 -7.61 5.15
C HIS D 184 6.28 -7.12 3.82
N LYS D 185 6.62 -8.05 2.94
CA LYS D 185 7.24 -7.73 1.66
C LYS D 185 6.48 -8.45 0.55
N VAL D 186 6.83 -8.14 -0.70
CA VAL D 186 6.12 -8.59 -1.89
C VAL D 186 6.31 -10.10 -2.03
N ASP D 187 5.23 -10.90 -1.92
CA ASP D 187 5.28 -12.35 -2.14
C ASP D 187 5.89 -13.02 -0.93
N ALA D 188 5.99 -12.30 0.19
CA ALA D 188 6.51 -12.84 1.44
C ALA D 188 7.90 -13.48 1.28
N TRP D 189 8.74 -12.97 0.36
CA TRP D 189 10.02 -13.58 0.04
C TRP D 189 10.92 -13.64 1.28
N ASN D 190 10.79 -12.66 2.19
CA ASN D 190 11.65 -12.56 3.36
C ASN D 190 11.25 -13.50 4.49
N ARG D 191 10.27 -14.40 4.29
CA ARG D 191 9.88 -15.36 5.31
C ARG D 191 10.56 -16.71 5.13
N PHE D 192 11.45 -16.86 4.13
CA PHE D 192 12.00 -18.15 3.73
C PHE D 192 13.52 -18.11 3.62
N ALA D 193 14.14 -19.04 4.35
CA ALA D 193 15.58 -19.17 4.40
C ALA D 193 16.15 -19.29 2.99
N GLU D 194 15.51 -20.08 2.11
CA GLU D 194 16.05 -20.36 0.79
C GLU D 194 16.03 -19.14 -0.12
N ARG D 195 15.19 -18.14 0.19
CA ARG D 195 15.11 -16.92 -0.60
C ARG D 195 15.98 -15.81 -0.04
N THR D 196 16.30 -15.92 1.26
CA THR D 196 16.92 -14.84 2.01
C THR D 196 18.37 -15.13 2.31
N GLY D 197 18.70 -16.43 2.44
CA GLY D 197 20.00 -16.88 2.94
C GLY D 197 19.96 -17.22 4.43
N GLY D 198 18.77 -17.16 5.05
CA GLY D 198 18.61 -17.22 6.49
C GLY D 198 18.75 -15.84 7.12
N THR D 199 18.11 -15.66 8.31
CA THR D 199 18.11 -14.42 9.09
C THR D 199 19.51 -13.87 9.30
N LEU D 200 20.49 -14.73 9.56
CA LEU D 200 21.86 -14.31 9.86
C LEU D 200 22.57 -13.81 8.60
N VAL D 201 22.03 -14.07 7.40
CA VAL D 201 22.55 -13.48 6.18
C VAL D 201 21.73 -12.23 5.85
N GLU D 202 20.40 -12.37 5.88
CA GLU D 202 19.47 -11.33 5.49
C GLU D 202 19.65 -10.11 6.39
N LYS D 203 19.64 -10.34 7.70
CA LYS D 203 19.54 -9.24 8.65
C LYS D 203 20.94 -8.84 9.11
N CYS D 204 21.85 -9.82 9.23
CA CYS D 204 23.03 -9.68 10.05
C CYS D 204 24.30 -9.48 9.22
N CYS D 205 24.23 -9.57 7.89
CA CYS D 205 25.42 -9.39 7.08
C CYS D 205 25.99 -8.00 7.29
N HIS D 206 25.14 -6.98 7.53
CA HIS D 206 25.62 -5.62 7.83
C HIS D 206 26.57 -5.64 9.01
N PHE D 207 26.26 -6.49 9.99
CA PHE D 207 26.96 -6.58 11.25
C PHE D 207 28.26 -7.38 11.13
N PHE D 208 28.24 -8.50 10.39
CA PHE D 208 29.47 -9.24 10.10
C PHE D 208 30.43 -8.39 9.26
N ASP D 209 29.90 -7.48 8.44
CA ASP D 209 30.75 -6.54 7.71
C ASP D 209 31.39 -5.57 8.68
N LEU D 210 30.57 -4.95 9.55
CA LEU D 210 31.04 -3.98 10.54
C LEU D 210 32.18 -4.56 11.37
N MET D 211 32.09 -5.85 11.67
CA MET D 211 33.11 -6.56 12.40
C MET D 211 34.43 -6.44 11.64
N ARG D 212 34.43 -6.86 10.37
CA ARG D 212 35.63 -6.82 9.55
C ARG D 212 36.14 -5.38 9.44
N LEU D 213 35.24 -4.41 9.32
CA LEU D 213 35.67 -3.02 9.14
C LEU D 213 36.32 -2.47 10.41
N ILE D 214 35.66 -2.65 11.56
CA ILE D 214 36.09 -2.04 12.81
C ILE D 214 37.35 -2.72 13.32
N LEU D 215 37.35 -4.07 13.35
CA LEU D 215 38.47 -4.84 13.85
C LEU D 215 39.61 -4.89 12.84
N GLN D 216 39.35 -4.49 11.60
CA GLN D 216 40.34 -4.53 10.54
C GLN D 216 41.01 -5.91 10.49
N ASP D 217 40.21 -6.98 10.51
CA ASP D 217 40.74 -8.34 10.65
C ASP D 217 39.80 -9.32 9.94
N GLU D 218 40.22 -10.57 9.74
CA GLU D 218 39.42 -11.55 9.03
C GLU D 218 38.98 -12.65 9.99
N PRO D 219 37.72 -13.11 9.94
CA PRO D 219 37.24 -14.14 10.85
C PRO D 219 37.80 -15.52 10.53
N THR D 220 37.84 -16.38 11.57
CA THR D 220 38.47 -17.69 11.49
C THR D 220 37.52 -18.76 11.99
N ARG D 221 36.58 -18.40 12.86
CA ARG D 221 35.69 -19.36 13.49
C ARG D 221 34.42 -18.63 13.95
N ILE D 222 33.30 -19.35 13.94
CA ILE D 222 32.04 -18.78 14.34
C ILE D 222 31.21 -19.87 15.02
N TYR D 223 30.56 -19.47 16.13
CA TYR D 223 29.56 -20.31 16.77
C TYR D 223 28.32 -19.45 16.98
N ALA D 224 27.16 -20.09 16.85
CA ALA D 224 25.90 -19.38 16.98
C ALA D 224 24.84 -20.31 17.55
N SER D 225 23.94 -19.75 18.34
CA SER D 225 22.82 -20.50 18.90
C SER D 225 21.58 -19.64 18.79
N GLY D 226 20.62 -20.12 17.99
CA GLY D 226 19.43 -19.37 17.68
C GLY D 226 18.23 -20.28 17.42
N GLY D 227 17.08 -19.66 17.19
CA GLY D 227 15.84 -20.38 16.99
C GLY D 227 14.78 -19.55 16.29
N HIS D 228 13.76 -20.27 15.80
CA HIS D 228 12.50 -19.69 15.43
C HIS D 228 11.54 -19.93 16.60
N ASP D 229 11.46 -18.98 17.55
CA ASP D 229 10.79 -19.26 18.80
C ASP D 229 9.49 -18.47 19.01
N VAL D 230 9.29 -17.34 18.29
CA VAL D 230 8.18 -16.44 18.62
C VAL D 230 7.37 -16.00 17.38
N ASN D 231 8.04 -15.67 16.27
CA ASN D 231 7.46 -14.80 15.25
C ASN D 231 6.79 -15.57 14.12
N HIS D 232 5.79 -14.91 13.51
CA HIS D 232 5.19 -15.32 12.26
C HIS D 232 4.51 -16.68 12.40
N MET D 233 3.97 -17.03 13.56
CA MET D 233 3.55 -18.42 13.78
C MET D 233 2.15 -18.63 13.19
N ASP D 234 1.36 -17.55 13.05
CA ASP D 234 0.00 -17.63 12.53
C ASP D 234 -0.08 -17.14 11.08
N GLU D 235 1.06 -17.01 10.39
CA GLU D 235 1.12 -16.57 9.00
C GLU D 235 1.38 -17.79 8.12
N VAL D 236 0.41 -18.15 7.26
CA VAL D 236 0.53 -19.31 6.39
C VAL D 236 0.61 -18.81 4.95
N TYR D 237 1.58 -19.33 4.18
CA TYR D 237 1.76 -18.95 2.79
C TYR D 237 1.67 -20.19 1.89
N ASP D 238 0.46 -20.53 1.46
CA ASP D 238 0.23 -21.72 0.66
C ASP D 238 0.69 -22.97 1.42
N GLY D 239 0.29 -23.04 2.69
CA GLY D 239 0.59 -24.17 3.56
C GLY D 239 1.92 -24.05 4.33
N LEU D 240 2.73 -23.03 4.07
CA LEU D 240 4.04 -22.92 4.70
C LEU D 240 4.02 -21.86 5.81
N ILE D 241 4.78 -22.12 6.88
CA ILE D 241 5.17 -21.16 7.90
C ILE D 241 6.62 -20.77 7.67
N SER D 242 6.99 -19.58 8.16
CA SER D 242 8.34 -19.06 8.11
C SER D 242 9.32 -20.08 8.72
N ASP D 243 10.47 -20.31 8.06
CA ASP D 243 11.53 -21.09 8.68
C ASP D 243 12.67 -20.19 9.20
N MET D 244 12.43 -18.88 9.35
CA MET D 244 13.48 -17.93 9.66
C MET D 244 13.64 -17.79 11.17
N VAL D 245 14.92 -17.69 11.56
CA VAL D 245 15.35 -17.48 12.93
C VAL D 245 14.92 -16.08 13.40
N ASP D 246 14.45 -15.99 14.65
CA ASP D 246 14.04 -14.70 15.19
C ASP D 246 14.84 -14.29 16.44
N ASN D 247 15.81 -15.09 16.89
CA ASN D 247 16.71 -14.66 17.95
C ASN D 247 17.98 -15.50 17.90
N ALA D 248 19.12 -14.88 18.19
CA ALA D 248 20.38 -15.59 18.13
C ALA D 248 21.46 -14.84 18.90
N TYR D 249 22.42 -15.63 19.44
CA TYR D 249 23.71 -15.12 19.84
C TYR D 249 24.77 -15.70 18.91
N VAL D 250 25.73 -14.86 18.54
CA VAL D 250 26.84 -15.29 17.70
C VAL D 250 28.15 -14.81 18.31
N ILE D 251 29.14 -15.72 18.37
CA ILE D 251 30.51 -15.37 18.70
C ILE D 251 31.39 -15.63 17.48
N VAL D 252 32.24 -14.65 17.18
CA VAL D 252 33.15 -14.76 16.05
C VAL D 252 34.57 -14.53 16.53
N ASP D 253 35.46 -15.47 16.17
CA ASP D 253 36.89 -15.36 16.41
C ASP D 253 37.59 -14.88 15.14
N PHE D 254 38.67 -14.10 15.33
CA PHE D 254 39.41 -13.48 14.25
C PHE D 254 40.88 -13.91 14.24
N LYS D 255 41.57 -13.61 13.12
CA LYS D 255 42.91 -14.11 12.82
C LYS D 255 43.89 -13.61 13.88
N GLY D 256 43.72 -12.35 14.32
CA GLY D 256 44.67 -11.68 15.19
C GLY D 256 44.24 -11.65 16.65
N GLY D 257 43.38 -12.60 17.07
CA GLY D 257 43.05 -12.80 18.48
C GLY D 257 42.02 -11.80 19.03
N ARG D 258 41.24 -11.20 18.12
CA ARG D 258 40.13 -10.34 18.48
C ARG D 258 38.84 -11.17 18.50
N ARG D 259 37.81 -10.66 19.18
CA ARG D 259 36.58 -11.43 19.18
C ARG D 259 35.39 -10.50 19.15
N ALA D 260 34.32 -10.96 18.47
CA ALA D 260 33.11 -10.16 18.45
C ALA D 260 31.91 -11.02 18.80
N MET D 261 30.89 -10.32 19.30
CA MET D 261 29.64 -10.99 19.66
C MET D 261 28.45 -10.21 19.10
N LEU D 262 27.50 -10.98 18.53
CA LEU D 262 26.28 -10.39 18.02
C LEU D 262 25.08 -11.01 18.76
N GLU D 263 24.19 -10.11 19.22
CA GLU D 263 22.93 -10.46 19.84
C GLU D 263 21.80 -9.90 18.98
N LEU D 264 20.88 -10.79 18.56
CA LEU D 264 19.75 -10.36 17.76
C LEU D 264 18.44 -10.84 18.39
N SER D 265 17.50 -9.92 18.62
CA SER D 265 16.13 -10.32 18.88
C SER D 265 15.18 -9.57 17.96
N MET D 266 14.32 -10.31 17.26
CA MET D 266 13.29 -9.75 16.41
C MET D 266 11.96 -9.66 17.18
N PHE D 267 11.98 -9.67 18.51
CA PHE D 267 10.78 -9.39 19.28
C PHE D 267 11.11 -8.52 20.50
N ALA D 268 12.01 -7.56 20.30
CA ALA D 268 12.42 -6.68 21.38
C ALA D 268 12.20 -5.22 20.99
N GLU D 269 11.05 -4.95 20.35
CA GLU D 269 10.83 -3.66 19.74
C GLU D 269 10.44 -2.59 20.77
N GLY D 270 10.19 -3.00 22.04
CA GLY D 270 9.95 -2.06 23.12
C GLY D 270 11.17 -1.16 23.41
N SER D 271 12.34 -1.63 22.98
CA SER D 271 13.61 -1.03 23.33
C SER D 271 13.81 0.31 22.64
N LYS D 272 13.86 1.40 23.43
CA LYS D 272 14.02 2.74 22.87
C LYS D 272 15.23 2.78 21.95
N PHE D 273 16.22 1.95 22.25
CA PHE D 273 17.42 1.87 21.43
C PHE D 273 17.42 0.53 20.71
N GLN D 274 17.60 0.59 19.39
CA GLN D 274 17.43 -0.60 18.57
C GLN D 274 18.77 -1.27 18.34
N GLU D 275 19.83 -0.46 18.17
CA GLU D 275 21.19 -0.96 18.09
C GLU D 275 22.03 -0.46 19.27
N ARG D 276 22.88 -1.37 19.80
CA ARG D 276 23.98 -1.00 20.69
C ARG D 276 25.27 -1.55 20.10
N ILE D 277 26.27 -0.69 19.94
CA ILE D 277 27.58 -1.12 19.47
C ILE D 277 28.66 -0.59 20.43
N SER D 278 29.39 -1.52 21.07
CA SER D 278 30.50 -1.19 21.96
C SER D 278 31.80 -1.76 21.41
N ILE D 279 32.83 -0.93 21.39
CA ILE D 279 34.18 -1.37 21.07
C ILE D 279 35.06 -1.18 22.30
N VAL D 280 35.87 -2.21 22.59
CA VAL D 280 36.72 -2.19 23.78
C VAL D 280 38.18 -2.39 23.34
N GLY D 281 38.96 -1.31 23.51
CA GLY D 281 40.40 -1.39 23.38
C GLY D 281 41.10 -1.29 24.74
N ASP D 282 42.43 -1.36 24.68
CA ASP D 282 43.27 -1.43 25.87
C ASP D 282 43.53 -0.04 26.44
N ALA D 283 42.99 1.04 25.85
CA ALA D 283 43.07 2.36 26.47
C ALA D 283 41.69 2.95 26.76
N ALA D 284 40.68 2.50 26.02
CA ALA D 284 39.35 3.08 26.16
C ALA D 284 38.30 2.17 25.52
N LYS D 285 37.06 2.49 25.89
CA LYS D 285 35.87 1.88 25.33
C LYS D 285 35.01 2.98 24.71
N ILE D 286 34.31 2.65 23.62
CA ILE D 286 33.33 3.55 23.04
C ILE D 286 32.08 2.77 22.67
N GLU D 287 30.94 3.44 22.81
CA GLU D 287 29.65 2.78 22.70
C GLU D 287 28.61 3.75 22.14
N THR D 288 27.98 3.36 21.03
CA THR D 288 26.94 4.19 20.43
C THR D 288 25.60 3.47 20.56
N LEU D 289 24.56 4.28 20.81
CA LEU D 289 23.20 3.77 20.89
C LEU D 289 22.34 4.42 19.80
N ILE D 290 21.75 3.58 18.93
CA ILE D 290 20.97 4.04 17.80
C ILE D 290 19.49 3.83 18.11
N PRO D 291 18.66 4.89 18.06
CA PRO D 291 17.23 4.76 18.36
C PRO D 291 16.43 4.16 17.20
N VAL D 292 15.23 3.68 17.55
CA VAL D 292 14.28 3.24 16.55
C VAL D 292 13.98 4.42 15.63
N ALA D 293 13.81 4.16 14.32
CA ALA D 293 13.39 5.17 13.35
C ALA D 293 12.03 5.75 13.72
N ALA D 294 11.81 7.04 13.41
CA ALA D 294 10.59 7.75 13.81
C ALA D 294 9.31 7.04 13.32
N ASN D 295 9.40 6.40 12.14
CA ASN D 295 8.32 5.66 11.53
C ASN D 295 7.83 4.53 12.43
N HIS D 296 8.72 3.83 13.14
CA HIS D 296 8.34 2.64 13.89
C HIS D 296 8.14 2.91 15.39
N TRP D 297 8.51 4.11 15.87
CA TRP D 297 8.43 4.46 17.28
C TRP D 297 7.17 5.29 17.54
N ILE D 298 6.96 5.67 18.81
CA ILE D 298 5.86 6.52 19.28
C ILE D 298 6.01 7.93 18.68
N GLU D 299 4.88 8.63 18.52
CA GLU D 299 4.83 9.87 17.75
C GLU D 299 5.50 11.04 18.49
N GLY D 300 5.41 11.07 19.82
CA GLY D 300 5.83 12.25 20.57
C GLY D 300 7.26 12.21 21.08
N ASP D 301 8.03 11.15 20.79
CA ASP D 301 9.12 10.73 21.66
C ASP D 301 10.37 10.42 20.84
N GLU D 302 10.75 11.35 19.95
CA GLU D 302 11.92 11.16 19.10
C GLU D 302 13.19 11.33 19.95
N THR D 303 13.95 10.24 20.11
CA THR D 303 15.24 10.27 20.78
C THR D 303 16.33 10.48 19.73
N GLU D 304 17.51 10.89 20.17
CA GLU D 304 18.67 11.04 19.31
C GLU D 304 19.71 9.96 19.64
N ALA D 305 20.62 9.70 18.70
CA ALA D 305 21.68 8.73 18.92
C ALA D 305 22.75 9.34 19.83
N THR D 306 23.37 8.50 20.68
CA THR D 306 24.41 8.91 21.59
C THR D 306 25.71 8.20 21.21
N VAL D 307 26.83 8.87 21.54
CA VAL D 307 28.15 8.25 21.52
C VAL D 307 28.81 8.53 22.86
N GLU D 308 29.34 7.48 23.51
CA GLU D 308 29.95 7.59 24.83
C GLU D 308 31.36 7.06 24.79
N PHE D 309 32.32 7.93 25.14
CA PHE D 309 33.73 7.59 25.21
C PHE D 309 34.14 7.41 26.67
N SER D 310 34.78 6.26 26.95
CA SER D 310 35.06 5.84 28.31
C SER D 310 36.53 5.41 28.41
N PRO D 311 37.46 6.35 28.70
CA PRO D 311 38.88 5.99 28.80
C PRO D 311 39.11 5.31 30.14
N ARG D 312 40.11 4.42 30.17
CA ARG D 312 40.51 3.70 31.38
C ARG D 312 41.16 4.66 32.38
N SER D 313 41.93 5.63 31.86
CA SER D 313 42.79 6.44 32.72
C SER D 313 43.09 7.77 32.03
N PRO D 314 42.66 8.92 32.58
CA PRO D 314 41.87 8.97 33.81
C PRO D 314 40.40 8.65 33.59
N LEU D 315 39.76 8.07 34.59
CA LEU D 315 38.31 7.87 34.57
C LEU D 315 37.67 9.22 34.27
N GLY D 316 36.57 9.17 33.50
CA GLY D 316 35.86 10.35 33.04
C GLY D 316 35.17 10.09 31.70
N PRO D 317 33.99 9.43 31.71
CA PRO D 317 33.27 9.19 30.47
C PRO D 317 32.59 10.46 29.95
N GLU D 318 32.60 10.60 28.61
CA GLU D 318 32.09 11.75 27.89
C GLU D 318 31.01 11.26 26.91
N LYS D 319 29.81 11.78 27.05
CA LYS D 319 28.68 11.38 26.23
C LYS D 319 28.03 12.59 25.56
N HIS D 320 27.81 12.49 24.25
CA HIS D 320 27.11 13.50 23.49
C HIS D 320 26.13 12.86 22.49
N GLU D 321 25.09 13.62 22.14
CA GLU D 321 24.15 13.26 21.09
C GLU D 321 24.79 13.53 19.74
N VAL D 322 24.48 12.69 18.73
CA VAL D 322 24.95 12.87 17.35
C VAL D 322 23.74 13.09 16.44
N PRO D 323 23.45 14.36 16.05
CA PRO D 323 22.28 14.65 15.24
C PRO D 323 22.52 14.31 13.78
N VAL D 324 21.40 14.18 13.05
CA VAL D 324 21.39 13.97 11.61
C VAL D 324 20.53 15.08 11.01
N ASP D 325 20.89 15.53 9.79
CA ASP D 325 20.10 16.52 9.08
C ASP D 325 18.65 16.05 8.98
N GLU D 326 17.69 16.90 9.37
CA GLU D 326 16.28 16.53 9.44
C GLU D 326 15.81 15.87 8.14
N ALA D 327 16.32 16.33 6.99
CA ALA D 327 15.93 15.79 5.69
C ALA D 327 16.49 14.40 5.46
N VAL D 328 17.81 14.26 5.65
CA VAL D 328 18.53 13.01 5.43
C VAL D 328 17.93 11.91 6.30
N LEU D 329 17.60 12.24 7.55
CA LEU D 329 17.05 11.30 8.52
C LEU D 329 15.64 10.87 8.09
N ALA D 330 14.86 11.83 7.59
CA ALA D 330 13.47 11.58 7.21
C ALA D 330 13.35 10.71 5.95
N ALA D 331 14.42 10.64 5.15
CA ALA D 331 14.39 9.98 3.85
C ALA D 331 14.57 8.46 3.99
N GLY D 332 15.02 8.00 5.17
CA GLY D 332 15.31 6.59 5.39
C GLY D 332 14.85 6.09 6.76
N ALA D 333 15.03 4.78 6.98
CA ALA D 333 14.80 4.15 8.28
C ALA D 333 16.11 3.59 8.82
N HIS D 334 17.24 4.03 8.24
CA HIS D 334 18.58 3.60 8.63
C HIS D 334 19.42 4.82 9.02
N HIS D 335 18.78 5.77 9.72
CA HIS D 335 19.42 6.90 10.40
C HIS D 335 20.40 7.67 9.52
N GLY D 336 19.99 7.98 8.28
CA GLY D 336 20.72 8.93 7.42
C GLY D 336 21.79 8.28 6.55
N SER D 337 21.98 6.96 6.72
CA SER D 337 23.09 6.25 6.09
C SER D 337 22.95 6.19 4.56
N THR D 338 21.70 6.08 4.07
CA THR D 338 21.45 5.81 2.67
C THR D 338 21.94 6.98 1.84
N TYR D 339 21.81 8.20 2.38
CA TYR D 339 22.25 9.40 1.69
C TYR D 339 23.76 9.36 1.42
N TYR D 340 24.53 9.01 2.44
CA TYR D 340 25.98 9.02 2.35
C TYR D 340 26.41 7.88 1.44
N GLU D 341 25.67 6.75 1.47
CA GLU D 341 25.95 5.64 0.58
C GLU D 341 25.90 6.13 -0.88
N HIS D 342 24.93 7.02 -1.15
CA HIS D 342 24.68 7.47 -2.50
C HIS D 342 25.72 8.52 -2.93
N LEU D 343 26.13 9.40 -1.99
CA LEU D 343 27.20 10.37 -2.28
C LEU D 343 28.45 9.62 -2.70
N GLY D 344 28.66 8.44 -2.12
CA GLY D 344 29.82 7.62 -2.39
C GLY D 344 29.73 6.85 -3.71
N TYR D 345 28.50 6.38 -4.02
CA TYR D 345 28.26 5.66 -5.27
C TYR D 345 28.44 6.61 -6.46
N ARG D 346 27.93 7.84 -6.29
CA ARG D 346 28.08 8.90 -7.27
C ARG D 346 29.56 9.09 -7.62
N LYS D 347 30.40 9.30 -6.60
CA LYS D 347 31.82 9.54 -6.78
C LYS D 347 32.50 8.35 -7.47
N ALA D 348 32.04 7.12 -7.23
CA ALA D 348 32.63 5.96 -7.88
C ALA D 348 32.21 5.93 -9.35
N ILE D 349 30.96 6.33 -9.61
CA ILE D 349 30.43 6.34 -10.96
C ILE D 349 31.25 7.33 -11.80
N LEU D 350 31.55 8.50 -11.21
CA LEU D 350 32.21 9.58 -11.91
C LEU D 350 33.73 9.34 -12.01
N GLY D 351 34.27 8.40 -11.21
CA GLY D 351 35.71 8.16 -11.16
C GLY D 351 36.43 9.04 -10.13
N GLU D 352 35.68 9.86 -9.37
CA GLU D 352 36.24 10.80 -8.41
C GLU D 352 36.32 10.19 -7.01
N GLY D 353 36.38 8.85 -6.90
CA GLY D 353 36.31 8.21 -5.60
C GLY D 353 36.30 6.68 -5.71
N PRO D 354 36.56 5.96 -4.60
CA PRO D 354 36.61 4.50 -4.62
C PRO D 354 35.32 3.79 -4.25
N VAL D 355 35.33 2.46 -4.46
CA VAL D 355 34.26 1.58 -4.04
C VAL D 355 34.50 1.19 -2.58
N ASP D 356 33.80 1.87 -1.66
CA ASP D 356 33.96 1.66 -0.23
C ASP D 356 33.56 0.25 0.17
N VAL D 357 32.56 -0.34 -0.49
CA VAL D 357 32.02 -1.60 -0.03
C VAL D 357 31.97 -2.59 -1.18
N THR D 358 32.99 -3.44 -1.29
CA THR D 358 33.18 -4.23 -2.50
C THR D 358 32.34 -5.50 -2.46
N VAL D 359 32.34 -6.19 -3.59
CA VAL D 359 31.84 -7.55 -3.72
C VAL D 359 32.54 -8.45 -2.71
N ALA D 360 33.85 -8.26 -2.57
CA ALA D 360 34.65 -9.05 -1.64
C ALA D 360 34.07 -8.90 -0.23
N ASP D 361 33.86 -7.65 0.19
CA ASP D 361 33.13 -7.32 1.41
C ASP D 361 31.82 -8.09 1.51
N GLY D 362 31.03 -8.09 0.43
CA GLY D 362 29.73 -8.72 0.43
C GLY D 362 29.84 -10.23 0.64
N LEU D 363 30.83 -10.83 -0.04
CA LEU D 363 31.03 -12.27 -0.04
C LEU D 363 31.48 -12.74 1.36
N GLN D 364 32.30 -11.94 2.03
CA GLN D 364 32.77 -12.31 3.37
C GLN D 364 31.60 -12.28 4.34
N SER D 365 30.81 -11.20 4.31
CA SER D 365 29.68 -11.02 5.21
C SER D 365 28.67 -12.15 5.03
N VAL D 366 28.47 -12.60 3.79
CA VAL D 366 27.54 -13.68 3.51
C VAL D 366 28.08 -15.01 4.03
N ARG D 367 29.36 -15.26 3.77
CA ARG D 367 30.01 -16.49 4.20
C ARG D 367 29.97 -16.60 5.72
N MET D 368 30.16 -15.46 6.40
CA MET D 368 30.09 -15.41 7.86
C MET D 368 28.68 -15.81 8.31
N GLY D 369 27.65 -15.15 7.74
CA GLY D 369 26.26 -15.43 8.08
C GLY D 369 25.87 -16.87 7.76
N LEU D 370 26.36 -17.42 6.64
CA LEU D 370 26.03 -18.79 6.28
C LEU D 370 26.64 -19.77 7.29
N ALA D 371 27.92 -19.53 7.64
CA ALA D 371 28.56 -20.32 8.68
C ALA D 371 27.72 -20.31 9.96
N ALA D 372 27.23 -19.12 10.33
CA ALA D 372 26.44 -18.94 11.53
C ALA D 372 25.11 -19.71 11.47
N GLU D 373 24.47 -19.71 10.29
CA GLU D 373 23.25 -20.47 10.08
C GLU D 373 23.54 -21.96 10.20
N GLN D 374 24.74 -22.36 9.77
CA GLN D 374 25.17 -23.74 9.80
C GLN D 374 25.42 -24.18 11.24
N SER D 375 26.00 -23.25 12.04
CA SER D 375 26.31 -23.49 13.43
C SER D 375 25.03 -23.69 14.23
N ILE D 376 23.98 -22.95 13.88
CA ILE D 376 22.73 -23.06 14.62
C ILE D 376 22.12 -24.45 14.43
N ILE D 377 22.44 -25.09 13.30
CA ILE D 377 21.76 -26.30 12.89
C ILE D 377 22.45 -27.51 13.50
N GLU D 378 23.79 -27.50 13.51
CA GLU D 378 24.60 -28.62 13.97
C GLU D 378 25.02 -28.51 15.45
N GLY D 379 24.70 -27.39 16.12
CA GLY D 379 25.10 -27.18 17.52
C GLY D 379 26.62 -27.17 17.74
N ARG D 380 27.38 -26.61 16.79
CA ARG D 380 28.82 -26.72 16.78
C ARG D 380 29.43 -25.53 16.06
N ALA D 381 30.67 -25.17 16.42
CA ALA D 381 31.35 -24.07 15.77
C ALA D 381 31.74 -24.50 14.37
N VAL D 382 32.03 -23.50 13.54
CA VAL D 382 32.31 -23.70 12.14
C VAL D 382 33.55 -22.87 11.80
N GLU D 383 34.49 -23.48 11.08
CA GLU D 383 35.72 -22.81 10.66
C GLU D 383 35.44 -22.03 9.38
N LEU D 384 36.31 -21.04 9.11
CA LEU D 384 36.33 -20.27 7.87
C LEU D 384 37.78 -20.21 7.36
N HIS D 385 37.95 -19.68 6.14
CA HIS D 385 39.26 -19.56 5.53
C HIS D 385 39.52 -18.08 5.23
P PO4 E . -5.13 -14.90 -9.63
O1 PO4 E . -6.27 -15.95 -9.38
O2 PO4 E . -4.40 -15.19 -10.99
O3 PO4 E . -5.75 -13.48 -9.57
O4 PO4 E . -4.06 -14.98 -8.53
PA NAD F . -8.47 -5.87 -1.90
O1A NAD F . -7.86 -6.92 -2.76
O2A NAD F . -7.69 -4.66 -1.51
O5B NAD F . -9.01 -6.58 -0.57
C5B NAD F . -9.50 -7.96 -0.71
C4B NAD F . -9.00 -8.74 0.50
O4B NAD F . -9.73 -9.98 0.66
C3B NAD F . -7.50 -9.11 0.44
O3B NAD F . -6.83 -8.71 1.62
C2B NAD F . -7.53 -10.63 0.32
O2B NAD F . -6.45 -11.29 0.92
C1B NAD F . -8.80 -10.95 1.10
N9A NAD F . -9.29 -12.28 0.81
C8A NAD F . -8.92 -13.05 -0.26
N7A NAD F . -9.49 -14.22 -0.30
C5A NAD F . -10.25 -14.24 0.86
C6A NAD F . -11.09 -15.24 1.38
N6A NAD F . -11.27 -16.42 0.80
N1A NAD F . -11.72 -14.96 2.56
C2A NAD F . -11.52 -13.75 3.12
N3A NAD F . -10.75 -12.74 2.72
C4A NAD F . -10.15 -13.04 1.56
O3 NAD F . -9.89 -5.50 -2.57
PN NAD F . -11.09 -4.50 -2.17
O1N NAD F . -10.88 -3.29 -3.00
O2N NAD F . -11.03 -4.33 -0.69
O5D NAD F . -12.45 -5.23 -2.57
C5D NAD F . -12.97 -6.33 -1.80
C4D NAD F . -14.48 -6.35 -1.98
O4D NAD F . -14.99 -4.99 -1.82
C3D NAD F . -15.02 -6.82 -3.35
O3D NAD F . -16.31 -7.45 -3.29
C2D NAD F . -15.19 -5.51 -4.12
O2D NAD F . -16.14 -5.58 -5.17
C1D NAD F . -15.74 -4.63 -2.99
N1N NAD F . -15.63 -3.19 -3.21
C2N NAD F . -16.74 -2.40 -3.04
C3N NAD F . -16.68 -1.03 -3.25
C7N NAD F . -17.94 -0.24 -3.03
O7N NAD F . -17.95 0.99 -3.27
N7N NAD F . -19.01 -0.89 -2.58
C4N NAD F . -15.47 -0.46 -3.61
C5N NAD F . -14.34 -1.24 -3.73
C6N NAD F . -14.43 -2.62 -3.57
P PO4 G . -20.67 15.16 -55.40
O1 PO4 G . -21.08 14.63 -56.78
O2 PO4 G . -19.40 14.40 -54.97
O3 PO4 G . -21.86 14.93 -54.35
O4 PO4 G . -20.34 16.69 -55.52
P PO4 H . -55.58 8.55 -25.99
O1 PO4 H . -55.43 8.23 -27.47
O2 PO4 H . -54.44 7.91 -25.21
O3 PO4 H . -56.92 7.99 -25.46
O4 PO4 H . -55.57 10.10 -25.80
P PO4 I . -50.21 5.64 -32.64
O1 PO4 I . -49.16 5.19 -33.73
O2 PO4 I . -49.80 5.09 -31.28
O3 PO4 I . -51.60 5.08 -32.97
O4 PO4 I . -50.27 7.21 -32.58
PA NAD J . -42.05 23.58 -43.56
O1A NAD J . -43.29 22.75 -43.49
O2A NAD J . -42.01 24.85 -42.77
O5B NAD J . -41.70 23.91 -45.09
C5B NAD J . -41.73 22.96 -46.19
C4B NAD J . -42.41 23.61 -47.38
O4B NAD J . -42.33 22.70 -48.50
C3B NAD J . -43.90 23.99 -47.24
O3B NAD J . -44.15 25.35 -47.56
C2B NAD J . -44.59 23.06 -48.23
O2B NAD J . -45.72 23.59 -48.90
C1B NAD J . -43.49 22.90 -49.27
N9A NAD J . -43.65 21.77 -50.17
C8A NAD J . -44.51 20.71 -50.03
N7A NAD J . -44.42 19.86 -51.02
C5A NAD J . -43.49 20.43 -51.88
C6A NAD J . -42.97 20.00 -53.11
N6A NAD J . -43.35 18.86 -53.67
N1A NAD J . -42.05 20.80 -53.72
C2A NAD J . -41.67 21.92 -53.10
N3A NAD J . -42.10 22.42 -51.95
C4A NAD J . -43.00 21.60 -51.37
O3 NAD J . -40.76 22.66 -43.29
PN NAD J . -39.23 22.92 -42.91
O1N NAD J . -39.16 23.04 -41.43
O2N NAD J . -38.57 24.00 -43.71
O5D NAD J . -38.62 21.51 -43.35
C5D NAD J . -38.33 21.30 -44.73
C4D NAD J . -36.95 20.70 -44.87
O4D NAD J . -35.96 21.42 -44.11
C3D NAD J . -36.81 19.23 -44.43
O3D NAD J . -35.97 18.59 -45.37
C2D NAD J . -36.08 19.31 -43.07
O2D NAD J . -35.26 18.19 -42.74
C1D NAD J . -35.17 20.49 -43.38
N1N NAD J . -34.68 21.14 -42.18
C2N NAD J . -33.33 21.16 -41.94
C3N NAD J . -32.84 21.77 -40.78
C7N NAD J . -31.35 21.77 -40.62
O7N NAD J . -30.83 22.10 -39.54
N7N NAD J . -30.63 21.56 -41.70
C4N NAD J . -33.73 22.40 -39.90
C5N NAD J . -35.09 22.39 -40.18
C6N NAD J . -35.56 21.75 -41.30
P PO4 K . 22.47 -27.32 52.26
O1 PO4 K . 21.83 -28.53 51.52
O2 PO4 K . 23.75 -26.85 51.49
O3 PO4 K . 21.47 -26.16 52.31
O4 PO4 K . 22.80 -27.75 53.70
PA NAD L . 43.30 -12.30 49.73
O1A NAD L . 44.59 -12.05 49.02
O2A NAD L . 42.82 -11.21 50.62
O5B NAD L . 43.43 -13.73 50.48
C5B NAD L . 42.71 -14.16 51.67
C4B NAD L . 43.66 -14.71 52.73
O4B NAD L . 43.73 -16.16 52.63
C3B NAD L . 45.13 -14.26 52.78
O3B NAD L . 45.34 -13.47 53.96
C2B NAD L . 45.94 -15.56 52.84
O2B NAD L . 47.04 -15.64 53.73
C1B NAD L . 44.88 -16.51 53.37
N9A NAD L . 45.18 -17.93 53.21
C8A NAD L . 46.11 -18.50 52.38
N7A NAD L . 46.13 -19.81 52.45
C5A NAD L . 45.19 -20.10 53.41
C6A NAD L . 44.78 -21.32 53.98
N6A NAD L . 45.29 -22.50 53.59
N1A NAD L . 43.83 -21.27 54.94
C2A NAD L . 43.33 -20.08 55.30
N3A NAD L . 43.65 -18.86 54.85
C4A NAD L . 44.60 -18.95 53.90
O3 NAD L . 42.08 -12.57 48.72
PN NAD L . 40.49 -12.41 48.78
O1N NAD L . 40.18 -11.40 47.72
O2N NAD L . 40.01 -12.14 50.15
O5D NAD L . 40.01 -13.88 48.32
C5D NAD L . 39.44 -14.82 49.28
C4D NAD L . 38.16 -15.45 48.77
O4D NAD L . 37.10 -14.47 48.68
C3D NAD L . 38.20 -16.14 47.39
O3D NAD L . 37.44 -17.33 47.43
C2D NAD L . 37.48 -15.15 46.47
O2D NAD L . 36.80 -15.76 45.39
C1D NAD L . 36.42 -14.65 47.44
N1N NAD L . 35.80 -13.37 47.01
C2N NAD L . 34.43 -13.29 46.88
C3N NAD L . 33.85 -12.10 46.46
C7N NAD L . 32.36 -12.03 46.34
O7N NAD L . 31.84 -11.10 45.72
N7N NAD L . 31.63 -12.96 46.97
C4N NAD L . 34.64 -10.99 46.15
C5N NAD L . 36.03 -11.08 46.28
C6N NAD L . 36.60 -12.28 46.72
P PO4 M . 7.17 -17.75 -2.08
O1 PO4 M . 6.46 -18.98 -1.38
O2 PO4 M . 8.33 -18.26 -2.99
O3 PO4 M . 6.12 -17.01 -2.89
O4 PO4 M . 7.74 -16.75 -1.06
PA NAD N . 10.23 -5.57 -1.28
O1A NAD N . 9.62 -6.94 -1.35
O2A NAD N . 9.43 -4.42 -0.81
O5B NAD N . 10.84 -5.17 -2.70
C5B NAD N . 11.28 -6.21 -3.62
C4B NAD N . 10.73 -5.94 -4.99
O4B NAD N . 11.44 -6.77 -5.96
C3B NAD N . 9.24 -6.28 -5.20
O3B NAD N . 8.56 -5.17 -5.78
C2B NAD N . 9.25 -7.48 -6.16
O2B NAD N . 8.15 -7.50 -7.03
C1B NAD N . 10.53 -7.22 -6.93
N9A NAD N . 11.10 -8.38 -7.60
C8A NAD N . 10.88 -9.71 -7.34
N7A NAD N . 11.53 -10.51 -8.15
C5A NAD N . 12.20 -9.64 -9.01
C6A NAD N . 13.06 -9.88 -10.10
N6A NAD N . 13.40 -11.10 -10.53
N1A NAD N . 13.58 -8.79 -10.73
C2A NAD N . 13.24 -7.56 -10.29
N3A NAD N . 12.42 -7.23 -9.29
C4A NAD N . 11.95 -8.33 -8.68
O3 NAD N . 11.56 -5.78 -0.36
PN NAD N . 12.68 -4.69 0.01
O1N NAD N . 12.54 -4.33 1.44
O2N NAD N . 12.51 -3.59 -1.00
O5D NAD N . 14.04 -5.45 -0.23
C5D NAD N . 14.67 -5.41 -1.52
C4D NAD N . 16.16 -5.55 -1.29
O4D NAD N . 16.56 -4.53 -0.35
C3D NAD N . 16.65 -6.88 -0.70
O3D NAD N . 17.93 -7.27 -1.20
C2D NAD N . 16.70 -6.58 0.79
O2D NAD N . 17.59 -7.42 1.51
C1D NAD N . 17.27 -5.15 0.71
N1N NAD N . 17.09 -4.30 1.89
C2N NAD N . 18.16 -3.53 2.31
C3N NAD N . 18.00 -2.69 3.40
C7N NAD N . 19.21 -1.92 3.86
O7N NAD N . 20.24 -1.97 3.15
N7N NAD N . 19.14 -1.30 5.03
C4N NAD N . 16.77 -2.57 4.02
C5N NAD N . 15.69 -3.31 3.56
C6N NAD N . 15.87 -4.18 2.50
#